data_5JSE
#
_entry.id   5JSE
#
_cell.length_a   135.519
_cell.length_b   78.139
_cell.length_c   248.405
_cell.angle_alpha   90.00
_cell.angle_beta   100.47
_cell.angle_gamma   90.00
#
_symmetry.space_group_name_H-M   'C 1 2 1'
#
loop_
_entity.id
_entity.type
_entity.pdbx_description
1 polymer 'phiAB6 tailspike'
2 branched 'beta-D-galactopyranose-(1-3)-2-amino-2-deoxy-beta-D-galactopyranose-(1-3)-[5,7-bisacetamido-3,5,7,9-tetradeoxy-L-glycero-alpha-L-manno-non-2-ulopyranosonic acid-(2-6)-beta-D-glucopyranose-(1-6)]beta-D-galactopyranose-(1-3)-2-amino-2-deoxy-beta-D-galactopyranose-(1-3)-[beta-D-glucopyranose-(1-6)]beta-D-galactopyranose'
3 non-polymer 'MALONIC ACID'
4 non-polymer 'ACETIC ACID'
5 water water
#
_entity_poly.entity_id   1
_entity_poly.type   'polypeptide(L)'
_entity_poly.pdbx_seq_one_letter_code
;MGSSHHHHHHSSGLVPRGSHMNILRSFTETVVTTPTDIFPISFEYDEKYDAVHVFLNDVAVEDLGYTVSQVNAVTLKIEP
AIPDGTVRIERETDIDKMKYIFDAGALFIDQNVDADFRQIVHSQQEVRDGFIKLRGDVLPLVHGLQEALQQAQEASEAAQ
EAANAAEVAASQTQYYLKYFNPEIVYPKNARIMLDNGDIVRSTVVNNTSNPNVDMTGWVKVSSVSQIFDETYNITQSVIN
GNLITVDNFGAKGDGVTDDSAAFQAYCDSALTGQNLYLGAKGRYILKNQVDLKGKGLVGNGCGKVSEFYYNLGCIDVDGS
SPDLQGKTAFINCGPTIQNLTARCSNGAGKQVSFIEIDGYLANIDHITLINFYNQIVVKQALVGFNFTNAWLYYSQNAGI
YCEDPLNRVSTTGTFHNIYFQLGDGHAMIFDRDVHGCDFDNIIFESMNGGIKARTVAHCGFGKFWCENLKTATSKDWLEV
TGANSCYGNSFTGYVKLLGGWTSKTSPTLDSLPTNNYGGVSVSAEGISIVNAGNKAKMLMLPSGFKTGNATIDETHISSS
TVTPLVKRRVIGADSSGAQYLASDTYTKLSRKWGTYNHGSNNAGAFYAPMMLTYDQSFSTPQNNNGWKIVKESTGVYRVE
RVSGNTSVITNGHIVVGSPLMGSRLGTGTGATHGIQMIETYAGSWTSYTEAAGFKVFWRDSSNALVDPHRFTVAFTATS
;
_entity_poly.pdbx_strand_id   A,B,C
#
# COMPACT_ATOMS: atom_id res chain seq x y z
N GLN A 172 49.21 -67.13 -1.32
CA GLN A 172 49.16 -67.45 -2.77
C GLN A 172 49.50 -66.23 -3.61
N THR A 173 50.19 -66.48 -4.72
CA THR A 173 50.60 -65.44 -5.67
C THR A 173 49.51 -65.11 -6.71
N GLN A 174 48.29 -65.59 -6.52
CA GLN A 174 47.20 -65.43 -7.49
C GLN A 174 46.16 -64.38 -7.06
N TYR A 175 46.43 -63.68 -5.97
CA TYR A 175 45.62 -62.55 -5.55
C TYR A 175 46.51 -61.63 -4.71
N TYR A 176 46.01 -60.43 -4.45
CA TYR A 176 46.74 -59.45 -3.67
C TYR A 176 46.15 -59.33 -2.27
N LEU A 177 46.99 -59.61 -1.28
CA LEU A 177 46.65 -59.53 0.15
C LEU A 177 47.93 -59.74 0.96
N LYS A 178 48.34 -58.71 1.70
CA LYS A 178 49.48 -58.84 2.63
C LYS A 178 49.13 -58.07 3.88
N TYR A 179 49.22 -58.74 5.03
CA TYR A 179 49.01 -58.09 6.32
C TYR A 179 50.35 -57.63 6.89
N PHE A 180 50.30 -56.79 7.91
CA PHE A 180 51.51 -56.29 8.58
C PHE A 180 52.33 -57.44 9.13
N ASN A 181 53.64 -57.36 8.95
CA ASN A 181 54.58 -58.36 9.45
C ASN A 181 55.68 -57.61 10.19
N PRO A 182 55.84 -57.86 11.50
CA PRO A 182 56.84 -57.11 12.27
C PRO A 182 58.31 -57.31 11.83
N GLU A 183 58.60 -58.36 11.06
CA GLU A 183 59.96 -58.60 10.53
C GLU A 183 60.34 -57.75 9.32
N ILE A 184 59.39 -57.01 8.77
CA ILE A 184 59.58 -56.34 7.48
C ILE A 184 59.83 -54.85 7.69
N VAL A 185 60.66 -54.29 6.83
CA VAL A 185 60.88 -52.84 6.77
C VAL A 185 60.17 -52.35 5.52
N TYR A 186 59.17 -51.52 5.69
CA TYR A 186 58.34 -51.06 4.58
C TYR A 186 58.90 -49.76 4.00
N PRO A 187 59.26 -49.76 2.71
CA PRO A 187 59.72 -48.50 2.11
C PRO A 187 58.58 -47.50 1.91
N LYS A 188 58.95 -46.26 1.64
CA LYS A 188 57.98 -45.23 1.31
C LYS A 188 57.14 -45.71 0.13
N ASN A 189 55.84 -45.45 0.20
CA ASN A 189 54.86 -45.85 -0.85
C ASN A 189 54.46 -47.33 -0.87
N ALA A 190 55.05 -48.16 -0.02
CA ALA A 190 54.64 -49.54 0.09
C ALA A 190 53.19 -49.62 0.56
N ARG A 191 52.46 -50.58 0.00
CA ARG A 191 51.08 -50.82 0.39
C ARG A 191 50.88 -52.21 0.99
N ILE A 192 50.13 -52.25 2.10
CA ILE A 192 49.70 -53.48 2.73
C ILE A 192 48.27 -53.29 3.21
N MET A 193 47.67 -54.35 3.74
CA MET A 193 46.34 -54.32 4.29
C MET A 193 46.37 -54.30 5.81
N LEU A 194 45.55 -53.42 6.40
CA LEU A 194 45.16 -53.53 7.80
C LEU A 194 44.42 -54.86 8.00
N ASP A 195 44.34 -55.29 9.26
CA ASP A 195 43.68 -56.55 9.60
C ASP A 195 42.19 -56.57 9.16
N ASN A 196 41.57 -55.39 9.08
CA ASN A 196 40.20 -55.28 8.54
C ASN A 196 40.10 -55.29 7.01
N GLY A 197 41.23 -55.44 6.32
CA GLY A 197 41.27 -55.47 4.86
C GLY A 197 41.50 -54.17 4.14
N ASP A 198 41.40 -53.03 4.83
CA ASP A 198 41.61 -51.73 4.19
C ASP A 198 43.11 -51.53 3.89
N ILE A 199 43.40 -50.96 2.72
CA ILE A 199 44.77 -50.78 2.29
C ILE A 199 45.34 -49.50 2.91
N VAL A 200 46.58 -49.60 3.38
CA VAL A 200 47.34 -48.43 3.82
C VAL A 200 48.64 -48.30 3.04
N ARG A 201 49.11 -47.07 2.92
CA ARG A 201 50.30 -46.73 2.16
C ARG A 201 51.30 -46.05 3.09
N SER A 202 52.55 -46.48 3.05
CA SER A 202 53.58 -45.87 3.90
C SER A 202 53.96 -44.49 3.34
N THR A 203 53.98 -43.49 4.21
CA THR A 203 54.39 -42.15 3.82
C THR A 203 55.82 -41.83 4.24
N VAL A 204 56.51 -42.80 4.83
CA VAL A 204 57.88 -42.60 5.31
C VAL A 204 58.79 -43.73 4.89
N VAL A 205 60.08 -43.44 4.76
CA VAL A 205 61.10 -44.47 4.52
C VAL A 205 61.28 -45.31 5.80
N ASN A 206 61.75 -46.53 5.65
CA ASN A 206 62.11 -47.38 6.78
C ASN A 206 60.98 -47.54 7.80
N ASN A 207 59.76 -47.78 7.32
CA ASN A 207 58.62 -47.86 8.19
C ASN A 207 58.53 -49.23 8.84
N THR A 208 58.57 -49.26 10.19
CA THR A 208 58.44 -50.49 10.97
C THR A 208 57.32 -50.40 12.00
N SER A 209 56.45 -49.39 11.89
CA SER A 209 55.33 -49.22 12.80
C SER A 209 54.12 -49.99 12.29
N ASN A 210 53.40 -50.64 13.20
CA ASN A 210 52.23 -51.42 12.86
C ASN A 210 51.04 -50.48 12.66
N PRO A 211 50.53 -50.39 11.42
CA PRO A 211 49.42 -49.45 11.16
C PRO A 211 48.10 -49.81 11.86
N ASN A 212 47.95 -51.06 12.29
CA ASN A 212 46.76 -51.49 13.04
C ASN A 212 46.65 -50.88 14.44
N VAL A 213 47.78 -50.49 15.01
CA VAL A 213 47.80 -49.81 16.31
C VAL A 213 48.28 -48.36 16.24
N ASP A 214 49.04 -48.00 15.20
CA ASP A 214 49.69 -46.70 15.11
C ASP A 214 49.77 -46.25 13.65
N MET A 215 48.91 -45.31 13.27
CA MET A 215 48.85 -44.82 11.88
C MET A 215 49.87 -43.74 11.53
N THR A 216 50.75 -43.38 12.46
CA THR A 216 51.87 -42.51 12.13
C THR A 216 52.71 -43.18 11.03
N GLY A 217 52.98 -42.41 9.98
CA GLY A 217 53.74 -42.89 8.86
C GLY A 217 52.94 -43.69 7.84
N TRP A 218 51.62 -43.75 7.99
CA TRP A 218 50.73 -44.47 7.08
C TRP A 218 49.51 -43.60 6.73
N VAL A 219 48.93 -43.83 5.55
CA VAL A 219 47.63 -43.24 5.20
C VAL A 219 46.72 -44.30 4.61
N LYS A 220 45.42 -44.18 4.86
CA LYS A 220 44.44 -45.09 4.27
C LYS A 220 44.15 -44.62 2.84
N VAL A 221 44.34 -45.51 1.88
CA VAL A 221 44.21 -45.14 0.47
C VAL A 221 42.75 -44.92 0.02
N SER A 222 41.79 -45.52 0.73
CA SER A 222 40.38 -45.33 0.42
C SER A 222 39.74 -44.09 1.11
N SER A 223 40.55 -43.25 1.76
CA SER A 223 40.08 -41.98 2.33
C SER A 223 39.98 -40.91 1.27
N VAL A 224 38.96 -40.05 1.38
CA VAL A 224 38.81 -38.95 0.44
C VAL A 224 39.93 -37.91 0.50
N SER A 225 40.70 -37.89 1.58
CA SER A 225 41.93 -37.08 1.62
C SER A 225 43.03 -37.60 0.69
N GLN A 226 42.86 -38.81 0.16
CA GLN A 226 43.82 -39.43 -0.76
C GLN A 226 43.26 -39.57 -2.17
N ILE A 227 42.09 -38.99 -2.42
CA ILE A 227 41.42 -39.05 -3.72
C ILE A 227 41.41 -37.64 -4.25
N PHE A 228 41.69 -37.47 -5.54
CA PHE A 228 41.91 -36.16 -6.14
C PHE A 228 41.00 -35.88 -7.33
N ASP A 229 40.53 -34.64 -7.44
CA ASP A 229 39.83 -34.21 -8.65
C ASP A 229 40.87 -33.44 -9.45
N GLU A 230 41.35 -34.06 -10.53
CA GLU A 230 42.41 -33.49 -11.37
C GLU A 230 41.99 -32.19 -12.07
N THR A 231 40.69 -31.99 -12.26
CA THR A 231 40.18 -30.74 -12.80
C THR A 231 40.62 -29.53 -11.96
N TYR A 232 40.63 -29.68 -10.63
CA TYR A 232 41.00 -28.60 -9.71
C TYR A 232 42.33 -28.79 -8.99
N ASN A 233 42.91 -29.99 -9.09
CA ASN A 233 44.08 -30.38 -8.31
C ASN A 233 43.85 -30.21 -6.81
N ILE A 234 42.71 -30.72 -6.33
CA ILE A 234 42.42 -30.73 -4.90
C ILE A 234 41.83 -32.07 -4.53
N THR A 235 41.81 -32.35 -3.25
CA THR A 235 41.25 -33.61 -2.76
C THR A 235 39.73 -33.58 -2.74
N GLN A 236 39.13 -34.75 -2.78
CA GLN A 236 37.70 -34.89 -2.56
C GLN A 236 37.30 -34.37 -1.16
N SER A 237 38.21 -34.52 -0.21
CA SER A 237 38.00 -33.99 1.14
C SER A 237 37.61 -32.49 1.12
N VAL A 238 38.34 -31.71 0.32
CA VAL A 238 38.05 -30.28 0.17
C VAL A 238 36.69 -30.07 -0.50
N ILE A 239 36.43 -30.82 -1.58
CA ILE A 239 35.15 -30.70 -2.28
C ILE A 239 33.99 -31.00 -1.34
N ASN A 240 34.19 -31.95 -0.42
CA ASN A 240 33.16 -32.31 0.56
C ASN A 240 32.87 -31.23 1.62
N GLY A 241 33.63 -30.14 1.61
CA GLY A 241 33.31 -28.97 2.42
C GLY A 241 32.33 -28.00 1.76
N ASN A 242 31.96 -28.25 0.51
CA ASN A 242 31.08 -27.32 -0.21
C ASN A 242 29.68 -27.27 0.39
N LEU A 243 29.14 -28.43 0.75
CA LEU A 243 27.79 -28.55 1.32
C LEU A 243 27.80 -29.66 2.34
N ILE A 244 27.44 -29.32 3.58
CA ILE A 244 27.40 -30.28 4.68
C ILE A 244 25.94 -30.30 5.16
N THR A 245 25.41 -31.50 5.38
CA THR A 245 24.05 -31.65 5.90
C THR A 245 24.02 -32.56 7.11
N VAL A 246 22.83 -32.71 7.69
CA VAL A 246 22.63 -33.68 8.76
C VAL A 246 22.98 -35.12 8.36
N ASP A 247 22.87 -35.46 7.07
CA ASP A 247 23.31 -36.77 6.57
C ASP A 247 24.80 -37.05 6.85
N ASN A 248 25.63 -36.02 6.86
CA ASN A 248 27.04 -36.15 7.23
C ASN A 248 27.26 -36.64 8.65
N PHE A 249 26.28 -36.44 9.51
CA PHE A 249 26.35 -36.81 10.91
C PHE A 249 25.50 -38.04 11.25
N GLY A 250 25.09 -38.79 10.22
CA GLY A 250 24.37 -40.04 10.41
C GLY A 250 22.86 -40.01 10.39
N ALA A 251 22.25 -38.88 9.97
CA ALA A 251 20.80 -38.83 9.86
C ALA A 251 20.36 -39.73 8.73
N LYS A 252 19.28 -40.47 8.96
CA LYS A 252 18.74 -41.42 7.98
C LYS A 252 17.66 -40.86 7.08
N GLY A 253 16.80 -39.99 7.63
CA GLY A 253 15.69 -39.42 6.86
C GLY A 253 14.80 -40.50 6.26
N ASP A 254 14.52 -41.52 7.07
CA ASP A 254 13.86 -42.74 6.59
C ASP A 254 12.44 -42.88 7.10
N GLY A 255 11.92 -41.86 7.76
CA GLY A 255 10.58 -41.89 8.30
C GLY A 255 10.35 -42.75 9.53
N VAL A 256 11.42 -43.32 10.09
CA VAL A 256 11.34 -44.25 11.24
C VAL A 256 12.39 -43.94 12.32
N THR A 257 13.66 -43.89 11.94
CA THR A 257 14.77 -43.72 12.88
C THR A 257 14.80 -42.30 13.47
N ASP A 258 14.99 -42.20 14.78
CA ASP A 258 15.21 -40.92 15.43
C ASP A 258 16.54 -40.32 14.96
N ASP A 259 16.48 -39.15 14.34
CA ASP A 259 17.67 -38.45 13.85
C ASP A 259 18.11 -37.31 14.77
N SER A 260 17.48 -37.18 15.93
CA SER A 260 17.77 -36.03 16.80
C SER A 260 19.24 -35.94 17.20
N ALA A 261 19.88 -37.08 17.49
CA ALA A 261 21.30 -37.06 17.86
C ALA A 261 22.18 -36.56 16.72
N ALA A 262 21.86 -36.96 15.49
CA ALA A 262 22.59 -36.48 14.30
C ALA A 262 22.42 -34.96 14.07
N PHE A 263 21.20 -34.47 14.28
CA PHE A 263 20.94 -33.02 14.19
C PHE A 263 21.74 -32.27 15.25
N GLN A 264 21.79 -32.81 16.47
CA GLN A 264 22.56 -32.18 17.53
C GLN A 264 24.05 -32.18 17.24
N ALA A 265 24.56 -33.30 16.73
CA ALA A 265 25.97 -33.39 16.37
C ALA A 265 26.34 -32.39 15.29
N TYR A 266 25.43 -32.19 14.32
CA TYR A 266 25.65 -31.15 13.29
C TYR A 266 25.81 -29.77 13.95
N CYS A 267 24.91 -29.42 14.85
CA CYS A 267 24.95 -28.13 15.50
C CYS A 267 26.13 -27.97 16.46
N ASP A 268 26.63 -29.07 17.01
CA ASP A 268 27.82 -29.05 17.90
C ASP A 268 29.14 -29.08 17.13
N SER A 269 29.11 -29.36 15.83
CA SER A 269 30.32 -29.57 15.04
C SER A 269 31.07 -28.28 14.76
N ALA A 270 32.40 -28.38 14.75
CA ALA A 270 33.26 -27.27 14.33
C ALA A 270 33.28 -27.08 12.81
N LEU A 271 32.70 -28.00 12.04
CA LEU A 271 32.82 -27.96 10.59
C LEU A 271 31.67 -27.26 9.90
N THR A 272 30.57 -27.03 10.62
CA THR A 272 29.34 -26.56 9.99
C THR A 272 29.19 -25.04 10.05
N GLY A 273 28.45 -24.50 9.07
CA GLY A 273 28.31 -23.05 8.90
C GLY A 273 27.13 -22.45 9.64
N GLN A 274 26.63 -21.33 9.12
CA GLN A 274 25.55 -20.58 9.76
C GLN A 274 24.26 -21.37 9.95
N ASN A 275 23.93 -22.22 8.98
CA ASN A 275 22.67 -22.93 8.95
C ASN A 275 22.82 -24.45 9.01
N LEU A 276 21.80 -25.10 9.54
CA LEU A 276 21.61 -26.53 9.41
C LEU A 276 20.88 -26.84 8.11
N TYR A 277 21.38 -27.82 7.37
CA TYR A 277 20.82 -28.24 6.09
C TYR A 277 20.35 -29.68 6.16
N LEU A 278 19.25 -29.98 5.49
CA LEU A 278 18.82 -31.35 5.25
C LEU A 278 19.44 -31.87 3.95
N GLY A 279 19.55 -33.20 3.83
CA GLY A 279 19.98 -33.84 2.60
C GLY A 279 18.89 -33.73 1.53
N ALA A 280 19.19 -34.21 0.32
CA ALA A 280 18.30 -34.04 -0.83
C ALA A 280 16.91 -34.63 -0.62
N LYS A 281 16.86 -35.86 -0.12
CA LYS A 281 15.60 -36.55 0.12
C LYS A 281 15.58 -37.09 1.54
N GLY A 282 14.48 -36.87 2.25
CA GLY A 282 14.33 -37.46 3.56
C GLY A 282 13.17 -36.96 4.35
N ARG A 283 12.55 -37.89 5.08
CA ARG A 283 11.56 -37.60 6.10
C ARG A 283 12.29 -37.82 7.44
N TYR A 284 12.77 -36.74 8.03
CA TYR A 284 13.61 -36.81 9.21
C TYR A 284 12.79 -36.82 10.50
N ILE A 285 12.81 -37.96 11.19
CA ILE A 285 12.08 -38.12 12.45
C ILE A 285 12.90 -37.52 13.58
N LEU A 286 12.25 -36.71 14.41
CA LEU A 286 12.88 -36.19 15.62
C LEU A 286 12.03 -36.58 16.81
N LYS A 287 12.66 -37.24 17.79
CA LYS A 287 11.97 -37.66 19.04
C LYS A 287 12.49 -36.94 20.28
N ASN A 288 13.52 -36.13 20.11
CA ASN A 288 14.06 -35.31 21.18
C ASN A 288 14.30 -33.90 20.70
N GLN A 289 14.29 -32.97 21.65
CA GLN A 289 14.54 -31.56 21.37
C GLN A 289 15.96 -31.38 20.81
N VAL A 290 16.08 -30.52 19.82
CA VAL A 290 17.37 -30.16 19.24
C VAL A 290 17.69 -28.71 19.61
N ASP A 291 18.88 -28.48 20.11
CA ASP A 291 19.38 -27.15 20.39
C ASP A 291 20.20 -26.73 19.17
N LEU A 292 19.67 -25.78 18.40
CA LEU A 292 20.31 -25.33 17.17
C LEU A 292 21.61 -24.54 17.41
N LYS A 293 21.84 -24.10 18.66
CA LYS A 293 23.10 -23.41 19.03
C LYS A 293 23.34 -22.16 18.17
N GLY A 294 22.26 -21.45 17.86
CA GLY A 294 22.37 -20.26 17.04
C GLY A 294 22.39 -20.49 15.54
N LYS A 295 22.32 -21.74 15.09
CA LYS A 295 22.27 -21.99 13.65
C LYS A 295 20.84 -21.81 13.15
N GLY A 296 20.71 -21.25 11.97
CA GLY A 296 19.43 -21.21 11.30
C GLY A 296 19.09 -22.56 10.70
N LEU A 297 17.95 -22.62 10.04
CA LEU A 297 17.41 -23.88 9.55
C LEU A 297 17.03 -23.75 8.08
N VAL A 298 17.66 -24.54 7.23
CA VAL A 298 17.36 -24.58 5.80
C VAL A 298 16.94 -26.00 5.45
N GLY A 299 15.71 -26.17 4.96
CA GLY A 299 15.19 -27.49 4.64
C GLY A 299 15.51 -27.92 3.22
N ASN A 300 14.79 -28.92 2.75
CA ASN A 300 14.96 -29.45 1.40
C ASN A 300 13.70 -29.28 0.54
N GLY A 301 12.96 -28.20 0.81
CA GLY A 301 11.82 -27.84 0.00
C GLY A 301 10.65 -27.34 0.82
N CYS A 302 9.90 -26.43 0.22
CA CYS A 302 8.68 -25.92 0.79
C CYS A 302 7.55 -26.59 0.01
N GLY A 303 6.96 -27.61 0.60
CA GLY A 303 6.00 -28.46 -0.08
C GLY A 303 4.56 -28.09 0.21
N LYS A 304 3.64 -28.74 -0.51
CA LYS A 304 2.23 -28.63 -0.17
C LYS A 304 1.96 -29.47 1.08
N VAL A 305 0.74 -29.36 1.59
CA VAL A 305 0.33 -30.03 2.82
C VAL A 305 -0.22 -31.40 2.47
N SER A 306 0.69 -32.32 2.17
CA SER A 306 0.32 -33.69 1.83
C SER A 306 1.48 -34.68 2.03
N GLU A 307 1.12 -35.94 2.20
CA GLU A 307 2.09 -37.02 2.42
C GLU A 307 3.10 -37.12 1.29
N PHE A 308 2.67 -36.80 0.07
CA PHE A 308 3.55 -36.82 -1.09
C PHE A 308 4.81 -36.01 -0.83
N TYR A 309 4.64 -34.79 -0.32
CA TYR A 309 5.77 -33.89 -0.03
C TYR A 309 6.50 -34.28 1.26
N TYR A 310 5.78 -34.75 2.27
CA TYR A 310 6.44 -35.16 3.53
C TYR A 310 7.42 -36.31 3.27
N ASN A 311 7.04 -37.22 2.39
CA ASN A 311 7.88 -38.36 2.05
C ASN A 311 9.12 -37.99 1.26
N LEU A 312 9.05 -36.91 0.48
CA LEU A 312 10.18 -36.44 -0.30
C LEU A 312 11.14 -35.59 0.53
N GLY A 313 10.61 -34.76 1.41
CA GLY A 313 11.46 -33.87 2.20
C GLY A 313 10.73 -33.11 3.27
N CYS A 314 11.02 -33.46 4.52
CA CYS A 314 10.48 -32.71 5.66
C CYS A 314 11.17 -33.09 6.94
N ILE A 315 10.95 -32.26 7.94
CA ILE A 315 11.21 -32.62 9.32
C ILE A 315 9.89 -33.09 9.92
N ASP A 316 9.90 -34.24 10.58
CA ASP A 316 8.70 -34.85 11.14
C ASP A 316 8.93 -35.10 12.62
N VAL A 317 8.38 -34.23 13.44
CA VAL A 317 8.55 -34.28 14.88
C VAL A 317 7.55 -35.27 15.47
N ASP A 318 8.07 -36.18 16.28
CA ASP A 318 7.23 -37.20 16.92
C ASP A 318 6.59 -36.59 18.16
N GLY A 319 5.37 -36.10 17.99
CA GLY A 319 4.63 -35.50 19.09
C GLY A 319 4.20 -36.47 20.18
N SER A 320 4.31 -37.78 19.92
CA SER A 320 4.02 -38.79 20.95
C SER A 320 5.22 -39.06 21.86
N SER A 321 6.38 -38.50 21.56
CA SER A 321 7.57 -38.68 22.38
C SER A 321 7.42 -37.98 23.74
N PRO A 322 7.57 -38.74 24.86
CA PRO A 322 7.42 -38.13 26.18
C PRO A 322 8.38 -36.96 26.42
N ASP A 323 9.58 -37.06 25.87
CA ASP A 323 10.59 -35.99 26.03
C ASP A 323 10.25 -34.66 25.31
N LEU A 324 9.26 -34.67 24.43
CA LEU A 324 8.82 -33.44 23.73
C LEU A 324 7.54 -32.80 24.25
N GLN A 325 6.78 -33.53 25.09
CA GLN A 325 5.52 -33.02 25.63
C GLN A 325 5.74 -31.67 26.29
N GLY A 326 4.91 -30.68 25.92
CA GLY A 326 4.98 -29.35 26.48
C GLY A 326 6.19 -28.51 26.11
N LYS A 327 6.99 -28.98 25.14
CA LYS A 327 8.26 -28.32 24.81
C LYS A 327 8.27 -27.87 23.35
N THR A 328 9.27 -27.05 23.02
CA THR A 328 9.56 -26.69 21.63
C THR A 328 10.61 -27.65 21.06
N ALA A 329 10.36 -28.16 19.86
CA ALA A 329 11.22 -29.16 19.21
C ALA A 329 12.61 -28.64 18.88
N PHE A 330 12.67 -27.39 18.39
CA PHE A 330 13.94 -26.71 18.10
C PHE A 330 14.07 -25.45 18.93
N ILE A 331 15.18 -25.30 19.64
CA ILE A 331 15.45 -24.08 20.39
C ILE A 331 16.71 -23.38 19.87
N ASN A 332 16.85 -22.10 20.23
CA ASN A 332 18.00 -21.26 19.85
C ASN A 332 18.27 -21.21 18.34
N CYS A 333 17.19 -21.07 17.57
CA CYS A 333 17.32 -20.92 16.14
C CYS A 333 18.06 -19.61 15.82
N GLY A 334 18.90 -19.66 14.79
CA GLY A 334 19.52 -18.47 14.23
C GLY A 334 18.54 -17.61 13.44
N PRO A 335 19.05 -16.68 12.63
CA PRO A 335 18.19 -15.67 12.00
C PRO A 335 17.50 -16.14 10.71
N THR A 336 17.65 -17.40 10.35
CA THR A 336 17.12 -17.94 9.11
C THR A 336 16.26 -19.17 9.40
N ILE A 337 15.05 -19.17 8.84
CA ILE A 337 14.29 -20.40 8.62
C ILE A 337 13.79 -20.32 7.17
N GLN A 338 14.21 -21.25 6.33
CA GLN A 338 13.79 -21.20 4.92
C GLN A 338 13.73 -22.54 4.22
N ASN A 339 12.90 -22.59 3.18
CA ASN A 339 12.88 -23.70 2.23
C ASN A 339 12.57 -25.02 2.94
N LEU A 340 11.56 -25.00 3.80
CA LEU A 340 11.36 -26.04 4.81
C LEU A 340 9.92 -26.50 4.89
N THR A 341 9.75 -27.81 5.02
CA THR A 341 8.49 -28.42 5.34
C THR A 341 8.67 -29.13 6.68
N ALA A 342 7.80 -28.85 7.63
CA ALA A 342 7.91 -29.46 8.95
C ALA A 342 6.54 -29.75 9.55
N ARG A 343 6.39 -30.97 10.07
CA ARG A 343 5.14 -31.41 10.65
C ARG A 343 5.38 -32.04 12.02
N CYS A 344 4.32 -32.07 12.82
CA CYS A 344 4.30 -32.83 14.05
C CYS A 344 3.29 -33.97 13.89
N SER A 345 3.76 -35.20 14.03
CA SER A 345 2.93 -36.40 13.97
C SER A 345 2.52 -36.86 15.37
N ASN A 346 1.25 -37.24 15.52
CA ASN A 346 0.73 -37.86 16.75
C ASN A 346 0.93 -37.02 18.00
N GLY A 347 0.77 -35.70 17.86
CA GLY A 347 1.00 -34.75 18.95
C GLY A 347 -0.25 -34.08 19.51
N ALA A 348 -1.42 -34.51 19.09
CA ALA A 348 -2.68 -33.90 19.55
C ALA A 348 -2.77 -33.97 21.07
N GLY A 349 -2.93 -32.81 21.71
CA GLY A 349 -3.02 -32.71 23.17
C GLY A 349 -1.70 -32.65 23.91
N LYS A 350 -0.57 -32.85 23.22
CA LYS A 350 0.74 -32.94 23.86
C LYS A 350 1.50 -31.62 23.92
N GLN A 351 0.95 -30.56 23.33
CA GLN A 351 1.52 -29.22 23.38
C GLN A 351 2.96 -29.15 22.90
N VAL A 352 3.21 -29.73 21.73
CA VAL A 352 4.54 -29.69 21.14
C VAL A 352 4.58 -28.51 20.18
N SER A 353 5.48 -27.57 20.42
CA SER A 353 5.68 -26.42 19.53
C SER A 353 6.88 -26.67 18.61
N PHE A 354 6.97 -25.94 17.49
CA PHE A 354 8.02 -26.28 16.52
C PHE A 354 9.35 -25.60 16.79
N ILE A 355 9.41 -24.28 16.79
CA ILE A 355 10.72 -23.61 16.82
C ILE A 355 10.71 -22.30 17.57
N GLU A 356 11.81 -22.04 18.28
CA GLU A 356 12.02 -20.80 19.00
C GLU A 356 13.09 -19.98 18.29
N ILE A 357 12.75 -18.74 17.99
CA ILE A 357 13.65 -17.85 17.28
C ILE A 357 13.60 -16.47 17.93
N ASP A 358 14.75 -15.83 18.06
CA ASP A 358 14.78 -14.49 18.64
C ASP A 358 14.14 -13.44 17.72
N GLY A 359 13.42 -12.51 18.31
CA GLY A 359 12.73 -11.46 17.58
C GLY A 359 13.61 -10.43 16.91
N TYR A 360 14.89 -10.30 17.33
CA TYR A 360 15.79 -9.31 16.75
C TYR A 360 16.57 -9.90 15.59
N LEU A 361 16.28 -9.39 14.39
CA LEU A 361 16.92 -9.83 13.13
C LEU A 361 16.58 -11.26 12.74
N ALA A 362 15.53 -11.41 11.93
CA ALA A 362 15.19 -12.73 11.36
C ALA A 362 14.69 -12.59 9.94
N ASN A 363 15.00 -13.60 9.13
CA ASN A 363 14.42 -13.80 7.81
C ASN A 363 13.81 -15.19 7.77
N ILE A 364 12.48 -15.25 7.78
CA ILE A 364 11.76 -16.52 7.66
C ILE A 364 11.02 -16.48 6.34
N ASP A 365 11.27 -17.46 5.47
CA ASP A 365 10.57 -17.49 4.19
C ASP A 365 10.50 -18.84 3.52
N HIS A 366 9.40 -19.06 2.80
CA HIS A 366 9.17 -20.30 2.05
C HIS A 366 9.16 -21.48 3.00
N ILE A 367 8.19 -21.48 3.90
CA ILE A 367 8.04 -22.59 4.85
C ILE A 367 6.61 -23.10 4.82
N THR A 368 6.49 -24.39 5.14
CA THR A 368 5.20 -25.05 5.34
C THR A 368 5.27 -25.75 6.68
N LEU A 369 4.40 -25.38 7.61
CA LEU A 369 4.37 -26.00 8.95
C LEU A 369 3.00 -26.62 9.19
N ILE A 370 2.99 -27.84 9.73
CA ILE A 370 1.78 -28.64 9.85
C ILE A 370 1.64 -29.19 11.28
N ASN A 371 0.48 -28.93 11.89
CA ASN A 371 0.20 -29.25 13.30
C ASN A 371 1.09 -28.41 14.22
N PHE A 372 1.52 -28.96 15.36
CA PHE A 372 2.15 -28.23 16.46
C PHE A 372 1.16 -27.39 17.26
N TYR A 373 1.60 -26.99 18.44
CA TYR A 373 0.80 -26.17 19.33
C TYR A 373 0.97 -24.70 18.92
N ASN A 374 2.16 -24.16 19.16
CA ASN A 374 2.62 -22.94 18.54
C ASN A 374 3.62 -23.31 17.47
N GLN A 375 3.43 -22.81 16.25
CA GLN A 375 4.31 -23.18 15.16
C GLN A 375 5.62 -22.40 15.22
N ILE A 376 5.52 -21.08 15.27
CA ILE A 376 6.68 -20.20 15.42
C ILE A 376 6.58 -19.53 16.78
N VAL A 377 7.56 -19.78 17.64
CA VAL A 377 7.63 -19.15 18.95
C VAL A 377 8.71 -18.09 18.89
N VAL A 378 8.32 -16.83 18.98
CA VAL A 378 9.26 -15.72 18.92
C VAL A 378 9.71 -15.41 20.33
N LYS A 379 11.01 -15.35 20.55
CA LYS A 379 11.56 -15.00 21.86
C LYS A 379 11.90 -13.53 21.91
N GLN A 380 11.79 -12.98 23.11
CA GLN A 380 11.87 -11.54 23.34
C GLN A 380 10.86 -10.79 22.44
N ALA A 381 11.27 -9.72 21.76
CA ALA A 381 10.32 -8.90 20.99
C ALA A 381 10.82 -8.73 19.56
N LEU A 382 9.89 -8.54 18.63
CA LEU A 382 10.24 -8.28 17.25
C LEU A 382 11.04 -6.99 17.13
N VAL A 383 12.07 -7.04 16.29
CA VAL A 383 12.67 -5.85 15.70
C VAL A 383 13.48 -6.32 14.50
N GLY A 384 13.21 -5.76 13.32
CA GLY A 384 13.88 -6.21 12.09
C GLY A 384 13.57 -7.68 11.80
N PHE A 385 12.30 -8.05 11.96
CA PHE A 385 11.86 -9.44 11.87
C PHE A 385 11.01 -9.58 10.62
N ASN A 386 11.48 -10.36 9.66
CA ASN A 386 10.83 -10.49 8.36
C ASN A 386 10.34 -11.92 8.11
N PHE A 387 9.05 -12.04 7.84
CA PHE A 387 8.36 -13.31 7.75
C PHE A 387 7.51 -13.29 6.48
N THR A 388 7.79 -14.18 5.53
CA THR A 388 7.06 -14.20 4.27
C THR A 388 6.88 -15.58 3.66
N ASN A 389 5.80 -15.76 2.91
CA ASN A 389 5.58 -16.96 2.11
C ASN A 389 5.55 -18.22 2.95
N ALA A 390 4.49 -18.36 3.72
CA ALA A 390 4.35 -19.42 4.69
C ALA A 390 2.96 -20.02 4.64
N TRP A 391 2.90 -21.35 4.61
CA TRP A 391 1.64 -22.09 4.70
C TRP A 391 1.60 -22.75 6.07
N LEU A 392 0.73 -22.25 6.94
CA LEU A 392 0.72 -22.60 8.34
C LEU A 392 -0.60 -23.27 8.66
N TYR A 393 -0.60 -24.60 8.67
CA TYR A 393 -1.82 -25.40 8.72
C TYR A 393 -1.95 -26.17 10.04
N TYR A 394 -3.18 -26.22 10.56
CA TYR A 394 -3.58 -27.09 11.67
C TYR A 394 -2.91 -26.82 13.02
N SER A 395 -2.42 -25.61 13.28
CA SER A 395 -1.86 -25.30 14.59
C SER A 395 -2.95 -25.42 15.66
N GLN A 396 -2.58 -25.82 16.87
CA GLN A 396 -3.56 -26.04 17.94
C GLN A 396 -3.79 -24.80 18.78
N ASN A 397 -2.79 -23.93 18.87
CA ASN A 397 -2.90 -22.69 19.60
C ASN A 397 -2.65 -21.43 18.76
N ALA A 398 -1.51 -21.40 18.07
CA ALA A 398 -1.17 -20.24 17.24
C ALA A 398 -0.19 -20.62 16.15
N GLY A 399 -0.31 -19.94 15.00
CA GLY A 399 0.70 -20.00 13.96
C GLY A 399 1.98 -19.34 14.43
N ILE A 400 1.85 -18.13 14.96
CA ILE A 400 2.96 -17.34 15.44
C ILE A 400 2.59 -16.79 16.82
N TYR A 401 3.48 -17.02 17.79
CA TYR A 401 3.27 -16.62 19.19
C TYR A 401 4.44 -15.79 19.70
N CYS A 402 4.15 -14.58 20.17
CA CYS A 402 5.14 -13.71 20.80
C CYS A 402 4.68 -13.30 22.20
N GLU A 403 5.32 -13.87 23.22
CA GLU A 403 4.99 -13.58 24.63
C GLU A 403 5.50 -12.21 25.04
N ASP A 404 6.74 -11.87 24.65
CA ASP A 404 7.44 -10.65 25.08
C ASP A 404 7.38 -10.50 26.62
N PRO A 405 7.90 -11.50 27.35
CA PRO A 405 7.76 -11.53 28.82
C PRO A 405 8.31 -10.30 29.55
N LEU A 406 9.34 -9.66 29.00
CA LEU A 406 9.92 -8.45 29.60
C LEU A 406 9.30 -7.14 29.10
N ASN A 407 8.23 -7.22 28.30
CA ASN A 407 7.58 -6.03 27.75
C ASN A 407 8.57 -5.07 27.06
N ARG A 408 9.42 -5.63 26.22
CA ARG A 408 10.34 -4.81 25.42
C ARG A 408 9.60 -3.98 24.37
N VAL A 409 8.43 -4.48 23.94
CA VAL A 409 7.60 -3.89 22.86
C VAL A 409 8.16 -4.27 21.49
N SER A 410 7.36 -5.00 20.73
CA SER A 410 7.72 -5.43 19.39
C SER A 410 7.58 -4.30 18.38
N THR A 411 8.55 -4.21 17.47
CA THR A 411 8.52 -3.21 16.39
C THR A 411 8.97 -3.83 15.08
N THR A 412 8.68 -3.11 14.00
CA THR A 412 9.33 -3.33 12.70
C THR A 412 9.43 -4.80 12.29
N GLY A 413 8.30 -5.49 12.42
CA GLY A 413 8.14 -6.85 11.91
C GLY A 413 7.29 -6.81 10.67
N THR A 414 7.62 -7.63 9.68
CA THR A 414 6.81 -7.74 8.47
C THR A 414 6.27 -9.17 8.34
N PHE A 415 5.00 -9.27 7.98
CA PHE A 415 4.31 -10.56 7.85
C PHE A 415 3.54 -10.54 6.55
N HIS A 416 4.07 -11.20 5.53
CA HIS A 416 3.51 -11.15 4.17
C HIS A 416 3.27 -12.54 3.62
N ASN A 417 2.21 -12.69 2.83
CA ASN A 417 1.95 -13.92 2.05
C ASN A 417 1.88 -15.15 2.95
N ILE A 418 1.00 -15.07 3.95
CA ILE A 418 0.85 -16.16 4.91
C ILE A 418 -0.55 -16.71 4.80
N TYR A 419 -0.62 -18.03 4.66
CA TYR A 419 -1.87 -18.76 4.58
C TYR A 419 -2.04 -19.55 5.87
N PHE A 420 -2.96 -19.12 6.72
CA PHE A 420 -3.32 -19.86 7.94
C PHE A 420 -4.59 -20.67 7.67
N GLN A 421 -4.53 -21.99 7.83
CA GLN A 421 -5.69 -22.84 7.56
C GLN A 421 -5.93 -23.85 8.68
N LEU A 422 -7.19 -23.93 9.11
CA LEU A 422 -7.67 -25.01 9.98
C LEU A 422 -6.96 -25.13 11.32
N GLY A 423 -6.58 -23.99 11.87
CA GLY A 423 -6.03 -23.91 13.21
C GLY A 423 -7.14 -23.93 14.25
N ASP A 424 -6.89 -24.61 15.37
CA ASP A 424 -7.84 -24.63 16.49
C ASP A 424 -7.84 -23.34 17.31
N GLY A 425 -6.82 -22.50 17.13
CA GLY A 425 -6.69 -21.26 17.88
C GLY A 425 -6.60 -20.07 16.96
N HIS A 426 -5.63 -19.19 17.22
CA HIS A 426 -5.45 -17.97 16.46
C HIS A 426 -4.39 -18.13 15.38
N ALA A 427 -4.37 -17.20 14.43
CA ALA A 427 -3.27 -17.09 13.49
C ALA A 427 -2.03 -16.60 14.19
N MET A 428 -2.16 -15.45 14.84
CA MET A 428 -1.07 -14.81 15.56
C MET A 428 -1.52 -14.29 16.91
N ILE A 429 -0.69 -14.53 17.93
CA ILE A 429 -0.94 -14.03 19.27
C ILE A 429 0.27 -13.28 19.76
N PHE A 430 0.07 -12.00 20.04
CA PHE A 430 1.00 -11.18 20.78
C PHE A 430 0.41 -10.97 22.18
N ASP A 431 1.08 -11.46 23.22
CA ASP A 431 0.57 -11.20 24.58
C ASP A 431 0.61 -9.73 24.94
N ARG A 432 1.51 -8.97 24.32
CA ARG A 432 1.69 -7.57 24.65
C ARG A 432 1.63 -6.66 23.41
N ASP A 433 2.61 -5.78 23.21
CA ASP A 433 2.43 -4.61 22.35
C ASP A 433 3.21 -4.70 21.04
N VAL A 434 2.60 -4.20 19.98
CA VAL A 434 3.18 -4.22 18.64
C VAL A 434 3.08 -2.83 18.01
N HIS A 435 4.24 -2.32 17.56
CA HIS A 435 4.37 -1.00 16.95
C HIS A 435 5.06 -1.10 15.57
N GLY A 436 4.54 -0.44 14.56
CA GLY A 436 5.26 -0.26 13.31
C GLY A 436 5.45 -1.54 12.51
N CYS A 437 4.59 -2.51 12.71
CA CYS A 437 4.67 -3.77 12.00
C CYS A 437 3.75 -3.71 10.78
N ASP A 438 4.03 -4.56 9.79
CA ASP A 438 3.33 -4.57 8.51
C ASP A 438 2.78 -5.96 8.26
N PHE A 439 1.50 -6.06 7.90
CA PHE A 439 0.80 -7.33 7.61
C PHE A 439 0.11 -7.20 6.28
N ASP A 440 0.38 -8.09 5.33
CA ASP A 440 -0.20 -7.96 3.97
C ASP A 440 -0.35 -9.31 3.29
N ASN A 441 -1.43 -9.45 2.53
CA ASN A 441 -1.72 -10.69 1.77
C ASN A 441 -1.72 -11.90 2.67
N ILE A 442 -2.60 -11.84 3.65
CA ILE A 442 -2.77 -12.86 4.66
C ILE A 442 -4.14 -13.53 4.45
N ILE A 443 -4.18 -14.84 4.63
CA ILE A 443 -5.39 -15.62 4.52
C ILE A 443 -5.67 -16.34 5.84
N PHE A 444 -6.90 -16.20 6.34
CA PHE A 444 -7.41 -16.99 7.47
C PHE A 444 -8.52 -17.86 6.92
N GLU A 445 -8.28 -19.17 6.81
CA GLU A 445 -9.30 -20.09 6.35
C GLU A 445 -9.63 -21.10 7.46
N SER A 446 -10.86 -21.07 7.96
CA SER A 446 -11.31 -21.96 9.05
C SER A 446 -10.35 -21.96 10.25
N MET A 447 -10.04 -20.77 10.74
CA MET A 447 -9.29 -20.58 11.98
C MET A 447 -10.31 -20.31 13.08
N ASN A 448 -9.86 -20.27 14.32
CA ASN A 448 -10.70 -19.83 15.45
C ASN A 448 -10.32 -18.48 16.00
N GLY A 449 -9.52 -17.75 15.25
CA GLY A 449 -9.09 -16.41 15.65
C GLY A 449 -8.11 -15.88 14.63
N GLY A 450 -8.02 -14.56 14.52
CA GLY A 450 -7.11 -13.94 13.56
C GLY A 450 -5.85 -13.49 14.27
N ILE A 451 -5.58 -12.20 14.23
CA ILE A 451 -4.46 -11.61 14.94
C ILE A 451 -4.97 -11.06 16.26
N LYS A 452 -4.31 -11.43 17.35
CA LYS A 452 -4.65 -10.92 18.68
C LYS A 452 -3.43 -10.24 19.31
N ALA A 453 -3.66 -9.08 19.92
CA ALA A 453 -2.62 -8.36 20.62
C ALA A 453 -3.21 -7.51 21.73
N ARG A 454 -2.37 -7.10 22.67
CA ARG A 454 -2.77 -6.14 23.68
C ARG A 454 -2.88 -4.72 23.13
N THR A 455 -1.86 -4.32 22.38
CA THR A 455 -1.75 -3.00 21.79
C THR A 455 -1.24 -3.13 20.36
N VAL A 456 -1.85 -2.35 19.48
CA VAL A 456 -1.47 -2.30 18.07
C VAL A 456 -1.40 -0.84 17.68
N ALA A 457 -0.18 -0.35 17.47
CA ALA A 457 0.10 1.05 17.29
C ALA A 457 0.93 1.31 16.03
N HIS A 458 0.45 2.22 15.19
CA HIS A 458 1.20 2.60 13.97
C HIS A 458 1.62 1.40 13.10
N CYS A 459 0.71 0.43 12.96
CA CYS A 459 0.93 -0.73 12.11
C CYS A 459 0.22 -0.56 10.78
N GLY A 460 0.73 -1.25 9.75
CA GLY A 460 0.10 -1.27 8.44
C GLY A 460 -0.57 -2.62 8.22
N PHE A 461 -1.79 -2.59 7.70
CA PHE A 461 -2.50 -3.80 7.34
C PHE A 461 -2.97 -3.67 5.90
N GLY A 462 -2.59 -4.63 5.07
CA GLY A 462 -3.01 -4.70 3.67
C GLY A 462 -4.17 -5.65 3.47
N LYS A 463 -4.06 -6.50 2.46
CA LYS A 463 -5.15 -7.40 2.10
C LYS A 463 -5.22 -8.61 3.00
N PHE A 464 -6.43 -8.90 3.45
CA PHE A 464 -6.74 -10.08 4.24
C PHE A 464 -7.92 -10.78 3.60
N TRP A 465 -7.85 -12.10 3.51
CA TRP A 465 -8.97 -12.91 3.07
C TRP A 465 -9.32 -13.84 4.23
N CYS A 466 -10.48 -13.58 4.84
CA CYS A 466 -10.91 -14.28 6.05
C CYS A 466 -12.17 -15.07 5.73
N GLU A 467 -12.04 -16.40 5.65
CA GLU A 467 -13.14 -17.27 5.19
C GLU A 467 -13.36 -18.46 6.12
N ASN A 468 -14.46 -18.42 6.85
CA ASN A 468 -14.91 -19.49 7.74
C ASN A 468 -14.14 -19.61 9.03
N LEU A 469 -14.83 -20.13 10.04
CA LEU A 469 -14.25 -20.39 11.34
C LEU A 469 -14.31 -21.91 11.60
N LYS A 470 -13.36 -22.43 12.38
CA LYS A 470 -13.27 -23.86 12.59
C LYS A 470 -14.41 -24.37 13.47
N THR A 471 -14.50 -23.84 14.69
CA THR A 471 -15.61 -24.13 15.59
C THR A 471 -16.28 -22.88 16.16
N ALA A 472 -15.60 -21.74 16.17
CA ALA A 472 -16.19 -20.49 16.65
C ALA A 472 -17.32 -20.02 15.74
N THR A 473 -18.21 -19.19 16.28
CA THR A 473 -19.34 -18.66 15.51
C THR A 473 -19.08 -17.25 14.99
N SER A 474 -18.33 -16.45 15.75
CA SER A 474 -18.00 -15.07 15.36
C SER A 474 -16.65 -14.66 15.94
N LYS A 475 -15.79 -14.07 15.10
CA LYS A 475 -14.47 -13.59 15.53
C LYS A 475 -14.06 -12.37 14.69
N ASP A 476 -13.40 -11.41 15.33
CA ASP A 476 -12.83 -10.26 14.62
C ASP A 476 -11.51 -10.71 13.97
N TRP A 477 -11.24 -10.22 12.75
CA TRP A 477 -9.98 -10.56 12.07
C TRP A 477 -8.77 -10.02 12.83
N LEU A 478 -8.95 -8.86 13.47
CA LEU A 478 -7.96 -8.23 14.34
C LEU A 478 -8.63 -7.94 15.67
N GLU A 479 -8.03 -8.46 16.74
CA GLU A 479 -8.56 -8.37 18.09
C GLU A 479 -7.50 -7.67 18.95
N VAL A 480 -7.81 -6.48 19.44
CA VAL A 480 -6.89 -5.70 20.27
C VAL A 480 -7.52 -5.51 21.64
N THR A 481 -6.87 -5.99 22.69
CA THR A 481 -7.54 -6.15 23.99
C THR A 481 -7.47 -4.93 24.90
N GLY A 482 -6.41 -4.14 24.77
CA GLY A 482 -6.22 -2.96 25.61
C GLY A 482 -7.20 -1.83 25.31
N ALA A 483 -7.61 -1.09 26.33
CA ALA A 483 -8.50 0.07 26.14
C ALA A 483 -7.74 1.20 25.43
N ASN A 484 -8.32 1.75 24.35
CA ASN A 484 -7.67 2.76 23.49
C ASN A 484 -6.25 2.37 23.06
N SER A 485 -6.02 1.07 22.90
CA SER A 485 -4.70 0.55 22.60
C SER A 485 -4.56 0.12 21.14
N CYS A 486 -5.59 0.39 20.32
CA CYS A 486 -5.47 0.26 18.88
C CYS A 486 -5.53 1.66 18.28
N TYR A 487 -4.39 2.17 17.82
CA TYR A 487 -4.33 3.53 17.32
C TYR A 487 -3.19 3.74 16.33
N GLY A 488 -3.34 4.75 15.50
CA GLY A 488 -2.28 5.15 14.59
C GLY A 488 -2.09 4.28 13.36
N ASN A 489 -3.04 3.38 13.11
CA ASN A 489 -2.88 2.34 12.13
C ASN A 489 -3.33 2.70 10.74
N SER A 490 -2.83 1.95 9.79
CA SER A 490 -3.22 2.05 8.40
C SER A 490 -3.91 0.75 7.99
N PHE A 491 -5.22 0.81 7.77
CA PHE A 491 -5.99 -0.33 7.28
C PHE A 491 -6.27 -0.07 5.80
N THR A 492 -5.27 -0.34 4.97
CA THR A 492 -5.26 0.16 3.60
C THR A 492 -5.37 -0.93 2.54
N GLY A 493 -5.93 -2.08 2.89
CA GLY A 493 -6.29 -3.09 1.90
C GLY A 493 -7.68 -3.61 2.20
N TYR A 494 -8.33 -4.20 1.20
CA TYR A 494 -9.64 -4.77 1.41
C TYR A 494 -9.55 -6.00 2.33
N VAL A 495 -10.43 -6.06 3.32
CA VAL A 495 -10.54 -7.22 4.20
C VAL A 495 -11.81 -7.97 3.81
N LYS A 496 -11.64 -9.12 3.17
CA LYS A 496 -12.73 -10.01 2.79
C LYS A 496 -13.18 -10.81 4.03
N LEU A 497 -14.46 -10.72 4.34
CA LEU A 497 -15.05 -11.37 5.52
C LEU A 497 -16.15 -12.32 5.07
N LEU A 498 -15.94 -13.61 5.28
CA LEU A 498 -16.92 -14.64 4.97
C LEU A 498 -17.06 -15.65 6.10
N GLY A 499 -18.30 -16.09 6.32
CA GLY A 499 -18.56 -17.21 7.20
C GLY A 499 -18.38 -16.98 8.69
N GLY A 500 -18.51 -15.74 9.14
CA GLY A 500 -18.49 -15.45 10.57
C GLY A 500 -17.45 -14.44 11.03
N TRP A 501 -16.46 -14.16 10.19
CA TRP A 501 -15.47 -13.13 10.50
C TRP A 501 -16.12 -11.73 10.54
N THR A 502 -15.70 -10.92 11.49
CA THR A 502 -16.17 -9.55 11.64
C THR A 502 -14.98 -8.60 11.67
N SER A 503 -15.26 -7.31 11.61
CA SER A 503 -14.22 -6.29 11.63
C SER A 503 -14.61 -5.08 12.47
N LYS A 504 -13.64 -4.54 13.20
CA LYS A 504 -13.77 -3.26 13.87
C LYS A 504 -13.03 -2.14 13.14
N THR A 505 -12.66 -2.37 11.88
CA THR A 505 -11.83 -1.42 11.12
C THR A 505 -12.45 -0.92 9.82
N SER A 506 -13.68 -1.35 9.49
CA SER A 506 -14.32 -0.97 8.23
C SER A 506 -14.53 0.54 8.18
N PRO A 507 -14.31 1.15 7.01
CA PRO A 507 -14.59 2.60 6.92
C PRO A 507 -16.04 2.98 7.24
N THR A 508 -16.98 2.09 6.93
CA THR A 508 -18.40 2.37 7.13
C THR A 508 -18.89 2.09 8.56
N LEU A 509 -18.04 1.55 9.42
CA LEU A 509 -18.42 1.30 10.81
C LEU A 509 -18.63 2.62 11.58
N ASP A 510 -19.72 2.70 12.34
CA ASP A 510 -19.94 3.87 13.16
C ASP A 510 -18.87 3.99 14.25
N SER A 511 -18.49 5.22 14.57
CA SER A 511 -17.52 5.47 15.62
C SER A 511 -18.19 5.33 16.97
N LEU A 512 -17.36 4.99 17.96
CA LEU A 512 -17.73 4.97 19.38
C LEU A 512 -17.15 6.20 20.05
N PRO A 513 -17.64 6.55 21.25
CA PRO A 513 -17.02 7.67 21.96
C PRO A 513 -15.60 7.38 22.41
N THR A 514 -15.29 6.10 22.60
CA THR A 514 -13.95 5.68 22.98
C THR A 514 -13.74 4.23 22.53
N ASN A 515 -12.50 3.77 22.58
CA ASN A 515 -12.14 2.41 22.14
C ASN A 515 -12.39 2.09 20.67
N ASN A 516 -12.31 3.08 19.80
CA ASN A 516 -12.30 2.78 18.36
C ASN A 516 -10.97 2.13 18.01
N TYR A 517 -10.95 1.35 16.95
CA TYR A 517 -9.69 0.90 16.37
C TYR A 517 -9.21 2.06 15.53
N GLY A 518 -8.27 2.81 16.09
CA GLY A 518 -7.82 4.07 15.56
C GLY A 518 -6.95 3.91 14.34
N GLY A 519 -7.26 4.71 13.32
CA GLY A 519 -6.46 4.74 12.12
C GLY A 519 -7.20 5.22 10.90
N VAL A 520 -6.49 5.19 9.79
CA VAL A 520 -7.03 5.49 8.49
C VAL A 520 -7.44 4.16 7.86
N SER A 521 -8.57 4.15 7.17
CA SER A 521 -9.05 2.94 6.51
C SER A 521 -9.37 3.29 5.06
N VAL A 522 -8.75 2.57 4.13
CA VAL A 522 -8.88 2.87 2.72
C VAL A 522 -9.17 1.58 1.97
N SER A 523 -10.35 1.51 1.36
CA SER A 523 -10.69 0.41 0.46
C SER A 523 -11.86 0.84 -0.41
N ALA A 524 -12.32 -0.07 -1.27
CA ALA A 524 -13.52 0.20 -2.07
C ALA A 524 -14.78 0.42 -1.24
N GLU A 525 -14.77 -0.01 0.03
CA GLU A 525 -15.84 0.28 0.99
C GLU A 525 -15.92 1.75 1.41
N GLY A 526 -14.82 2.48 1.28
CA GLY A 526 -14.74 3.85 1.71
C GLY A 526 -13.36 4.30 2.12
N ILE A 527 -13.22 5.60 2.29
CA ILE A 527 -12.00 6.21 2.80
C ILE A 527 -12.39 6.89 4.10
N SER A 528 -11.83 6.45 5.22
CA SER A 528 -12.20 6.99 6.52
C SER A 528 -11.00 7.19 7.42
N ILE A 529 -11.21 8.00 8.45
CA ILE A 529 -10.17 8.27 9.43
C ILE A 529 -10.83 8.53 10.80
N VAL A 530 -10.26 7.92 11.84
CA VAL A 530 -10.84 7.94 13.19
C VAL A 530 -9.69 7.82 14.20
N ASN A 531 -9.86 8.42 15.37
CA ASN A 531 -8.93 8.21 16.49
C ASN A 531 -9.57 7.31 17.53
N ALA A 532 -8.74 6.69 18.36
CA ALA A 532 -9.20 5.68 19.30
C ALA A 532 -10.17 6.26 20.33
N GLY A 533 -9.80 7.40 20.91
CA GLY A 533 -10.47 7.93 22.12
C GLY A 533 -11.48 9.04 21.90
N ASN A 534 -12.04 9.13 20.70
CA ASN A 534 -12.99 10.18 20.37
C ASN A 534 -13.99 9.72 19.28
N LYS A 535 -15.19 10.30 19.32
CA LYS A 535 -16.30 9.98 18.41
C LYS A 535 -16.09 10.49 16.98
N ALA A 536 -15.21 11.47 16.79
CA ALA A 536 -15.01 12.05 15.47
C ALA A 536 -14.57 11.00 14.44
N LYS A 537 -15.24 10.97 13.30
CA LYS A 537 -14.83 10.10 12.20
C LYS A 537 -15.35 10.70 10.91
N MET A 538 -14.48 10.78 9.89
CA MET A 538 -14.90 11.25 8.56
C MET A 538 -14.79 10.09 7.59
N LEU A 539 -15.75 10.02 6.69
CA LEU A 539 -15.85 8.98 5.69
C LEU A 539 -16.17 9.62 4.34
N MET A 540 -15.40 9.28 3.32
CA MET A 540 -15.71 9.64 1.93
C MET A 540 -16.18 8.41 1.15
N LEU A 541 -17.28 8.57 0.44
CA LEU A 541 -17.91 7.55 -0.37
C LEU A 541 -18.22 8.14 -1.75
N PRO A 542 -18.64 7.30 -2.71
CA PRO A 542 -19.01 7.85 -4.02
C PRO A 542 -20.07 8.97 -3.97
N SER A 543 -20.98 8.91 -3.01
CA SER A 543 -22.06 9.90 -2.89
C SER A 543 -21.67 11.21 -2.19
N GLY A 544 -20.57 11.20 -1.43
CA GLY A 544 -20.20 12.37 -0.63
C GLY A 544 -19.53 11.95 0.67
N PHE A 545 -19.93 12.62 1.77
CA PHE A 545 -19.25 12.49 3.04
C PHE A 545 -20.19 12.10 4.16
N LYS A 546 -19.64 11.39 5.13
CA LYS A 546 -20.38 11.05 6.34
C LYS A 546 -19.49 11.33 7.55
N THR A 547 -20.13 11.80 8.62
CA THR A 547 -19.44 12.12 9.86
C THR A 547 -20.00 11.27 11.01
N GLY A 548 -19.12 10.92 11.95
CA GLY A 548 -19.48 10.18 13.14
C GLY A 548 -19.93 10.96 14.36
N ASN A 549 -19.76 12.28 14.35
CA ASN A 549 -20.11 13.14 15.51
C ASN A 549 -21.08 14.30 15.20
N ALA A 550 -21.81 14.18 14.10
CA ALA A 550 -22.81 15.14 13.67
C ALA A 550 -22.24 16.51 13.34
N THR A 551 -20.96 16.57 13.04
CA THR A 551 -20.22 17.81 12.86
C THR A 551 -19.21 17.63 11.74
N ILE A 552 -19.06 18.66 10.92
CA ILE A 552 -17.99 18.73 9.93
C ILE A 552 -17.31 20.09 10.06
N ASP A 553 -15.99 20.08 10.26
CA ASP A 553 -15.19 21.31 10.34
C ASP A 553 -14.52 21.63 8.99
N GLU A 554 -14.39 22.93 8.71
CA GLU A 554 -13.63 23.44 7.57
C GLU A 554 -12.73 24.56 8.10
N THR A 555 -11.41 24.37 8.00
CA THR A 555 -10.49 25.39 8.49
C THR A 555 -9.16 25.32 7.74
N HIS A 556 -8.17 26.07 8.22
CA HIS A 556 -6.85 26.12 7.61
C HIS A 556 -5.97 24.99 8.13
N ILE A 557 -5.03 24.53 7.32
CA ILE A 557 -4.04 23.55 7.78
C ILE A 557 -3.18 24.16 8.89
N SER A 558 -2.72 25.41 8.68
CA SER A 558 -1.98 26.15 9.71
C SER A 558 -2.90 26.55 10.86
N SER A 559 -2.53 26.20 12.09
CA SER A 559 -3.31 26.60 13.27
C SER A 559 -3.18 28.08 13.61
N SER A 560 -2.19 28.78 13.05
CA SER A 560 -2.02 30.21 13.32
C SER A 560 -2.75 31.12 12.30
N THR A 561 -3.09 30.61 11.13
CA THR A 561 -3.84 31.40 10.15
C THR A 561 -5.27 31.67 10.64
N VAL A 562 -5.69 32.94 10.61
CA VAL A 562 -6.99 33.34 11.15
C VAL A 562 -7.82 34.15 10.15
N THR A 563 -7.57 33.98 8.86
CA THR A 563 -8.38 34.60 7.82
C THR A 563 -9.67 33.78 7.68
N PRO A 564 -10.70 34.35 7.06
CA PRO A 564 -11.80 33.49 6.62
C PRO A 564 -11.40 32.58 5.44
N LEU A 565 -12.26 31.61 5.13
CA LEU A 565 -12.11 30.77 3.95
C LEU A 565 -13.03 31.29 2.90
N VAL A 566 -12.73 30.95 1.66
CA VAL A 566 -13.63 31.16 0.55
C VAL A 566 -13.96 29.80 -0.06
N LYS A 567 -15.24 29.54 -0.27
CA LYS A 567 -15.66 28.35 -0.99
C LYS A 567 -16.06 28.75 -2.39
N ARG A 568 -15.61 27.96 -3.36
CA ARG A 568 -15.92 28.21 -4.74
C ARG A 568 -16.73 27.03 -5.24
N ARG A 569 -17.81 27.30 -5.95
CA ARG A 569 -18.73 26.26 -6.38
C ARG A 569 -19.20 26.51 -7.80
N VAL A 570 -19.19 25.47 -8.63
CA VAL A 570 -19.67 25.58 -10.00
C VAL A 570 -21.18 25.90 -9.99
N ILE A 571 -21.55 26.96 -10.69
CA ILE A 571 -22.95 27.35 -10.81
C ILE A 571 -23.45 27.54 -12.23
N GLY A 572 -22.55 27.37 -13.20
CA GLY A 572 -22.91 27.60 -14.59
C GLY A 572 -21.69 27.68 -15.46
N ALA A 573 -21.84 28.37 -16.58
CA ALA A 573 -20.81 28.55 -17.58
C ALA A 573 -20.53 30.02 -17.83
N ASP A 574 -19.29 30.35 -18.18
CA ASP A 574 -18.98 31.70 -18.65
C ASP A 574 -19.34 31.83 -20.15
N SER A 575 -19.04 32.98 -20.74
CA SER A 575 -19.40 33.20 -22.15
C SER A 575 -18.67 32.30 -23.14
N SER A 576 -17.46 31.86 -22.79
CA SER A 576 -16.71 30.90 -23.61
C SER A 576 -17.19 29.43 -23.45
N GLY A 577 -18.05 29.16 -22.46
CA GLY A 577 -18.59 27.82 -22.22
C GLY A 577 -17.84 27.03 -21.16
N ALA A 578 -16.83 27.63 -20.56
CA ALA A 578 -16.08 27.00 -19.49
C ALA A 578 -16.87 27.10 -18.17
N GLN A 579 -16.56 26.22 -17.23
CA GLN A 579 -17.21 26.21 -15.92
C GLN A 579 -16.97 27.52 -15.22
N TYR A 580 -18.03 28.10 -14.65
CA TYR A 580 -17.86 29.28 -13.80
C TYR A 580 -18.01 28.83 -12.33
N LEU A 581 -16.94 29.01 -11.56
CA LEU A 581 -16.94 28.73 -10.12
C LEU A 581 -17.16 30.05 -9.37
N ALA A 582 -18.27 30.13 -8.64
CA ALA A 582 -18.64 31.32 -7.89
C ALA A 582 -18.04 31.24 -6.48
N SER A 583 -17.72 32.39 -5.91
CA SER A 583 -17.09 32.47 -4.59
C SER A 583 -18.08 32.93 -3.55
N ASP A 584 -18.05 32.30 -2.38
CA ASP A 584 -18.87 32.75 -1.25
C ASP A 584 -18.09 33.69 -0.33
N THR A 585 -18.79 34.20 0.69
CA THR A 585 -18.20 35.04 1.72
C THR A 585 -18.77 34.58 3.06
N TYR A 586 -17.89 34.33 4.02
CA TYR A 586 -18.33 34.06 5.38
C TYR A 586 -17.28 34.64 6.33
N THR A 587 -17.53 35.88 6.73
CA THR A 587 -16.68 36.56 7.69
C THR A 587 -17.47 36.75 8.98
N LYS A 588 -16.84 37.40 9.95
CA LYS A 588 -17.56 37.75 11.16
C LYS A 588 -18.73 38.71 10.93
N LEU A 589 -18.67 39.49 9.84
CA LEU A 589 -19.65 40.52 9.56
C LEU A 589 -20.52 40.30 8.32
N SER A 590 -20.22 39.27 7.52
CA SER A 590 -20.89 39.13 6.22
C SER A 590 -21.06 37.67 5.80
N ARG A 591 -22.24 37.33 5.31
CA ARG A 591 -22.50 36.01 4.73
C ARG A 591 -23.18 36.21 3.39
N LYS A 592 -22.51 35.80 2.32
CA LYS A 592 -22.96 35.99 0.95
C LYS A 592 -22.54 34.82 0.08
N TRP A 593 -23.24 34.66 -1.03
CA TRP A 593 -22.87 33.72 -2.08
C TRP A 593 -22.80 34.52 -3.38
N GLY A 594 -21.66 34.47 -4.04
CA GLY A 594 -21.46 35.22 -5.28
C GLY A 594 -22.16 34.58 -6.47
N THR A 595 -22.45 35.41 -7.45
CA THR A 595 -22.88 34.95 -8.77
C THR A 595 -22.33 35.92 -9.82
N TYR A 596 -22.65 35.67 -11.07
CA TYR A 596 -22.18 36.51 -12.17
C TYR A 596 -23.12 36.37 -13.33
N ASN A 597 -23.43 37.49 -13.96
CA ASN A 597 -24.27 37.52 -15.15
C ASN A 597 -23.32 37.74 -16.33
N HIS A 598 -23.12 36.69 -17.11
CA HIS A 598 -22.22 36.75 -18.26
C HIS A 598 -22.87 37.40 -19.50
N GLY A 599 -24.16 37.66 -19.44
CA GLY A 599 -24.85 38.41 -20.50
C GLY A 599 -24.50 39.88 -20.43
N SER A 600 -24.61 40.46 -19.23
CA SER A 600 -24.30 41.87 -19.00
C SER A 600 -22.91 42.11 -18.41
N ASN A 601 -22.19 41.05 -18.06
CA ASN A 601 -20.89 41.16 -17.38
C ASN A 601 -20.93 41.92 -16.08
N ASN A 602 -21.81 41.47 -15.17
CA ASN A 602 -21.94 42.03 -13.84
C ASN A 602 -21.86 40.94 -12.80
N ALA A 603 -21.06 41.19 -11.76
CA ALA A 603 -21.09 40.35 -10.58
C ALA A 603 -22.42 40.54 -9.83
N GLY A 604 -22.76 39.55 -9.04
CA GLY A 604 -23.92 39.64 -8.17
C GLY A 604 -23.71 38.85 -6.91
N ALA A 605 -24.72 38.86 -6.05
CA ALA A 605 -24.63 38.15 -4.79
C ALA A 605 -26.01 37.91 -4.19
N PHE A 606 -26.09 36.79 -3.47
CA PHE A 606 -27.22 36.43 -2.64
C PHE A 606 -26.76 36.62 -1.18
N TYR A 607 -27.67 37.04 -0.31
CA TYR A 607 -27.34 37.52 1.02
C TYR A 607 -28.10 36.78 2.11
N ALA A 608 -27.41 36.49 3.21
CA ALA A 608 -28.07 36.05 4.44
C ALA A 608 -27.86 37.16 5.47
N PRO A 609 -28.88 38.03 5.67
CA PRO A 609 -28.67 39.18 6.55
C PRO A 609 -28.68 38.84 8.03
N MET A 610 -28.11 39.74 8.84
CA MET A 610 -28.36 39.71 10.27
C MET A 610 -29.81 40.10 10.50
N MET A 611 -30.47 39.40 11.40
CA MET A 611 -31.83 39.78 11.82
C MET A 611 -31.81 40.02 13.32
N LEU A 612 -32.61 40.97 13.77
CA LEU A 612 -32.62 41.40 15.13
C LEU A 612 -34.01 41.95 15.44
N THR A 613 -34.59 41.51 16.55
CA THR A 613 -35.94 41.89 16.90
C THR A 613 -35.94 42.66 18.24
N TYR A 614 -36.68 43.76 18.27
CA TYR A 614 -37.02 44.50 19.47
C TYR A 614 -38.32 43.93 20.04
N ASP A 615 -38.39 43.76 21.36
CA ASP A 615 -39.64 43.34 22.00
C ASP A 615 -39.64 43.89 23.42
N GLN A 616 -40.57 44.78 23.70
CA GLN A 616 -40.59 45.39 25.04
C GLN A 616 -40.91 44.40 26.16
N SER A 617 -41.42 43.21 25.82
CA SER A 617 -41.64 42.13 26.80
C SER A 617 -40.40 41.27 27.09
N PHE A 618 -39.30 41.46 26.34
CA PHE A 618 -38.06 40.75 26.65
C PHE A 618 -37.51 41.22 28.00
N SER A 619 -37.01 40.26 28.79
CA SER A 619 -36.31 40.56 30.05
C SER A 619 -35.04 41.35 29.81
N THR A 620 -34.29 40.96 28.76
CA THR A 620 -33.09 41.68 28.35
C THR A 620 -33.13 41.84 26.82
N PRO A 621 -32.54 42.92 26.29
CA PRO A 621 -32.62 43.12 24.84
C PRO A 621 -31.93 42.00 24.06
N GLN A 622 -32.49 41.65 22.91
CA GLN A 622 -31.86 40.71 22.01
C GLN A 622 -30.63 41.35 21.43
N ASN A 623 -29.55 40.57 21.32
CA ASN A 623 -28.30 41.08 20.76
C ASN A 623 -27.88 40.18 19.62
N ASN A 624 -27.58 40.77 18.46
CA ASN A 624 -26.98 40.06 17.35
C ASN A 624 -25.64 40.69 17.01
N ASN A 625 -24.56 39.98 17.33
CA ASN A 625 -23.24 40.30 16.85
C ASN A 625 -22.73 41.65 17.36
N GLY A 626 -23.20 42.07 18.54
CA GLY A 626 -22.82 43.33 19.14
C GLY A 626 -23.77 44.49 18.90
N TRP A 627 -24.88 44.26 18.19
CA TRP A 627 -25.94 45.25 18.01
C TRP A 627 -27.19 44.86 18.79
N LYS A 628 -27.85 45.86 19.35
CA LYS A 628 -29.15 45.68 20.01
C LYS A 628 -30.04 46.82 19.62
N ILE A 629 -31.35 46.66 19.85
CA ILE A 629 -32.31 47.71 19.58
C ILE A 629 -32.83 48.25 20.91
N VAL A 630 -32.75 49.57 21.08
CA VAL A 630 -33.29 50.22 22.28
C VAL A 630 -34.21 51.36 21.89
N LYS A 631 -35.20 51.62 22.73
CA LYS A 631 -36.07 52.79 22.56
C LYS A 631 -35.32 54.04 23.02
N GLU A 632 -35.25 55.04 22.15
CA GLU A 632 -34.64 56.33 22.48
C GLU A 632 -35.69 57.30 23.01
N SER A 633 -36.83 57.38 22.31
CA SER A 633 -37.94 58.22 22.72
C SER A 633 -39.18 57.70 21.98
N THR A 634 -40.33 58.32 22.17
CA THR A 634 -41.55 57.88 21.48
C THR A 634 -41.35 57.75 19.97
N GLY A 635 -41.52 56.52 19.49
CA GLY A 635 -41.42 56.21 18.06
C GLY A 635 -40.02 56.17 17.49
N VAL A 636 -38.99 56.31 18.33
CA VAL A 636 -37.60 56.40 17.87
C VAL A 636 -36.77 55.31 18.54
N TYR A 637 -36.18 54.44 17.71
CA TYR A 637 -35.44 53.26 18.17
C TYR A 637 -34.06 53.27 17.58
N ARG A 638 -33.04 52.95 18.37
CA ARG A 638 -31.67 52.88 17.90
C ARG A 638 -31.26 51.43 17.75
N VAL A 639 -30.79 51.07 16.56
CA VAL A 639 -30.08 49.82 16.33
C VAL A 639 -28.62 50.17 16.54
N GLU A 640 -28.09 49.87 17.72
CA GLU A 640 -26.83 50.46 18.17
C GLU A 640 -25.83 49.43 18.63
N ARG A 641 -24.58 49.86 18.66
CA ARG A 641 -23.48 49.01 19.10
C ARG A 641 -23.40 49.00 20.60
N VAL A 642 -23.23 47.82 21.18
CA VAL A 642 -22.98 47.72 22.61
C VAL A 642 -21.50 47.99 22.91
N SER A 643 -21.21 48.18 24.19
CA SER A 643 -19.85 48.49 24.63
C SER A 643 -18.87 47.42 24.16
N GLY A 644 -17.78 47.85 23.53
CA GLY A 644 -16.76 46.93 23.06
C GLY A 644 -16.93 46.51 21.60
N ASN A 645 -18.10 46.73 21.02
CA ASN A 645 -18.28 46.47 19.59
C ASN A 645 -17.73 47.64 18.80
N THR A 646 -16.56 47.44 18.19
CA THR A 646 -15.94 48.47 17.33
C THR A 646 -16.11 48.16 15.84
N SER A 647 -16.92 47.15 15.53
CA SER A 647 -17.18 46.81 14.14
C SER A 647 -18.14 47.83 13.54
N VAL A 648 -18.10 47.97 12.22
CA VAL A 648 -18.92 48.95 11.52
C VAL A 648 -19.73 48.34 10.37
N ILE A 649 -20.76 49.07 9.97
CA ILE A 649 -21.51 48.84 8.75
C ILE A 649 -20.88 49.68 7.65
N THR A 650 -20.60 49.05 6.52
CA THR A 650 -20.06 49.74 5.36
C THR A 650 -20.99 49.54 4.16
N ASN A 651 -21.72 50.58 3.79
CA ASN A 651 -22.57 50.57 2.62
C ASN A 651 -23.57 49.40 2.62
N GLY A 652 -24.17 49.16 3.77
CA GLY A 652 -25.04 48.01 3.98
C GLY A 652 -26.45 48.18 3.47
N HIS A 653 -27.14 47.06 3.40
CA HIS A 653 -28.54 47.02 3.00
C HIS A 653 -29.38 46.98 4.28
N ILE A 654 -30.54 47.65 4.27
CA ILE A 654 -31.40 47.72 5.45
C ILE A 654 -32.86 47.45 5.10
N VAL A 655 -33.46 46.49 5.81
CA VAL A 655 -34.86 46.17 5.69
C VAL A 655 -35.50 46.15 7.08
N VAL A 656 -36.54 46.95 7.26
CA VAL A 656 -37.28 46.93 8.51
C VAL A 656 -38.52 46.05 8.33
N GLY A 657 -38.80 45.25 9.36
CA GLY A 657 -39.90 44.32 9.35
C GLY A 657 -41.20 44.90 9.84
N SER A 658 -42.10 44.00 10.24
CA SER A 658 -43.49 44.34 10.47
C SER A 658 -43.74 44.58 11.93
N PRO A 659 -44.50 45.63 12.25
CA PRO A 659 -44.73 45.95 13.67
C PRO A 659 -45.92 45.20 14.28
N LEU A 660 -45.71 44.75 15.53
CA LEU A 660 -46.77 44.30 16.40
C LEU A 660 -47.10 45.47 17.33
N MET A 661 -48.28 46.04 17.15
CA MET A 661 -48.66 47.27 17.88
C MET A 661 -49.51 46.93 19.10
N GLY A 662 -49.36 47.75 20.15
CA GLY A 662 -50.26 47.70 21.32
C GLY A 662 -50.01 46.63 22.38
N SER A 663 -49.60 45.44 21.93
CA SER A 663 -49.32 44.30 22.81
C SER A 663 -48.38 43.33 22.10
N ARG A 664 -47.88 42.35 22.83
CA ARG A 664 -47.00 41.35 22.24
C ARG A 664 -47.68 40.57 21.13
N LEU A 665 -48.96 40.23 21.35
CA LEU A 665 -49.76 39.54 20.35
C LEU A 665 -50.03 40.44 19.15
N GLY A 666 -50.21 41.73 19.41
CA GLY A 666 -50.55 42.70 18.38
C GLY A 666 -52.03 43.00 18.33
N THR A 667 -52.36 44.25 18.05
CA THR A 667 -53.74 44.66 17.80
C THR A 667 -54.14 44.45 16.34
N GLY A 668 -53.14 44.38 15.46
CA GLY A 668 -53.40 44.36 14.03
C GLY A 668 -53.28 45.72 13.36
N THR A 669 -53.15 46.80 14.13
CA THR A 669 -52.92 48.12 13.53
C THR A 669 -51.48 48.16 12.95
N GLY A 670 -51.25 49.11 12.05
CA GLY A 670 -49.98 49.18 11.34
C GLY A 670 -49.25 50.47 11.66
N ALA A 671 -48.07 50.64 11.06
CA ALA A 671 -47.32 51.88 11.18
C ALA A 671 -46.31 51.96 10.04
N THR A 672 -45.82 53.16 9.82
CA THR A 672 -44.92 53.45 8.71
C THR A 672 -43.58 53.80 9.29
N HIS A 673 -42.50 53.26 8.71
CA HIS A 673 -41.17 53.52 9.21
C HIS A 673 -40.30 54.34 8.24
N GLY A 674 -39.33 55.03 8.82
CA GLY A 674 -38.20 55.63 8.08
C GLY A 674 -36.95 55.39 8.90
N ILE A 675 -35.78 55.57 8.28
CA ILE A 675 -34.52 55.34 8.99
C ILE A 675 -33.59 56.56 8.93
N GLN A 676 -32.62 56.56 9.84
CA GLN A 676 -31.55 57.56 9.87
C GLN A 676 -30.30 56.86 10.35
N MET A 677 -29.18 57.09 9.69
CA MET A 677 -27.95 56.39 10.06
C MET A 677 -27.32 57.03 11.30
N ILE A 678 -26.56 56.23 12.04
CA ILE A 678 -25.76 56.68 13.17
C ILE A 678 -24.31 56.58 12.73
N GLU A 679 -23.62 57.72 12.71
CA GLU A 679 -22.24 57.77 12.21
C GLU A 679 -21.24 57.33 13.27
N THR A 680 -20.07 56.89 12.83
CA THR A 680 -18.97 56.55 13.74
C THR A 680 -18.14 57.78 14.09
N TYR A 681 -17.98 58.66 13.11
CA TYR A 681 -17.39 60.00 13.28
C TYR A 681 -18.12 60.91 12.31
N ALA A 682 -17.99 62.21 12.50
CA ALA A 682 -18.69 63.20 11.70
C ALA A 682 -18.42 63.04 10.21
N GLY A 683 -19.48 62.75 9.46
CA GLY A 683 -19.38 62.56 8.01
C GLY A 683 -19.03 61.15 7.55
N SER A 684 -18.87 60.22 8.48
CA SER A 684 -18.48 58.85 8.11
C SER A 684 -19.44 58.22 7.10
N TRP A 685 -20.74 58.46 7.27
CA TRP A 685 -21.74 57.87 6.39
C TRP A 685 -21.92 58.71 5.13
N THR A 686 -22.18 59.99 5.33
CA THR A 686 -22.35 60.92 4.23
C THR A 686 -21.23 60.83 3.20
N SER A 687 -19.98 60.79 3.67
CA SER A 687 -18.82 60.78 2.76
C SER A 687 -18.30 59.39 2.42
N TYR A 688 -18.32 58.47 3.37
CA TYR A 688 -17.65 57.17 3.18
C TYR A 688 -18.54 55.93 3.37
N THR A 689 -19.86 56.14 3.51
CA THR A 689 -20.84 55.08 3.82
C THR A 689 -20.42 54.13 4.94
N GLU A 690 -19.83 54.69 6.00
CA GLU A 690 -19.55 53.95 7.21
C GLU A 690 -20.52 54.39 8.28
N ALA A 691 -21.13 53.41 8.96
CA ALA A 691 -22.04 53.69 10.06
C ALA A 691 -21.83 52.78 11.26
N ALA A 692 -22.18 53.29 12.43
CA ALA A 692 -22.18 52.52 13.67
C ALA A 692 -23.48 51.71 13.80
N GLY A 693 -24.55 52.23 13.21
CA GLY A 693 -25.87 51.64 13.32
C GLY A 693 -26.87 52.54 12.63
N PHE A 694 -28.13 52.47 13.05
CA PHE A 694 -29.18 53.28 12.46
C PHE A 694 -30.37 53.39 13.40
N LYS A 695 -31.16 54.42 13.19
CA LYS A 695 -32.39 54.65 13.94
C LYS A 695 -33.58 54.26 13.08
N VAL A 696 -34.61 53.74 13.73
CA VAL A 696 -35.87 53.45 13.08
C VAL A 696 -36.94 54.33 13.74
N PHE A 697 -37.67 55.06 12.90
CA PHE A 697 -38.76 55.96 13.33
C PHE A 697 -40.08 55.35 12.87
N TRP A 698 -41.04 55.23 13.78
CA TRP A 698 -42.35 54.63 13.51
C TRP A 698 -43.45 55.65 13.69
N ARG A 699 -44.35 55.75 12.71
CA ARG A 699 -45.45 56.71 12.74
C ARG A 699 -46.77 56.07 12.34
N ASP A 700 -47.86 56.56 12.93
CA ASP A 700 -49.22 56.09 12.60
C ASP A 700 -49.75 56.79 11.35
N SER A 701 -51.00 56.51 10.96
CA SER A 701 -51.57 57.10 9.74
C SER A 701 -51.77 58.63 9.80
N SER A 702 -51.81 59.20 11.01
CA SER A 702 -51.80 60.66 11.20
C SER A 702 -50.40 61.27 11.19
N ASN A 703 -49.39 60.44 10.95
CA ASN A 703 -48.00 60.84 10.93
C ASN A 703 -47.46 61.21 12.32
N ALA A 704 -48.10 60.68 13.37
CA ALA A 704 -47.61 60.85 14.74
C ALA A 704 -46.68 59.69 15.12
N LEU A 705 -45.61 60.01 15.84
CA LEU A 705 -44.68 58.99 16.33
C LEU A 705 -45.41 58.03 17.25
N VAL A 706 -45.10 56.73 17.12
CA VAL A 706 -45.83 55.67 17.82
C VAL A 706 -44.85 54.53 18.16
N ASP A 707 -45.13 53.83 19.25
CA ASP A 707 -44.26 52.77 19.75
C ASP A 707 -44.82 51.38 19.49
N PRO A 708 -44.22 50.62 18.57
CA PRO A 708 -44.60 49.22 18.50
C PRO A 708 -44.19 48.47 19.77
N HIS A 709 -44.90 47.38 20.06
CA HIS A 709 -44.49 46.47 21.12
C HIS A 709 -43.31 45.62 20.67
N ARG A 710 -43.36 45.18 19.41
CA ARG A 710 -42.33 44.31 18.86
C ARG A 710 -42.15 44.57 17.37
N PHE A 711 -40.90 44.58 16.90
CA PHE A 711 -40.61 44.61 15.47
C PHE A 711 -39.24 44.04 15.16
N THR A 712 -39.08 43.61 13.93
CA THR A 712 -37.85 43.03 13.41
C THR A 712 -37.12 44.03 12.48
N VAL A 713 -35.79 43.96 12.47
CA VAL A 713 -34.97 44.57 11.44
C VAL A 713 -34.05 43.53 10.83
N ALA A 714 -33.72 43.71 9.56
CA ALA A 714 -32.73 42.89 8.88
C ALA A 714 -31.75 43.83 8.21
N PHE A 715 -30.47 43.55 8.37
CA PHE A 715 -29.45 44.38 7.74
C PHE A 715 -28.18 43.62 7.45
N THR A 716 -27.38 44.18 6.55
CA THR A 716 -26.07 43.63 6.22
C THR A 716 -25.00 44.66 6.62
N ALA A 717 -23.82 44.17 6.96
CA ALA A 717 -22.69 45.02 7.34
C ALA A 717 -21.82 45.41 6.15
N THR A 718 -22.05 44.79 4.99
CA THR A 718 -21.41 45.18 3.73
C THR A 718 -22.46 45.21 2.64
N SER A 719 -22.09 45.80 1.52
CA SER A 719 -22.91 45.77 0.32
C SER A 719 -22.83 44.39 -0.32
N GLN B 172 60.99 -57.10 -1.10
CA GLN B 172 59.82 -56.57 -1.88
C GLN B 172 58.57 -57.45 -1.85
N THR B 173 58.74 -58.72 -1.53
CA THR B 173 57.68 -59.74 -1.62
C THR B 173 56.54 -59.65 -0.57
N GLN B 174 56.73 -58.89 0.51
CA GLN B 174 55.75 -58.81 1.60
C GLN B 174 54.94 -57.49 1.62
N TYR B 175 55.02 -56.73 0.54
CA TYR B 175 54.21 -55.53 0.35
C TYR B 175 54.09 -55.27 -1.13
N TYR B 176 53.23 -54.34 -1.49
CA TYR B 176 53.00 -53.99 -2.88
C TYR B 176 53.63 -52.64 -3.20
N LEU B 177 54.57 -52.66 -4.13
CA LEU B 177 55.24 -51.47 -4.64
C LEU B 177 56.06 -51.88 -5.86
N LYS B 178 55.73 -51.30 -7.01
CA LYS B 178 56.52 -51.51 -8.24
C LYS B 178 56.56 -50.19 -8.98
N TYR B 179 57.77 -49.72 -9.29
CA TYR B 179 57.96 -48.53 -10.10
C TYR B 179 58.12 -48.90 -11.57
N PHE B 180 58.03 -47.91 -12.43
CA PHE B 180 58.18 -48.11 -13.88
C PHE B 180 59.56 -48.69 -14.17
N ASN B 181 59.60 -49.67 -15.05
CA ASN B 181 60.83 -50.32 -15.49
C ASN B 181 60.84 -50.32 -17.03
N PRO B 182 61.80 -49.63 -17.66
CA PRO B 182 61.80 -49.57 -19.13
C PRO B 182 61.95 -50.92 -19.88
N GLU B 183 62.38 -51.97 -19.18
CA GLU B 183 62.50 -53.32 -19.78
C GLU B 183 61.17 -54.09 -19.86
N ILE B 184 60.12 -53.58 -19.24
CA ILE B 184 58.87 -54.31 -19.10
C ILE B 184 57.83 -53.83 -20.11
N VAL B 185 57.02 -54.77 -20.59
CA VAL B 185 55.86 -54.47 -21.42
C VAL B 185 54.62 -54.64 -20.52
N TYR B 186 53.91 -53.55 -20.28
CA TYR B 186 52.77 -53.57 -19.37
C TYR B 186 51.48 -53.90 -20.12
N PRO B 187 50.78 -54.97 -19.73
CA PRO B 187 49.51 -55.25 -20.41
C PRO B 187 48.40 -54.29 -19.98
N LYS B 188 47.30 -54.31 -20.72
CA LYS B 188 46.14 -53.52 -20.37
C LYS B 188 45.72 -53.89 -18.94
N ASN B 189 45.34 -52.89 -18.16
CA ASN B 189 44.92 -53.04 -16.75
C ASN B 189 46.03 -53.29 -15.73
N ALA B 190 47.28 -53.39 -16.17
CA ALA B 190 48.39 -53.52 -15.25
C ALA B 190 48.51 -52.26 -14.40
N ARG B 191 48.85 -52.45 -13.12
CA ARG B 191 49.05 -51.34 -12.20
C ARG B 191 50.48 -51.29 -11.69
N ILE B 192 51.03 -50.09 -11.66
CA ILE B 192 52.32 -49.78 -11.06
C ILE B 192 52.23 -48.45 -10.35
N MET B 193 53.28 -48.08 -9.64
CA MET B 193 53.36 -46.79 -8.98
C MET B 193 54.19 -45.80 -9.78
N LEU B 194 53.72 -44.57 -9.84
CA LEU B 194 54.55 -43.42 -10.20
C LEU B 194 55.63 -43.24 -9.15
N ASP B 195 56.67 -42.50 -9.51
CA ASP B 195 57.77 -42.22 -8.59
C ASP B 195 57.32 -41.50 -7.29
N ASN B 196 56.23 -40.74 -7.38
CA ASN B 196 55.61 -40.14 -6.18
C ASN B 196 54.71 -41.08 -5.36
N GLY B 197 54.59 -42.35 -5.76
CA GLY B 197 53.80 -43.35 -5.05
C GLY B 197 52.37 -43.56 -5.47
N ASP B 198 51.82 -42.66 -6.30
CA ASP B 198 50.47 -42.81 -6.79
C ASP B 198 50.38 -43.94 -7.83
N ILE B 199 49.31 -44.73 -7.74
CA ILE B 199 49.13 -45.87 -8.62
C ILE B 199 48.54 -45.40 -9.95
N VAL B 200 49.08 -45.95 -11.04
CA VAL B 200 48.52 -45.77 -12.36
C VAL B 200 48.14 -47.11 -12.96
N ARG B 201 47.16 -47.08 -13.85
CA ARG B 201 46.64 -48.27 -14.51
C ARG B 201 46.79 -48.11 -16.03
N SER B 202 47.32 -49.12 -16.69
CA SER B 202 47.45 -49.06 -18.15
C SER B 202 46.10 -49.23 -18.81
N THR B 203 45.79 -48.35 -19.75
CA THR B 203 44.55 -48.44 -20.51
C THR B 203 44.75 -49.00 -21.91
N VAL B 204 45.99 -49.40 -22.22
CA VAL B 204 46.33 -49.93 -23.56
C VAL B 204 47.14 -51.21 -23.44
N VAL B 205 47.03 -52.07 -24.45
CA VAL B 205 47.89 -53.26 -24.57
C VAL B 205 49.32 -52.82 -24.88
N ASN B 206 50.29 -53.67 -24.60
CA ASN B 206 51.69 -53.43 -24.99
C ASN B 206 52.23 -52.07 -24.59
N ASN B 207 51.94 -51.64 -23.36
CA ASN B 207 52.32 -50.32 -22.91
C ASN B 207 53.78 -50.30 -22.48
N THR B 208 54.58 -49.48 -23.16
CA THR B 208 56.00 -49.30 -22.85
C THR B 208 56.35 -47.83 -22.59
N SER B 209 55.33 -46.98 -22.38
CA SER B 209 55.54 -45.57 -22.13
C SER B 209 55.67 -45.33 -20.63
N ASN B 210 56.60 -44.46 -20.27
CA ASN B 210 56.86 -44.13 -18.87
C ASN B 210 55.80 -43.14 -18.37
N PRO B 211 54.94 -43.59 -17.43
CA PRO B 211 53.86 -42.71 -16.96
C PRO B 211 54.33 -41.48 -16.17
N ASN B 212 55.55 -41.50 -15.68
CA ASN B 212 56.14 -40.35 -14.99
C ASN B 212 56.43 -39.15 -15.91
N VAL B 213 56.67 -39.41 -17.18
CA VAL B 213 56.88 -38.34 -18.17
C VAL B 213 55.74 -38.23 -19.17
N ASP B 214 55.01 -39.32 -19.41
CA ASP B 214 53.99 -39.38 -20.45
C ASP B 214 52.81 -40.24 -19.99
N MET B 215 51.69 -39.59 -19.67
CA MET B 215 50.49 -40.28 -19.16
C MET B 215 49.56 -40.81 -20.25
N THR B 216 49.94 -40.68 -21.53
CA THR B 216 49.24 -41.37 -22.60
C THR B 216 49.28 -42.89 -22.33
N GLY B 217 48.12 -43.50 -22.35
CA GLY B 217 47.99 -44.95 -22.12
C GLY B 217 47.87 -45.34 -20.65
N TRP B 218 47.80 -44.34 -19.77
CA TRP B 218 47.70 -44.58 -18.31
C TRP B 218 46.62 -43.69 -17.69
N VAL B 219 46.06 -44.13 -16.56
CA VAL B 219 45.19 -43.29 -15.74
C VAL B 219 45.57 -43.43 -14.28
N LYS B 220 45.44 -42.35 -13.52
CA LYS B 220 45.66 -42.39 -12.07
C LYS B 220 44.41 -42.96 -11.40
N VAL B 221 44.59 -44.03 -10.62
CA VAL B 221 43.44 -44.74 -10.05
C VAL B 221 42.77 -43.98 -8.89
N SER B 222 43.49 -43.06 -8.26
CA SER B 222 42.92 -42.27 -7.17
C SER B 222 42.26 -40.96 -7.66
N SER B 223 42.10 -40.80 -8.97
CA SER B 223 41.35 -39.67 -9.52
C SER B 223 39.85 -39.95 -9.46
N VAL B 224 39.07 -38.89 -9.23
CA VAL B 224 37.62 -39.03 -9.19
C VAL B 224 36.99 -39.39 -10.54
N SER B 225 37.74 -39.24 -11.64
CA SER B 225 37.27 -39.77 -12.93
C SER B 225 37.33 -41.30 -13.00
N GLN B 226 37.96 -41.94 -12.02
CA GLN B 226 38.09 -43.39 -11.93
C GLN B 226 37.31 -43.99 -10.77
N ILE B 227 36.52 -43.17 -10.08
CA ILE B 227 35.70 -43.56 -8.94
C ILE B 227 34.26 -43.42 -9.38
N PHE B 228 33.42 -44.39 -9.03
CA PHE B 228 32.07 -44.49 -9.56
C PHE B 228 31.04 -44.58 -8.45
N ASP B 229 29.89 -43.92 -8.66
CA ASP B 229 28.76 -44.10 -7.76
C ASP B 229 27.83 -45.06 -8.49
N GLU B 230 27.77 -46.30 -7.99
CA GLU B 230 27.01 -47.39 -8.62
C GLU B 230 25.50 -47.12 -8.61
N THR B 231 25.02 -46.31 -7.67
CA THR B 231 23.62 -45.91 -7.65
C THR B 231 23.19 -45.25 -8.97
N TYR B 232 24.08 -44.43 -9.56
CA TYR B 232 23.81 -43.69 -10.80
C TYR B 232 24.58 -44.19 -12.02
N ASN B 233 25.58 -45.05 -11.80
CA ASN B 233 26.52 -45.46 -12.85
C ASN B 233 27.20 -44.26 -13.51
N ILE B 234 27.71 -43.36 -12.68
CA ILE B 234 28.48 -42.22 -13.17
C ILE B 234 29.68 -42.03 -12.26
N THR B 235 30.64 -41.26 -12.74
CA THR B 235 31.86 -41.01 -11.97
C THR B 235 31.64 -39.94 -10.90
N GLN B 236 32.46 -39.97 -9.87
CA GLN B 236 32.47 -38.90 -8.89
C GLN B 236 32.79 -37.54 -9.53
N SER B 237 33.60 -37.55 -10.58
CA SER B 237 33.89 -36.35 -11.36
C SER B 237 32.62 -35.59 -11.78
N VAL B 238 31.65 -36.33 -12.28
CA VAL B 238 30.37 -35.76 -12.72
C VAL B 238 29.58 -35.21 -11.52
N ILE B 239 29.55 -35.98 -10.43
CA ILE B 239 28.86 -35.54 -9.23
C ILE B 239 29.47 -34.24 -8.69
N ASN B 240 30.78 -34.11 -8.83
CA ASN B 240 31.47 -32.88 -8.40
C ASN B 240 31.16 -31.65 -9.25
N GLY B 241 30.39 -31.81 -10.33
CA GLY B 241 29.86 -30.67 -11.08
C GLY B 241 28.56 -30.13 -10.51
N ASN B 242 27.99 -30.76 -9.48
CA ASN B 242 26.70 -30.32 -8.95
C ASN B 242 26.77 -28.96 -8.27
N LEU B 243 27.82 -28.75 -7.49
CA LEU B 243 28.03 -27.50 -6.76
C LEU B 243 29.52 -27.20 -6.72
N ILE B 244 29.90 -26.05 -7.26
CA ILE B 244 31.29 -25.60 -7.28
C ILE B 244 31.37 -24.32 -6.45
N THR B 245 32.38 -24.22 -5.59
CA THR B 245 32.58 -23.02 -4.77
C THR B 245 34.00 -22.51 -4.90
N VAL B 246 34.27 -21.39 -4.25
CA VAL B 246 35.63 -20.86 -4.17
C VAL B 246 36.61 -21.86 -3.54
N ASP B 247 36.13 -22.74 -2.66
CA ASP B 247 36.97 -23.80 -2.09
C ASP B 247 37.59 -24.72 -3.16
N ASN B 248 36.88 -24.91 -4.28
CA ASN B 248 37.42 -25.68 -5.42
C ASN B 248 38.68 -25.06 -6.02
N PHE B 249 38.86 -23.76 -5.85
CA PHE B 249 39.98 -23.02 -6.41
C PHE B 249 41.01 -22.62 -5.36
N GLY B 250 40.99 -23.28 -4.20
CA GLY B 250 42.00 -23.09 -3.18
C GLY B 250 41.71 -22.08 -2.08
N ALA B 251 40.48 -21.58 -1.98
CA ALA B 251 40.13 -20.65 -0.92
C ALA B 251 40.13 -21.38 0.42
N LYS B 252 40.70 -20.74 1.44
CA LYS B 252 40.83 -21.36 2.77
C LYS B 252 39.70 -21.02 3.71
N GLY B 253 39.17 -19.80 3.63
CA GLY B 253 38.11 -19.34 4.52
C GLY B 253 38.48 -19.51 6.00
N ASP B 254 39.73 -19.15 6.32
CA ASP B 254 40.31 -19.45 7.64
C ASP B 254 40.51 -18.20 8.50
N GLY B 255 39.97 -17.07 8.05
CA GLY B 255 40.13 -15.80 8.78
C GLY B 255 41.49 -15.13 8.73
N VAL B 256 42.44 -15.69 7.97
CA VAL B 256 43.81 -15.17 7.87
C VAL B 256 44.34 -15.08 6.43
N THR B 257 44.23 -16.17 5.69
CA THR B 257 44.82 -16.27 4.35
C THR B 257 44.04 -15.42 3.35
N ASP B 258 44.76 -14.64 2.53
CA ASP B 258 44.15 -13.90 1.44
C ASP B 258 43.60 -14.90 0.42
N ASP B 259 42.29 -14.87 0.20
CA ASP B 259 41.64 -15.75 -0.79
C ASP B 259 41.32 -15.06 -2.10
N SER B 260 41.77 -13.81 -2.29
CA SER B 260 41.42 -13.07 -3.50
C SER B 260 41.79 -13.80 -4.80
N ALA B 261 42.97 -14.44 -4.83
CA ALA B 261 43.39 -15.16 -6.03
C ALA B 261 42.45 -16.34 -6.35
N ALA B 262 42.01 -17.06 -5.32
CA ALA B 262 41.06 -18.16 -5.49
C ALA B 262 39.68 -17.68 -5.99
N PHE B 263 39.21 -16.57 -5.45
CA PHE B 263 37.95 -15.95 -5.93
C PHE B 263 38.09 -15.56 -7.39
N GLN B 264 39.22 -14.96 -7.76
CA GLN B 264 39.44 -14.58 -9.15
C GLN B 264 39.52 -15.78 -10.08
N ALA B 265 40.18 -16.85 -9.64
CA ALA B 265 40.27 -18.07 -10.44
C ALA B 265 38.90 -18.67 -10.69
N TYR B 266 38.04 -18.64 -9.66
CA TYR B 266 36.65 -19.10 -9.82
C TYR B 266 35.95 -18.33 -10.94
N CYS B 267 36.06 -17.01 -10.89
CA CYS B 267 35.39 -16.15 -11.87
C CYS B 267 35.99 -16.26 -13.28
N ASP B 268 37.27 -16.60 -13.38
CA ASP B 268 37.94 -16.82 -14.68
C ASP B 268 37.73 -18.23 -15.24
N SER B 269 37.20 -19.16 -14.43
CA SER B 269 37.11 -20.56 -14.83
C SER B 269 36.01 -20.81 -15.84
N ALA B 270 36.29 -21.75 -16.76
CA ALA B 270 35.29 -22.27 -17.70
C ALA B 270 34.26 -23.20 -17.06
N LEU B 271 34.50 -23.64 -15.84
CA LEU B 271 33.67 -24.65 -15.20
C LEU B 271 32.52 -24.08 -14.40
N THR B 272 32.59 -22.79 -14.06
CA THR B 272 31.66 -22.19 -13.09
C THR B 272 30.45 -21.53 -13.73
N GLY B 273 29.35 -21.48 -12.97
CA GLY B 273 28.06 -21.04 -13.50
C GLY B 273 27.82 -19.55 -13.34
N GLN B 274 26.54 -19.19 -13.27
CA GLN B 274 26.12 -17.78 -13.20
C GLN B 274 26.67 -17.05 -11.98
N ASN B 275 26.75 -17.75 -10.85
CA ASN B 275 27.14 -17.11 -9.60
C ASN B 275 28.39 -17.71 -8.97
N LEU B 276 29.06 -16.90 -8.16
CA LEU B 276 30.10 -17.36 -7.25
C LEU B 276 29.48 -17.80 -5.93
N TYR B 277 29.89 -18.98 -5.46
CA TYR B 277 29.41 -19.58 -4.21
C TYR B 277 30.55 -19.71 -3.21
N LEU B 278 30.24 -19.48 -1.94
CA LEU B 278 31.15 -19.82 -0.86
C LEU B 278 30.92 -21.28 -0.42
N GLY B 279 31.93 -21.87 0.21
CA GLY B 279 31.83 -23.19 0.83
C GLY B 279 30.95 -23.13 2.07
N ALA B 280 30.69 -24.28 2.67
CA ALA B 280 29.75 -24.37 3.80
C ALA B 280 30.12 -23.49 4.98
N LYS B 281 31.40 -23.53 5.35
CA LYS B 281 31.89 -22.77 6.50
C LYS B 281 33.14 -22.02 6.12
N GLY B 282 33.19 -20.73 6.46
CA GLY B 282 34.42 -20.00 6.33
C GLY B 282 34.30 -18.51 6.45
N ARG B 283 35.38 -17.90 6.96
CA ARG B 283 35.55 -16.47 7.01
C ARG B 283 36.62 -16.15 5.96
N TYR B 284 36.17 -15.71 4.79
CA TYR B 284 37.04 -15.55 3.64
C TYR B 284 37.65 -14.14 3.58
N ILE B 285 38.96 -14.06 3.78
CA ILE B 285 39.70 -12.80 3.75
C ILE B 285 39.97 -12.42 2.30
N LEU B 286 39.72 -11.16 1.95
CA LEU B 286 40.11 -10.61 0.67
C LEU B 286 40.97 -9.38 0.89
N LYS B 287 42.17 -9.38 0.32
CA LYS B 287 43.11 -8.24 0.40
C LYS B 287 43.31 -7.55 -0.93
N ASN B 288 42.69 -8.06 -1.99
CA ASN B 288 42.75 -7.48 -3.30
C ASN B 288 41.38 -7.49 -3.95
N GLN B 289 41.17 -6.54 -4.86
CA GLN B 289 39.94 -6.41 -5.60
C GLN B 289 39.68 -7.67 -6.41
N VAL B 290 38.43 -8.12 -6.42
CA VAL B 290 38.01 -9.25 -7.23
C VAL B 290 37.11 -8.73 -8.35
N ASP B 291 37.42 -9.11 -9.57
CA ASP B 291 36.57 -8.83 -10.72
C ASP B 291 35.65 -10.04 -10.94
N LEU B 292 34.36 -9.86 -10.66
CA LEU B 292 33.39 -10.95 -10.75
C LEU B 292 33.09 -11.41 -12.19
N LYS B 293 33.46 -10.61 -13.19
CA LYS B 293 33.31 -11.00 -14.60
C LYS B 293 31.85 -11.32 -14.95
N GLY B 294 30.94 -10.55 -14.36
CA GLY B 294 29.52 -10.75 -14.62
C GLY B 294 28.85 -11.85 -13.81
N LYS B 295 29.59 -12.53 -12.94
CA LYS B 295 28.96 -13.52 -12.06
C LYS B 295 28.31 -12.81 -10.89
N GLY B 296 27.17 -13.32 -10.45
CA GLY B 296 26.55 -12.85 -9.25
C GLY B 296 27.23 -13.47 -8.04
N LEU B 297 26.72 -13.16 -6.86
CA LEU B 297 27.37 -13.55 -5.62
C LEU B 297 26.36 -14.20 -4.67
N VAL B 298 26.63 -15.46 -4.30
CA VAL B 298 25.79 -16.21 -3.37
C VAL B 298 26.66 -16.64 -2.19
N GLY B 299 26.29 -16.20 -0.98
CA GLY B 299 27.10 -16.50 0.20
C GLY B 299 26.69 -17.80 0.86
N ASN B 300 27.11 -17.95 2.10
CA ASN B 300 26.82 -19.13 2.91
C ASN B 300 26.01 -18.75 4.16
N GLY B 301 25.18 -17.74 4.02
CA GLY B 301 24.25 -17.37 5.08
C GLY B 301 24.14 -15.86 5.27
N CYS B 302 22.95 -15.44 5.64
CA CYS B 302 22.67 -14.08 5.98
C CYS B 302 22.60 -14.04 7.50
N GLY B 303 23.67 -13.61 8.13
CA GLY B 303 23.82 -13.67 9.58
C GLY B 303 23.45 -12.39 10.29
N LYS B 304 23.40 -12.47 11.61
CA LYS B 304 23.28 -11.28 12.44
C LYS B 304 24.61 -10.55 12.42
N VAL B 305 24.62 -9.36 12.99
CA VAL B 305 25.81 -8.51 12.99
C VAL B 305 26.63 -8.84 14.24
N SER B 306 27.35 -9.96 14.18
CA SER B 306 28.21 -10.38 15.30
C SER B 306 29.28 -11.36 14.85
N GLU B 307 30.37 -11.42 15.63
CA GLU B 307 31.50 -12.31 15.35
C GLU B 307 31.09 -13.76 15.25
N PHE B 308 30.07 -14.16 16.03
CA PHE B 308 29.55 -15.53 15.96
C PHE B 308 29.23 -15.92 14.52
N TYR B 309 28.53 -15.05 13.80
CA TYR B 309 28.14 -15.32 12.40
C TYR B 309 29.30 -15.10 11.43
N TYR B 310 30.17 -14.12 11.65
CA TYR B 310 31.31 -13.89 10.75
C TYR B 310 32.23 -15.10 10.73
N ASN B 311 32.42 -15.73 11.90
CA ASN B 311 33.27 -16.90 12.02
C ASN B 311 32.69 -18.13 11.33
N LEU B 312 31.37 -18.23 11.25
CA LEU B 312 30.72 -19.35 10.57
C LEU B 312 30.68 -19.16 9.06
N GLY B 313 30.48 -17.94 8.59
CA GLY B 313 30.34 -17.71 7.16
C GLY B 313 30.23 -16.26 6.79
N CYS B 314 31.26 -15.73 6.16
CA CYS B 314 31.21 -14.38 5.60
C CYS B 314 32.37 -14.12 4.67
N ILE B 315 32.24 -13.03 3.93
CA ILE B 315 33.36 -12.42 3.24
C ILE B 315 33.86 -11.29 4.14
N ASP B 316 35.17 -11.27 4.39
CA ASP B 316 35.79 -10.29 5.29
C ASP B 316 36.87 -9.56 4.49
N VAL B 317 36.52 -8.36 4.03
CA VAL B 317 37.42 -7.54 3.24
C VAL B 317 38.42 -6.84 4.15
N ASP B 318 39.71 -6.98 3.82
CA ASP B 318 40.76 -6.33 4.60
C ASP B 318 40.89 -4.87 4.18
N GLY B 319 40.23 -3.99 4.91
CA GLY B 319 40.25 -2.58 4.61
C GLY B 319 41.57 -1.88 4.86
N SER B 320 42.51 -2.55 5.53
CA SER B 320 43.86 -2.02 5.73
C SER B 320 44.78 -2.32 4.56
N SER B 321 44.30 -3.11 3.59
CA SER B 321 45.10 -3.43 2.41
C SER B 321 45.30 -2.22 1.49
N PRO B 322 46.57 -1.83 1.23
CA PRO B 322 46.79 -0.64 0.38
C PRO B 322 46.18 -0.74 -1.00
N ASP B 323 46.11 -1.95 -1.54
CA ASP B 323 45.53 -2.18 -2.87
C ASP B 323 44.01 -1.95 -2.95
N LEU B 324 43.34 -1.89 -1.79
CA LEU B 324 41.89 -1.64 -1.73
C LEU B 324 41.49 -0.21 -1.37
N GLN B 325 42.45 0.60 -0.90
CA GLN B 325 42.14 1.97 -0.48
C GLN B 325 41.47 2.73 -1.61
N GLY B 326 40.33 3.35 -1.31
CA GLY B 326 39.58 4.14 -2.28
C GLY B 326 38.88 3.34 -3.36
N LYS B 327 38.83 2.02 -3.23
CA LYS B 327 38.30 1.15 -4.29
C LYS B 327 37.10 0.33 -3.81
N THR B 328 36.41 -0.27 -4.78
CA THR B 328 35.37 -1.25 -4.48
C THR B 328 35.96 -2.65 -4.50
N ALA B 329 35.63 -3.45 -3.49
CA ALA B 329 36.20 -4.79 -3.32
C ALA B 329 35.82 -5.75 -4.43
N PHE B 330 34.57 -5.70 -4.84
CA PHE B 330 34.03 -6.52 -5.92
C PHE B 330 33.51 -5.63 -7.04
N ILE B 331 33.96 -5.86 -8.26
CA ILE B 331 33.44 -5.15 -9.41
C ILE B 331 32.79 -6.10 -10.39
N ASN B 332 31.99 -5.54 -11.29
CA ASN B 332 31.29 -6.27 -12.36
C ASN B 332 30.41 -7.42 -11.85
N CYS B 333 29.70 -7.17 -10.76
CA CYS B 333 28.76 -8.16 -10.24
C CYS B 333 27.64 -8.42 -11.25
N GLY B 334 27.22 -9.67 -11.34
CA GLY B 334 26.02 -10.06 -12.08
C GLY B 334 24.74 -9.64 -11.38
N PRO B 335 23.60 -10.19 -11.82
CA PRO B 335 22.30 -9.68 -11.38
C PRO B 335 21.85 -10.19 -10.01
N THR B 336 22.65 -11.02 -9.36
CA THR B 336 22.30 -11.64 -8.10
C THR B 336 23.31 -11.29 -7.01
N ILE B 337 22.79 -10.86 -5.85
CA ILE B 337 23.53 -10.90 -4.59
C ILE B 337 22.59 -11.47 -3.54
N GLN B 338 22.93 -12.60 -2.96
CA GLN B 338 22.03 -13.22 -1.99
C GLN B 338 22.69 -14.10 -0.97
N ASN B 339 22.00 -14.25 0.16
CA ASN B 339 22.35 -15.21 1.19
C ASN B 339 23.78 -14.98 1.69
N LEU B 340 24.10 -13.72 1.97
CA LEU B 340 25.48 -13.28 2.13
C LEU B 340 25.68 -12.41 3.35
N THR B 341 26.78 -12.65 4.04
CA THR B 341 27.27 -11.81 5.10
C THR B 341 28.64 -11.28 4.66
N ALA B 342 28.83 -9.97 4.68
CA ALA B 342 30.10 -9.38 4.27
C ALA B 342 30.48 -8.16 5.11
N ARG B 343 31.72 -8.13 5.59
CA ARG B 343 32.23 -7.04 6.39
C ARG B 343 33.56 -6.53 5.85
N CYS B 344 33.88 -5.30 6.23
CA CYS B 344 35.20 -4.71 6.03
C CYS B 344 35.84 -4.53 7.41
N SER B 345 37.00 -5.16 7.59
CA SER B 345 37.77 -5.04 8.82
C SER B 345 38.88 -4.01 8.63
N ASN B 346 39.09 -3.18 9.64
CA ASN B 346 40.22 -2.23 9.69
C ASN B 346 40.26 -1.27 8.51
N GLY B 347 39.08 -0.83 8.07
CA GLY B 347 38.94 0.03 6.90
C GLY B 347 38.55 1.47 7.21
N ALA B 348 38.48 1.83 8.48
CA ALA B 348 38.06 3.18 8.87
C ALA B 348 38.98 4.22 8.23
N GLY B 349 38.39 5.15 7.49
CA GLY B 349 39.13 6.19 6.78
C GLY B 349 39.72 5.83 5.43
N LYS B 350 39.67 4.55 5.05
CA LYS B 350 40.28 4.07 3.80
C LYS B 350 39.37 4.05 2.59
N GLN B 351 38.10 4.44 2.76
CA GLN B 351 37.14 4.52 1.65
C GLN B 351 37.06 3.24 0.81
N VAL B 352 36.88 2.10 1.50
CA VAL B 352 36.74 0.83 0.81
C VAL B 352 35.25 0.57 0.68
N SER B 353 34.77 0.41 -0.53
CA SER B 353 33.35 0.09 -0.79
C SER B 353 33.21 -1.41 -1.09
N PHE B 354 32.00 -1.95 -0.99
CA PHE B 354 31.86 -3.41 -1.07
C PHE B 354 31.70 -3.90 -2.47
N ILE B 355 30.65 -3.49 -3.18
CA ILE B 355 30.33 -4.14 -4.46
C ILE B 355 29.70 -3.20 -5.46
N GLU B 356 30.12 -3.35 -6.73
CA GLU B 356 29.52 -2.64 -7.85
C GLU B 356 28.62 -3.55 -8.67
N ILE B 357 27.40 -3.10 -8.92
CA ILE B 357 26.41 -3.88 -9.63
C ILE B 357 25.64 -2.96 -10.59
N ASP B 358 25.35 -3.46 -11.78
CA ASP B 358 24.64 -2.64 -12.76
C ASP B 358 23.17 -2.45 -12.36
N GLY B 359 22.66 -1.26 -12.62
CA GLY B 359 21.29 -0.92 -12.26
C GLY B 359 20.21 -1.62 -13.05
N TYR B 360 20.53 -2.15 -14.23
CA TYR B 360 19.54 -2.82 -15.09
C TYR B 360 19.47 -4.31 -14.81
N LEU B 361 18.36 -4.73 -14.22
CA LEU B 361 18.07 -6.13 -13.88
C LEU B 361 18.93 -6.65 -12.73
N ALA B 362 18.43 -6.51 -11.50
CA ALA B 362 19.10 -7.10 -10.35
C ALA B 362 18.11 -7.63 -9.34
N ASN B 363 18.51 -8.71 -8.68
CA ASN B 363 17.81 -9.23 -7.51
C ASN B 363 18.83 -9.33 -6.37
N ILE B 364 18.66 -8.48 -5.37
CA ILE B 364 19.51 -8.49 -4.20
C ILE B 364 18.61 -8.84 -3.01
N ASP B 365 18.92 -9.91 -2.30
CA ASP B 365 18.10 -10.28 -1.16
C ASP B 365 18.82 -11.10 -0.11
N HIS B 366 18.41 -10.91 1.14
CA HIS B 366 18.95 -11.67 2.27
C HIS B 366 20.44 -11.45 2.38
N ILE B 367 20.80 -10.19 2.62
CA ILE B 367 22.20 -9.83 2.85
C ILE B 367 22.38 -9.06 4.14
N THR B 368 23.58 -9.21 4.70
CA THR B 368 24.01 -8.45 5.86
C THR B 368 25.37 -7.85 5.49
N LEU B 369 25.47 -6.52 5.48
CA LEU B 369 26.73 -5.81 5.15
C LEU B 369 27.15 -4.92 6.32
N ILE B 370 28.44 -4.97 6.65
CA ILE B 370 28.97 -4.38 7.86
C ILE B 370 30.20 -3.53 7.53
N ASN B 371 30.16 -2.26 7.92
CA ASN B 371 31.19 -1.26 7.57
C ASN B 371 31.17 -0.97 6.07
N PHE B 372 32.34 -0.67 5.48
CA PHE B 372 32.48 -0.17 4.12
C PHE B 372 32.11 1.31 4.04
N TYR B 373 32.54 1.94 2.96
CA TYR B 373 32.29 3.33 2.69
C TYR B 373 30.91 3.46 2.04
N ASN B 374 30.81 3.00 0.81
CA ASN B 374 29.53 2.68 0.19
C ASN B 374 29.36 1.18 0.18
N GLN B 375 28.24 0.68 0.67
CA GLN B 375 28.04 -0.75 0.74
C GLN B 375 27.65 -1.31 -0.62
N ILE B 376 26.59 -0.78 -1.20
CA ILE B 376 26.16 -1.17 -2.53
C ILE B 376 26.38 0.02 -3.46
N VAL B 377 27.20 -0.17 -4.48
CA VAL B 377 27.45 0.86 -5.48
C VAL B 377 26.74 0.43 -6.75
N VAL B 378 25.72 1.16 -7.13
CA VAL B 378 24.93 0.85 -8.31
C VAL B 378 25.56 1.58 -9.47
N LYS B 379 25.85 0.86 -10.55
CA LYS B 379 26.40 1.47 -11.75
C LYS B 379 25.31 1.79 -12.73
N GLN B 380 25.52 2.84 -13.50
CA GLN B 380 24.53 3.42 -14.40
C GLN B 380 23.24 3.76 -13.61
N ALA B 381 22.06 3.42 -14.12
CA ALA B 381 20.81 3.82 -13.47
C ALA B 381 19.94 2.60 -13.21
N LEU B 382 19.13 2.68 -12.15
CA LEU B 382 18.18 1.61 -11.84
C LEU B 382 17.17 1.43 -12.97
N VAL B 383 16.88 0.17 -13.28
CA VAL B 383 15.67 -0.22 -14.01
C VAL B 383 15.49 -1.73 -13.78
N GLY B 384 14.32 -2.13 -13.31
CA GLY B 384 14.06 -3.53 -12.94
C GLY B 384 15.04 -4.02 -11.86
N PHE B 385 15.22 -3.20 -10.83
CA PHE B 385 16.23 -3.41 -9.79
C PHE B 385 15.51 -3.70 -8.48
N ASN B 386 15.66 -4.90 -7.97
CA ASN B 386 14.92 -5.36 -6.79
C ASN B 386 15.84 -5.69 -5.62
N PHE B 387 15.60 -5.02 -4.50
CA PHE B 387 16.46 -5.05 -3.34
C PHE B 387 15.58 -5.30 -2.11
N THR B 388 15.79 -6.41 -1.40
CA THR B 388 14.97 -6.72 -0.22
C THR B 388 15.70 -7.47 0.87
N ASN B 389 15.26 -7.29 2.12
CA ASN B 389 15.73 -8.08 3.25
C ASN B 389 17.22 -7.93 3.46
N ALA B 390 17.61 -6.75 3.92
CA ALA B 390 19.01 -6.40 4.06
C ALA B 390 19.24 -5.70 5.38
N TRP B 391 20.29 -6.11 6.08
CA TRP B 391 20.73 -5.46 7.30
C TRP B 391 22.05 -4.75 6.97
N LEU B 392 22.00 -3.43 6.91
CA LEU B 392 23.11 -2.63 6.41
C LEU B 392 23.63 -1.77 7.55
N TYR B 393 24.69 -2.23 8.20
CA TYR B 393 25.17 -1.62 9.44
C TYR B 393 26.54 -0.91 9.24
N TYR B 394 26.66 0.26 9.84
CA TYR B 394 27.94 0.96 10.01
C TYR B 394 28.61 1.48 8.75
N SER B 395 27.86 1.72 7.68
CA SER B 395 28.44 2.33 6.49
C SER B 395 28.97 3.71 6.83
N GLN B 396 30.03 4.14 6.16
CA GLN B 396 30.68 5.41 6.44
C GLN B 396 30.13 6.54 5.59
N ASN B 397 29.63 6.22 4.40
CA ASN B 397 29.03 7.20 3.50
C ASN B 397 27.57 6.89 3.14
N ALA B 398 27.31 5.68 2.68
CA ALA B 398 25.95 5.29 2.29
C ALA B 398 25.79 3.78 2.27
N GLY B 399 24.58 3.33 2.58
CA GLY B 399 24.22 1.91 2.39
C GLY B 399 24.16 1.59 0.90
N ILE B 400 23.49 2.47 0.16
CA ILE B 400 23.26 2.31 -1.27
C ILE B 400 23.57 3.65 -1.93
N TYR B 401 24.46 3.61 -2.93
CA TYR B 401 24.88 4.80 -3.66
C TYR B 401 24.70 4.62 -5.16
N CYS B 402 23.97 5.55 -5.78
CA CYS B 402 23.78 5.58 -7.23
C CYS B 402 24.18 6.97 -7.81
N GLU B 403 25.32 7.01 -8.48
CA GLU B 403 25.84 8.23 -9.08
C GLU B 403 25.04 8.64 -10.31
N ASP B 404 24.76 7.66 -11.18
CA ASP B 404 24.13 7.88 -12.49
C ASP B 404 24.87 8.98 -13.28
N PRO B 405 26.19 8.79 -13.52
CA PRO B 405 27.02 9.82 -14.17
C PRO B 405 26.51 10.35 -15.51
N LEU B 406 25.84 9.51 -16.29
CA LEU B 406 25.31 9.91 -17.60
C LEU B 406 23.87 10.44 -17.56
N ASN B 407 23.31 10.60 -16.36
CA ASN B 407 21.93 11.08 -16.20
C ASN B 407 20.91 10.28 -17.01
N ARG B 408 21.02 8.95 -16.94
CA ARG B 408 20.07 8.07 -17.60
C ARG B 408 18.66 8.18 -16.97
N VAL B 409 18.63 8.51 -15.68
CA VAL B 409 17.41 8.55 -14.85
C VAL B 409 17.02 7.15 -14.38
N SER B 410 17.06 6.95 -13.07
CA SER B 410 16.70 5.69 -12.44
C SER B 410 15.19 5.50 -12.40
N THR B 411 14.75 4.28 -12.71
CA THR B 411 13.33 3.94 -12.65
C THR B 411 13.13 2.57 -12.02
N THR B 412 11.89 2.29 -11.65
CA THR B 412 11.42 0.94 -11.37
C THR B 412 12.40 0.11 -10.50
N GLY B 413 12.83 0.72 -9.41
CA GLY B 413 13.59 0.03 -8.38
C GLY B 413 12.70 -0.22 -7.17
N THR B 414 12.87 -1.36 -6.51
CA THR B 414 12.14 -1.66 -5.29
C THR B 414 13.13 -1.86 -4.15
N PHE B 415 12.82 -1.26 -3.00
CA PHE B 415 13.66 -1.31 -1.79
C PHE B 415 12.77 -1.64 -0.61
N HIS B 416 12.82 -2.89 -0.14
CA HIS B 416 11.90 -3.39 0.88
C HIS B 416 12.67 -4.05 2.01
N ASN B 417 12.18 -3.90 3.22
CA ASN B 417 12.68 -4.65 4.38
C ASN B 417 14.17 -4.43 4.59
N ILE B 418 14.55 -3.17 4.70
CA ILE B 418 15.96 -2.79 4.86
C ILE B 418 16.13 -2.10 6.20
N TYR B 419 17.08 -2.61 6.97
CA TYR B 419 17.44 -2.05 8.27
C TYR B 419 18.81 -1.36 8.14
N PHE B 420 18.81 -0.03 8.15
CA PHE B 420 20.04 0.76 8.13
C PHE B 420 20.33 1.17 9.59
N GLN B 421 21.50 0.81 10.10
CA GLN B 421 21.84 1.11 11.50
C GLN B 421 23.25 1.65 11.63
N LEU B 422 23.36 2.75 12.39
CA LEU B 422 24.66 3.30 12.86
C LEU B 422 25.64 3.67 11.75
N GLY B 423 25.10 4.16 10.64
CA GLY B 423 25.89 4.67 9.54
C GLY B 423 26.33 6.10 9.82
N ASP B 424 27.55 6.43 9.43
CA ASP B 424 28.07 7.81 9.57
C ASP B 424 27.48 8.76 8.54
N GLY B 425 26.89 8.24 7.46
CA GLY B 425 26.35 9.06 6.39
C GLY B 425 24.84 8.83 6.20
N HIS B 426 24.43 8.66 4.94
CA HIS B 426 23.04 8.47 4.59
C HIS B 426 22.72 6.99 4.44
N ALA B 427 21.44 6.66 4.45
CA ALA B 427 21.00 5.32 4.07
C ALA B 427 21.20 5.11 2.57
N MET B 428 20.62 6.02 1.79
CA MET B 428 20.67 5.95 0.32
C MET B 428 20.96 7.32 -0.26
N ILE B 429 21.88 7.35 -1.20
CA ILE B 429 22.19 8.57 -1.96
C ILE B 429 22.05 8.30 -3.44
N PHE B 430 21.13 9.04 -4.06
CA PHE B 430 21.06 9.19 -5.50
C PHE B 430 21.59 10.57 -5.85
N ASP B 431 22.70 10.65 -6.59
CA ASP B 431 23.19 11.99 -7.03
C ASP B 431 22.22 12.69 -7.95
N ARG B 432 21.39 11.93 -8.67
CA ARG B 432 20.49 12.51 -9.63
C ARG B 432 19.04 12.05 -9.41
N ASP B 433 18.36 11.57 -10.46
CA ASP B 433 16.90 11.53 -10.48
C ASP B 433 16.36 10.12 -10.34
N VAL B 434 15.23 9.99 -9.62
CA VAL B 434 14.58 8.69 -9.39
C VAL B 434 13.09 8.81 -9.70
N HIS B 435 12.59 7.92 -10.55
CA HIS B 435 11.20 7.87 -10.98
C HIS B 435 10.62 6.46 -10.76
N GLY B 436 9.42 6.37 -10.22
CA GLY B 436 8.67 5.11 -10.20
C GLY B 436 9.28 4.02 -9.34
N CYS B 437 10.04 4.40 -8.31
CA CYS B 437 10.65 3.45 -7.42
C CYS B 437 9.76 3.27 -6.20
N ASP B 438 9.93 2.16 -5.50
CA ASP B 438 9.08 1.81 -4.35
C ASP B 438 9.97 1.53 -3.15
N PHE B 439 9.64 2.15 -2.01
CA PHE B 439 10.39 2.00 -0.75
C PHE B 439 9.40 1.63 0.35
N ASP B 440 9.62 0.52 1.04
CA ASP B 440 8.65 0.04 2.07
C ASP B 440 9.34 -0.73 3.18
N ASN B 441 8.87 -0.53 4.41
CA ASN B 441 9.37 -1.24 5.59
C ASN B 441 10.88 -1.06 5.74
N ILE B 442 11.24 0.20 5.86
CA ILE B 442 12.61 0.62 5.98
C ILE B 442 12.80 1.18 7.39
N ILE B 443 13.96 0.87 7.99
CA ILE B 443 14.32 1.36 9.30
C ILE B 443 15.61 2.17 9.18
N PHE B 444 15.60 3.38 9.75
CA PHE B 444 16.81 4.19 9.94
C PHE B 444 17.03 4.29 11.43
N GLU B 445 18.05 3.63 11.95
CA GLU B 445 18.38 3.69 13.37
C GLU B 445 19.76 4.30 13.57
N SER B 446 19.82 5.48 14.19
CA SER B 446 21.08 6.20 14.41
C SER B 446 21.92 6.33 13.13
N MET B 447 21.30 6.85 12.08
CA MET B 447 22.00 7.21 10.85
C MET B 447 22.24 8.71 10.90
N ASN B 448 23.00 9.23 9.95
CA ASN B 448 23.14 10.69 9.79
C ASN B 448 22.44 11.26 8.57
N GLY B 449 21.54 10.47 7.99
CA GLY B 449 20.77 10.89 6.85
C GLY B 449 19.89 9.74 6.38
N GLY B 450 18.79 10.06 5.73
CA GLY B 450 17.87 9.02 5.24
C GLY B 450 18.13 8.79 3.76
N ILE B 451 17.12 9.02 2.95
CA ILE B 451 17.23 8.93 1.49
C ILE B 451 17.44 10.32 0.95
N LYS B 452 18.48 10.48 0.13
CA LYS B 452 18.79 11.75 -0.51
C LYS B 452 18.79 11.57 -2.01
N ALA B 453 18.16 12.50 -2.71
CA ALA B 453 18.15 12.49 -4.16
C ALA B 453 17.99 13.91 -4.68
N ARG B 454 18.34 14.11 -5.95
CA ARG B 454 18.10 15.37 -6.63
C ARG B 454 16.63 15.57 -7.01
N THR B 455 16.03 14.50 -7.53
CA THR B 455 14.64 14.48 -7.97
C THR B 455 14.00 13.17 -7.57
N VAL B 456 12.78 13.25 -7.06
CA VAL B 456 11.98 12.08 -6.69
C VAL B 456 10.59 12.27 -7.25
N ALA B 457 10.29 11.51 -8.29
CA ALA B 457 9.10 11.66 -9.10
C ALA B 457 8.30 10.35 -9.16
N HIS B 458 7.01 10.41 -8.84
CA HIS B 458 6.13 9.26 -8.98
C HIS B 458 6.66 8.00 -8.29
N CYS B 459 7.22 8.18 -7.10
CA CYS B 459 7.71 7.08 -6.28
C CYS B 459 6.68 6.73 -5.19
N GLY B 460 6.73 5.50 -4.72
CA GLY B 460 5.89 5.05 -3.61
C GLY B 460 6.74 4.90 -2.35
N PHE B 461 6.23 5.41 -1.25
CA PHE B 461 6.86 5.27 0.05
C PHE B 461 5.86 4.69 1.02
N GLY B 462 6.24 3.58 1.64
CA GLY B 462 5.43 2.90 2.62
C GLY B 462 5.91 3.21 4.03
N LYS B 463 6.04 2.19 4.86
CA LYS B 463 6.37 2.38 6.26
C LYS B 463 7.86 2.61 6.48
N PHE B 464 8.17 3.62 7.29
CA PHE B 464 9.54 3.95 7.69
C PHE B 464 9.54 4.12 9.20
N TRP B 465 10.56 3.58 9.83
CA TRP B 465 10.76 3.75 11.26
C TRP B 465 12.12 4.44 11.41
N CYS B 466 12.10 5.71 11.79
CA CYS B 466 13.30 6.54 11.87
C CYS B 466 13.54 6.90 13.33
N GLU B 467 14.57 6.31 13.92
CA GLU B 467 14.84 6.45 15.34
C GLU B 467 16.31 6.80 15.60
N ASN B 468 16.53 8.04 16.02
CA ASN B 468 17.83 8.57 16.45
C ASN B 468 18.77 8.87 15.31
N LEU B 469 19.64 9.83 15.55
CA LEU B 469 20.69 10.22 14.63
C LEU B 469 22.04 9.91 15.28
N LYS B 470 23.06 9.60 14.48
CA LYS B 470 24.35 9.18 15.02
C LYS B 470 25.09 10.38 15.65
N THR B 471 25.34 11.41 14.86
CA THR B 471 25.92 12.66 15.35
C THR B 471 25.16 13.91 14.96
N ALA B 472 24.36 13.86 13.90
CA ALA B 472 23.55 14.99 13.47
C ALA B 472 22.46 15.31 14.48
N THR B 473 21.94 16.53 14.44
CA THR B 473 20.91 16.95 15.39
C THR B 473 19.53 16.90 14.76
N SER B 474 19.43 17.16 13.46
CA SER B 474 18.15 17.14 12.76
C SER B 474 18.34 16.76 11.30
N LYS B 475 17.56 15.80 10.80
CA LYS B 475 17.62 15.38 9.40
C LYS B 475 16.23 14.96 8.91
N ASP B 476 15.91 15.31 7.67
CA ASP B 476 14.69 14.83 7.04
C ASP B 476 14.88 13.36 6.62
N TRP B 477 13.85 12.54 6.81
CA TRP B 477 13.91 11.13 6.41
C TRP B 477 14.09 10.99 4.87
N LEU B 478 13.49 11.93 4.14
CA LEU B 478 13.63 12.06 2.71
C LEU B 478 14.05 13.47 2.37
N GLU B 479 15.16 13.59 1.67
CA GLU B 479 15.80 14.86 1.37
C GLU B 479 15.91 14.95 -0.15
N VAL B 480 15.15 15.87 -0.76
CA VAL B 480 15.15 16.04 -2.21
C VAL B 480 15.66 17.45 -2.52
N THR B 481 16.76 17.54 -3.28
CA THR B 481 17.53 18.79 -3.33
C THR B 481 17.08 19.74 -4.44
N GLY B 482 16.56 19.21 -5.55
CA GLY B 482 16.10 20.03 -6.66
C GLY B 482 14.85 20.86 -6.35
N ALA B 483 14.78 22.07 -6.92
CA ALA B 483 13.59 22.92 -6.74
C ALA B 483 12.40 22.32 -7.51
N ASN B 484 11.26 22.19 -6.84
CA ASN B 484 10.05 21.54 -7.38
C ASN B 484 10.33 20.18 -8.00
N SER B 485 11.30 19.47 -7.43
CA SER B 485 11.76 18.19 -7.99
C SER B 485 11.27 16.99 -7.18
N CYS B 486 10.45 17.23 -6.16
CA CYS B 486 9.74 16.16 -5.48
C CYS B 486 8.26 16.28 -5.81
N TYR B 487 7.76 15.37 -6.65
CA TYR B 487 6.39 15.46 -7.14
C TYR B 487 5.82 14.12 -7.57
N GLY B 488 4.50 14.01 -7.57
CA GLY B 488 3.82 12.83 -8.07
C GLY B 488 3.88 11.60 -7.18
N ASN B 489 4.32 11.78 -5.94
CA ASN B 489 4.65 10.67 -5.08
C ASN B 489 3.48 10.20 -4.23
N SER B 490 3.62 8.99 -3.73
CA SER B 490 2.66 8.37 -2.81
C SER B 490 3.38 8.14 -1.47
N PHE B 491 3.01 8.92 -0.46
CA PHE B 491 3.53 8.72 0.90
C PHE B 491 2.42 8.02 1.69
N THR B 492 2.32 6.71 1.50
CA THR B 492 1.11 5.97 1.91
C THR B 492 1.35 4.97 3.04
N GLY B 493 2.40 5.16 3.81
CA GLY B 493 2.59 4.44 5.06
C GLY B 493 2.97 5.40 6.16
N TYR B 494 2.77 4.99 7.41
CA TYR B 494 3.16 5.83 8.53
C TYR B 494 4.68 5.95 8.62
N VAL B 495 5.16 7.17 8.83
CA VAL B 495 6.57 7.43 9.05
C VAL B 495 6.78 7.80 10.53
N LYS B 496 7.40 6.90 11.26
CA LYS B 496 7.70 7.09 12.68
C LYS B 496 8.98 7.93 12.78
N LEU B 497 8.89 9.04 13.53
CA LEU B 497 10.02 9.97 13.70
C LEU B 497 10.36 10.11 15.18
N LEU B 498 11.58 9.71 15.54
CA LEU B 498 12.04 9.80 16.92
C LEU B 498 13.49 10.27 16.94
N GLY B 499 13.80 11.10 17.94
CA GLY B 499 15.16 11.47 18.24
C GLY B 499 15.84 12.41 17.25
N GLY B 500 15.09 13.22 16.53
CA GLY B 500 15.65 14.24 15.67
C GLY B 500 15.26 14.17 14.20
N TRP B 501 14.70 13.05 13.77
CA TRP B 501 14.21 12.94 12.39
C TRP B 501 13.01 13.87 12.15
N THR B 502 12.98 14.49 10.98
CA THR B 502 11.88 15.38 10.59
C THR B 502 11.30 14.90 9.27
N SER B 503 10.18 15.49 8.87
CA SER B 503 9.55 15.14 7.61
C SER B 503 8.98 16.36 6.89
N LYS B 504 9.11 16.36 5.56
CA LYS B 504 8.45 17.33 4.70
C LYS B 504 7.25 16.72 3.97
N THR B 505 6.77 15.57 4.42
CA THR B 505 5.70 14.82 3.71
C THR B 505 4.45 14.56 4.55
N SER B 506 4.44 15.01 5.81
CA SER B 506 3.31 14.77 6.70
C SER B 506 2.03 15.38 6.13
N PRO B 507 0.89 14.69 6.28
CA PRO B 507 -0.38 15.27 5.84
C PRO B 507 -0.72 16.60 6.53
N THR B 508 -0.30 16.74 7.79
CA THR B 508 -0.64 17.91 8.58
C THR B 508 0.31 19.09 8.38
N LEU B 509 1.37 18.91 7.58
CA LEU B 509 2.30 19.99 7.31
C LEU B 509 1.63 21.07 6.46
N ASP B 510 1.83 22.33 6.82
CA ASP B 510 1.33 23.42 6.01
C ASP B 510 2.03 23.44 4.64
N SER B 511 1.28 23.83 3.62
CA SER B 511 1.83 23.95 2.28
C SER B 511 2.63 25.24 2.15
N LEU B 512 3.58 25.22 1.23
CA LEU B 512 4.35 26.39 0.82
C LEU B 512 3.85 26.84 -0.54
N PRO B 513 4.16 28.10 -0.94
CA PRO B 513 3.80 28.54 -2.28
C PRO B 513 4.50 27.75 -3.39
N THR B 514 5.67 27.21 -3.07
CA THR B 514 6.42 26.40 -4.01
C THR B 514 7.39 25.51 -3.24
N ASN B 515 7.98 24.54 -3.93
CA ASN B 515 8.87 23.54 -3.32
C ASN B 515 8.25 22.64 -2.25
N ASN B 516 6.96 22.36 -2.37
CA ASN B 516 6.37 21.31 -1.53
C ASN B 516 6.91 19.96 -1.99
N TYR B 517 6.94 18.99 -1.08
CA TYR B 517 7.16 17.60 -1.48
C TYR B 517 5.81 17.12 -2.00
N GLY B 518 5.69 17.09 -3.32
CA GLY B 518 4.43 16.89 -4.00
C GLY B 518 3.99 15.44 -3.96
N GLY B 519 2.71 15.25 -3.64
CA GLY B 519 2.13 13.93 -3.64
C GLY B 519 0.92 13.79 -2.74
N VAL B 520 0.44 12.57 -2.69
CA VAL B 520 -0.65 12.17 -1.80
C VAL B 520 -0.01 11.61 -0.55
N SER B 521 -0.58 11.90 0.61
CA SER B 521 -0.05 11.41 1.88
C SER B 521 -1.20 10.79 2.66
N VAL B 522 -1.05 9.51 3.01
CA VAL B 522 -2.12 8.75 3.66
C VAL B 522 -1.56 8.02 4.88
N SER B 523 -2.03 8.39 6.05
CA SER B 523 -1.71 7.68 7.28
C SER B 523 -2.74 8.03 8.34
N ALA B 524 -2.56 7.49 9.54
CA ALA B 524 -3.42 7.85 10.66
C ALA B 524 -3.32 9.32 11.05
N GLU B 525 -2.26 10.01 10.64
CA GLU B 525 -2.13 11.48 10.81
C GLU B 525 -3.07 12.28 9.92
N GLY B 526 -3.53 11.69 8.83
CA GLY B 526 -4.38 12.41 7.90
C GLY B 526 -4.27 11.90 6.48
N ILE B 527 -5.21 12.34 5.67
CA ILE B 527 -5.24 12.03 4.24
C ILE B 527 -5.10 13.37 3.54
N SER B 528 -4.02 13.58 2.80
CA SER B 528 -3.80 14.86 2.15
C SER B 528 -3.25 14.72 0.76
N ILE B 529 -3.33 15.80 0.01
CA ILE B 529 -2.80 15.84 -1.34
C ILE B 529 -2.33 17.26 -1.66
N VAL B 530 -1.17 17.36 -2.32
CA VAL B 530 -0.50 18.64 -2.59
C VAL B 530 0.35 18.50 -3.84
N ASN B 531 0.53 19.61 -4.59
CA ASN B 531 1.49 19.65 -5.69
C ASN B 531 2.72 20.45 -5.28
N ALA B 532 3.82 20.20 -5.98
CA ALA B 532 5.09 20.81 -5.61
C ALA B 532 5.04 22.33 -5.71
N GLY B 533 4.52 22.85 -6.82
CA GLY B 533 4.67 24.26 -7.18
C GLY B 533 3.49 25.17 -6.90
N ASN B 534 2.63 24.79 -5.95
CA ASN B 534 1.45 25.56 -5.62
C ASN B 534 1.06 25.38 -4.15
N LYS B 535 0.45 26.42 -3.58
CA LYS B 535 0.01 26.48 -2.19
C LYS B 535 -1.17 25.55 -1.86
N ALA B 536 -1.92 25.14 -2.88
CA ALA B 536 -3.13 24.34 -2.66
C ALA B 536 -2.81 23.01 -1.97
N LYS B 537 -3.57 22.70 -0.92
CA LYS B 537 -3.43 21.43 -0.23
C LYS B 537 -4.73 21.14 0.49
N MET B 538 -5.26 19.92 0.30
CA MET B 538 -6.45 19.47 1.03
C MET B 538 -6.05 18.37 1.97
N LEU B 539 -6.66 18.41 3.15
CA LEU B 539 -6.40 17.47 4.23
C LEU B 539 -7.75 17.01 4.83
N MET B 540 -7.94 15.70 4.95
CA MET B 540 -9.09 15.13 5.66
C MET B 540 -8.60 14.51 6.96
N LEU B 541 -9.30 14.86 8.04
CA LEU B 541 -9.03 14.40 9.40
C LEU B 541 -10.35 13.92 10.03
N PRO B 542 -10.30 13.27 11.20
CA PRO B 542 -11.56 12.84 11.83
C PRO B 542 -12.62 13.95 12.01
N SER B 543 -12.18 15.18 12.25
CA SER B 543 -13.07 16.32 12.48
C SER B 543 -13.64 16.97 11.21
N GLY B 544 -13.00 16.74 10.07
CA GLY B 544 -13.43 17.39 8.83
C GLY B 544 -12.25 17.65 7.92
N PHE B 545 -12.22 18.86 7.36
CA PHE B 545 -11.29 19.21 6.30
C PHE B 545 -10.48 20.45 6.62
N LYS B 546 -9.27 20.48 6.07
CA LYS B 546 -8.42 21.65 6.18
C LYS B 546 -7.81 21.94 4.81
N THR B 547 -7.67 23.22 4.52
CA THR B 547 -7.14 23.69 3.26
C THR B 547 -5.88 24.53 3.51
N GLY B 548 -4.94 24.44 2.57
CA GLY B 548 -3.70 25.18 2.59
C GLY B 548 -3.70 26.56 1.94
N ASN B 549 -4.73 26.89 1.16
CA ASN B 549 -4.79 28.19 0.45
C ASN B 549 -6.05 29.00 0.73
N ALA B 550 -6.67 28.75 1.89
CA ALA B 550 -7.86 29.45 2.36
C ALA B 550 -9.05 29.33 1.42
N THR B 551 -9.06 28.28 0.59
CA THR B 551 -10.09 28.08 -0.43
C THR B 551 -10.41 26.59 -0.52
N ILE B 552 -11.70 26.30 -0.76
CA ILE B 552 -12.17 24.95 -1.06
C ILE B 552 -13.08 25.05 -2.27
N ASP B 553 -12.75 24.33 -3.34
CA ASP B 553 -13.57 24.26 -4.55
C ASP B 553 -14.50 23.03 -4.51
N GLU B 554 -15.70 23.18 -5.08
CA GLU B 554 -16.64 22.09 -5.32
C GLU B 554 -17.10 22.19 -6.78
N THR B 555 -16.79 21.18 -7.59
CA THR B 555 -17.16 21.21 -8.99
C THR B 555 -17.34 19.81 -9.55
N HIS B 556 -17.51 19.70 -10.87
CA HIS B 556 -17.69 18.42 -11.56
C HIS B 556 -16.34 17.79 -11.88
N ILE B 557 -16.29 16.47 -11.92
CA ILE B 557 -15.10 15.77 -12.38
C ILE B 557 -14.83 16.13 -13.84
N SER B 558 -15.87 16.10 -14.66
CA SER B 558 -15.77 16.50 -16.06
C SER B 558 -15.56 18.01 -16.18
N SER B 559 -14.54 18.43 -16.93
CA SER B 559 -14.29 19.85 -17.16
C SER B 559 -15.29 20.50 -18.11
N SER B 560 -16.03 19.73 -18.89
CA SER B 560 -17.01 20.28 -19.84
C SER B 560 -18.43 20.42 -19.24
N THR B 561 -18.74 19.71 -18.17
CA THR B 561 -20.05 19.85 -17.52
C THR B 561 -20.21 21.22 -16.86
N VAL B 562 -21.32 21.90 -17.15
CA VAL B 562 -21.55 23.28 -16.69
C VAL B 562 -22.90 23.46 -16.01
N THR B 563 -23.49 22.37 -15.52
CA THR B 563 -24.69 22.46 -14.72
C THR B 563 -24.30 22.95 -13.31
N PRO B 564 -25.28 23.45 -12.54
CA PRO B 564 -25.01 23.62 -11.10
C PRO B 564 -24.86 22.27 -10.40
N LEU B 565 -24.42 22.30 -9.14
CA LEU B 565 -24.39 21.13 -8.27
C LEU B 565 -25.56 21.26 -7.33
N VAL B 566 -25.93 20.12 -6.75
CA VAL B 566 -26.88 20.08 -5.65
C VAL B 566 -26.18 19.43 -4.46
N LYS B 567 -26.25 20.09 -3.31
CA LYS B 567 -25.80 19.49 -2.07
C LYS B 567 -26.98 18.96 -1.27
N ARG B 568 -26.84 17.75 -0.73
CA ARG B 568 -27.87 17.15 0.06
C ARG B 568 -27.33 16.96 1.46
N ARG B 569 -28.13 17.31 2.46
CA ARG B 569 -27.66 17.28 3.83
C ARG B 569 -28.76 16.76 4.74
N VAL B 570 -28.39 15.87 5.65
CA VAL B 570 -29.35 15.33 6.62
C VAL B 570 -29.84 16.46 7.53
N ILE B 571 -31.14 16.63 7.61
CA ILE B 571 -31.73 17.64 8.49
C ILE B 571 -32.77 17.09 9.46
N GLY B 572 -33.07 15.80 9.36
CA GLY B 572 -34.14 15.22 10.17
C GLY B 572 -34.51 13.84 9.69
N ALA B 573 -35.74 13.45 10.01
CA ALA B 573 -36.29 12.14 9.71
C ALA B 573 -37.57 12.28 8.92
N ASP B 574 -37.85 11.32 8.02
CA ASP B 574 -39.15 11.26 7.36
C ASP B 574 -40.18 10.59 8.29
N SER B 575 -41.39 10.36 7.79
CA SER B 575 -42.45 9.78 8.64
C SER B 575 -42.17 8.33 9.06
N SER B 576 -41.43 7.59 8.24
CA SER B 576 -41.00 6.23 8.59
C SER B 576 -39.79 6.17 9.54
N GLY B 577 -39.17 7.32 9.84
CA GLY B 577 -38.01 7.40 10.74
C GLY B 577 -36.66 7.30 10.05
N ALA B 578 -36.65 7.20 8.72
CA ALA B 578 -35.41 7.19 7.96
C ALA B 578 -34.85 8.61 7.85
N GLN B 579 -33.55 8.71 7.61
CA GLN B 579 -32.90 10.00 7.43
C GLN B 579 -33.53 10.76 6.28
N TYR B 580 -33.82 12.04 6.47
CA TYR B 580 -34.26 12.89 5.37
C TYR B 580 -33.08 13.80 4.98
N LEU B 581 -32.60 13.64 3.75
CA LEU B 581 -31.57 14.50 3.19
C LEU B 581 -32.24 15.57 2.33
N ALA B 582 -32.06 16.83 2.71
CA ALA B 582 -32.63 17.97 2.00
C ALA B 582 -31.66 18.45 0.94
N SER B 583 -32.19 19.04 -0.15
CA SER B 583 -31.38 19.47 -1.28
C SER B 583 -31.32 20.98 -1.30
N ASP B 584 -30.14 21.53 -1.58
CA ASP B 584 -29.99 22.97 -1.78
C ASP B 584 -30.08 23.36 -3.26
N THR B 585 -30.04 24.66 -3.51
CA THR B 585 -30.04 25.22 -4.86
C THR B 585 -29.01 26.34 -4.87
N TYR B 586 -28.12 26.32 -5.86
CA TYR B 586 -27.17 27.41 -6.06
C TYR B 586 -26.93 27.51 -7.56
N THR B 587 -27.73 28.36 -8.20
CA THR B 587 -27.59 28.63 -9.62
C THR B 587 -27.14 30.08 -9.76
N LYS B 588 -26.99 30.51 -11.01
CA LYS B 588 -26.69 31.92 -11.26
C LYS B 588 -27.79 32.86 -10.77
N LEU B 589 -29.02 32.36 -10.65
CA LEU B 589 -30.17 33.18 -10.32
C LEU B 589 -30.83 32.87 -8.98
N SER B 590 -30.42 31.82 -8.30
CA SER B 590 -31.13 31.38 -7.11
C SER B 590 -30.23 30.73 -6.06
N ARG B 591 -30.46 31.09 -4.80
CA ARG B 591 -29.78 30.43 -3.68
C ARG B 591 -30.81 30.08 -2.63
N LYS B 592 -30.98 28.78 -2.40
CA LYS B 592 -32.00 28.25 -1.47
C LYS B 592 -31.48 27.00 -0.79
N TRP B 593 -32.10 26.67 0.34
CA TRP B 593 -31.88 25.42 1.04
C TRP B 593 -33.25 24.80 1.25
N GLY B 594 -33.41 23.56 0.80
CA GLY B 594 -34.68 22.85 0.88
C GLY B 594 -34.97 22.34 2.27
N THR B 595 -36.25 22.19 2.56
CA THR B 595 -36.69 21.46 3.74
C THR B 595 -38.00 20.73 3.41
N TYR B 596 -38.55 20.02 4.37
CA TYR B 596 -39.80 19.28 4.14
C TYR B 596 -40.50 19.12 5.46
N ASN B 597 -41.82 19.27 5.43
CA ASN B 597 -42.65 19.08 6.60
C ASN B 597 -43.36 17.75 6.40
N HIS B 598 -42.92 16.72 7.14
CA HIS B 598 -43.49 15.40 7.04
C HIS B 598 -44.82 15.24 7.80
N GLY B 599 -45.18 16.22 8.63
CA GLY B 599 -46.50 16.26 9.25
C GLY B 599 -47.58 16.57 8.23
N SER B 600 -47.36 17.61 7.44
CA SER B 600 -48.32 18.06 6.43
C SER B 600 -47.99 17.59 5.02
N ASN B 601 -46.83 16.96 4.85
CA ASN B 601 -46.31 16.59 3.54
C ASN B 601 -46.19 17.73 2.54
N ASN B 602 -45.45 18.77 2.95
CA ASN B 602 -45.16 19.92 2.10
C ASN B 602 -43.67 20.17 2.04
N ALA B 603 -43.14 20.36 0.83
CA ALA B 603 -41.80 20.88 0.66
C ALA B 603 -41.73 22.34 1.16
N GLY B 604 -40.55 22.76 1.57
CA GLY B 604 -40.31 24.15 1.90
C GLY B 604 -38.92 24.56 1.53
N ALA B 605 -38.59 25.82 1.83
CA ALA B 605 -37.27 26.34 1.53
C ALA B 605 -36.92 27.58 2.34
N PHE B 606 -35.62 27.73 2.56
CA PHE B 606 -35.00 28.91 3.14
C PHE B 606 -34.28 29.64 2.01
N TYR B 607 -34.29 30.96 2.03
CA TYR B 607 -33.84 31.78 0.91
C TYR B 607 -32.74 32.76 1.29
N ALA B 608 -31.79 32.92 0.37
CA ALA B 608 -30.81 34.01 0.44
C ALA B 608 -31.10 34.91 -0.76
N PRO B 609 -31.83 36.01 -0.56
CA PRO B 609 -32.21 36.83 -1.70
C PRO B 609 -31.09 37.72 -2.24
N MET B 610 -31.25 38.18 -3.49
CA MET B 610 -30.46 39.29 -3.98
C MET B 610 -30.89 40.54 -3.23
N MET B 611 -29.91 41.37 -2.87
CA MET B 611 -30.16 42.67 -2.27
C MET B 611 -29.48 43.72 -3.12
N LEU B 612 -30.14 44.86 -3.24
CA LEU B 612 -29.69 45.90 -4.13
C LEU B 612 -30.17 47.22 -3.56
N THR B 613 -29.28 48.20 -3.51
CA THR B 613 -29.58 49.48 -2.89
C THR B 613 -29.44 50.62 -3.90
N TYR B 614 -30.40 51.52 -3.87
CA TYR B 614 -30.38 52.78 -4.59
C TYR B 614 -29.83 53.84 -3.67
N ASP B 615 -28.91 54.67 -4.16
CA ASP B 615 -28.40 55.82 -3.38
C ASP B 615 -28.06 56.92 -4.37
N GLN B 616 -28.75 58.05 -4.29
CA GLN B 616 -28.49 59.13 -5.23
C GLN B 616 -27.08 59.75 -5.06
N SER B 617 -26.40 59.48 -3.95
CA SER B 617 -25.02 59.91 -3.74
C SER B 617 -23.96 58.97 -4.34
N PHE B 618 -24.36 57.80 -4.86
CA PHE B 618 -23.41 56.93 -5.56
C PHE B 618 -22.92 57.62 -6.83
N SER B 619 -21.63 57.46 -7.12
CA SER B 619 -21.04 57.91 -8.39
C SER B 619 -21.61 57.14 -9.57
N THR B 620 -21.79 55.83 -9.39
CA THR B 620 -22.41 54.99 -10.41
C THR B 620 -23.42 54.06 -9.72
N PRO B 621 -24.51 53.70 -10.41
CA PRO B 621 -25.52 52.85 -9.77
C PRO B 621 -24.95 51.50 -9.32
N GLN B 622 -25.44 51.01 -8.19
CA GLN B 622 -25.08 49.69 -7.73
C GLN B 622 -25.75 48.68 -8.65
N ASN B 623 -25.04 47.61 -8.98
CA ASN B 623 -25.55 46.58 -9.86
C ASN B 623 -25.41 45.23 -9.17
N ASN B 624 -26.50 44.46 -9.13
CA ASN B 624 -26.46 43.09 -8.65
C ASN B 624 -26.98 42.18 -9.75
N ASN B 625 -26.05 41.41 -10.33
CA ASN B 625 -26.38 40.31 -11.23
C ASN B 625 -27.10 40.76 -12.50
N GLY B 626 -26.84 42.01 -12.91
CA GLY B 626 -27.45 42.57 -14.11
C GLY B 626 -28.66 43.47 -13.87
N TRP B 627 -29.06 43.66 -12.61
CA TRP B 627 -30.12 44.58 -12.24
C TRP B 627 -29.55 45.80 -11.53
N LYS B 628 -30.13 46.96 -11.82
CA LYS B 628 -29.81 48.19 -11.10
C LYS B 628 -31.11 48.92 -10.84
N ILE B 629 -31.06 49.91 -9.97
CA ILE B 629 -32.20 50.75 -9.65
C ILE B 629 -31.96 52.15 -10.17
N VAL B 630 -32.89 52.66 -10.97
CA VAL B 630 -32.80 54.03 -11.51
C VAL B 630 -34.07 54.79 -11.18
N LYS B 631 -33.95 56.10 -11.01
CA LYS B 631 -35.12 56.96 -10.87
C LYS B 631 -35.77 57.17 -12.23
N GLU B 632 -37.05 56.90 -12.33
CA GLU B 632 -37.81 57.14 -13.57
C GLU B 632 -38.46 58.53 -13.55
N SER B 633 -39.09 58.86 -12.43
CA SER B 633 -39.73 60.17 -12.24
C SER B 633 -39.93 60.33 -10.73
N THR B 634 -40.47 61.45 -10.29
CA THR B 634 -40.71 61.67 -8.87
C THR B 634 -41.42 60.49 -8.20
N GLY B 635 -40.75 59.87 -7.25
CA GLY B 635 -41.29 58.77 -6.47
C GLY B 635 -41.37 57.43 -7.17
N VAL B 636 -40.84 57.32 -8.40
CA VAL B 636 -40.97 56.11 -9.22
C VAL B 636 -39.59 55.63 -9.61
N TYR B 637 -39.27 54.40 -9.23
CA TYR B 637 -37.93 53.80 -9.43
C TYR B 637 -38.08 52.48 -10.14
N ARG B 638 -37.17 52.19 -11.07
CA ARG B 638 -37.21 50.94 -11.79
C ARG B 638 -36.06 50.07 -11.29
N VAL B 639 -36.38 48.86 -10.87
CA VAL B 639 -35.40 47.80 -10.66
C VAL B 639 -35.35 47.07 -11.99
N GLU B 640 -34.34 47.40 -12.79
CA GLU B 640 -34.36 47.07 -14.21
C GLU B 640 -33.11 46.34 -14.66
N ARG B 641 -33.24 45.64 -15.76
CA ARG B 641 -32.14 44.91 -16.37
C ARG B 641 -31.26 45.86 -17.16
N VAL B 642 -29.96 45.71 -16.99
CA VAL B 642 -29.02 46.44 -17.85
C VAL B 642 -28.84 45.72 -19.18
N SER B 643 -28.24 46.42 -20.13
CA SER B 643 -28.00 45.90 -21.46
C SER B 643 -27.26 44.57 -21.40
N GLY B 644 -27.78 43.55 -22.08
CA GLY B 644 -27.14 42.24 -22.13
C GLY B 644 -27.67 41.26 -21.09
N ASN B 645 -28.35 41.75 -20.05
CA ASN B 645 -29.01 40.85 -19.12
C ASN B 645 -30.32 40.36 -19.70
N THR B 646 -30.32 39.11 -20.16
CA THR B 646 -31.53 38.47 -20.70
C THR B 646 -32.17 37.49 -19.70
N SER B 647 -31.69 37.51 -18.46
CA SER B 647 -32.24 36.66 -17.42
C SER B 647 -33.55 37.25 -16.95
N VAL B 648 -34.40 36.41 -16.38
CA VAL B 648 -35.73 36.84 -15.92
C VAL B 648 -36.00 36.44 -14.48
N ILE B 649 -37.00 37.10 -13.90
CA ILE B 649 -37.62 36.72 -12.64
C ILE B 649 -38.84 35.86 -12.96
N THR B 650 -38.94 34.70 -12.32
CA THR B 650 -40.08 33.81 -12.46
C THR B 650 -40.74 33.59 -11.10
N ASN B 651 -41.90 34.20 -10.91
CA ASN B 651 -42.71 34.01 -9.71
C ASN B 651 -41.92 34.31 -8.41
N GLY B 652 -41.15 35.38 -8.44
CA GLY B 652 -40.23 35.74 -7.36
C GLY B 652 -40.87 36.41 -6.16
N HIS B 653 -40.11 36.44 -5.08
CA HIS B 653 -40.50 37.10 -3.84
C HIS B 653 -39.88 38.49 -3.83
N ILE B 654 -40.62 39.49 -3.34
CA ILE B 654 -40.14 40.88 -3.34
C ILE B 654 -40.35 41.55 -1.98
N VAL B 655 -39.27 42.08 -1.44
CA VAL B 655 -39.30 42.83 -0.20
C VAL B 655 -38.61 44.17 -0.45
N VAL B 656 -39.29 45.26 -0.16
CA VAL B 656 -38.69 46.58 -0.24
C VAL B 656 -38.26 47.00 1.18
N GLY B 657 -37.08 47.59 1.26
CA GLY B 657 -36.49 48.00 2.52
C GLY B 657 -36.88 49.41 2.95
N SER B 658 -36.07 49.98 3.83
CA SER B 658 -36.43 51.16 4.57
C SER B 658 -35.82 52.39 3.91
N PRO B 659 -36.60 53.46 3.81
CA PRO B 659 -36.08 54.65 3.10
C PRO B 659 -35.31 55.61 4.02
N LEU B 660 -34.21 56.11 3.49
CA LEU B 660 -33.51 57.27 4.02
C LEU B 660 -33.99 58.49 3.24
N MET B 661 -34.74 59.36 3.89
CA MET B 661 -35.37 60.52 3.24
C MET B 661 -34.52 61.79 3.41
N GLY B 662 -34.53 62.64 2.38
CA GLY B 662 -33.96 64.00 2.47
C GLY B 662 -32.45 64.17 2.29
N SER B 663 -31.68 63.19 2.76
CA SER B 663 -30.22 63.22 2.69
C SER B 663 -29.70 61.79 2.84
N ARG B 664 -28.41 61.60 2.64
CA ARG B 664 -27.82 60.28 2.77
C ARG B 664 -27.92 59.75 4.20
N LEU B 665 -27.72 60.64 5.18
CA LEU B 665 -27.87 60.30 6.59
C LEU B 665 -29.33 59.98 6.94
N GLY B 666 -30.25 60.70 6.29
CA GLY B 666 -31.67 60.58 6.58
C GLY B 666 -32.18 61.67 7.51
N THR B 667 -33.40 62.13 7.25
CA THR B 667 -34.09 63.03 8.19
C THR B 667 -34.82 62.25 9.29
N GLY B 668 -35.11 60.98 9.05
CA GLY B 668 -35.96 60.21 9.94
C GLY B 668 -37.43 60.17 9.53
N THR B 669 -37.83 60.95 8.53
CA THR B 669 -39.19 60.83 8.01
C THR B 669 -39.32 59.50 7.25
N GLY B 670 -40.55 59.05 7.08
CA GLY B 670 -40.81 57.76 6.44
C GLY B 670 -41.56 57.91 5.13
N ALA B 671 -41.87 56.79 4.50
CA ALA B 671 -42.65 56.77 3.27
C ALA B 671 -43.23 55.37 3.08
N THR B 672 -44.26 55.28 2.25
CA THR B 672 -45.00 54.05 2.02
C THR B 672 -44.74 53.65 0.58
N HIS B 673 -44.48 52.36 0.36
CA HIS B 673 -44.20 51.86 -0.98
C HIS B 673 -45.29 50.91 -1.51
N GLY B 674 -45.36 50.88 -2.84
CA GLY B 674 -46.06 49.82 -3.58
C GLY B 674 -45.19 49.44 -4.77
N ILE B 675 -45.50 48.31 -5.41
CA ILE B 675 -44.73 47.86 -6.57
C ILE B 675 -45.62 47.61 -7.79
N GLN B 676 -44.96 47.54 -8.94
CA GLN B 676 -45.59 47.16 -10.19
C GLN B 676 -44.55 46.40 -11.01
N MET B 677 -44.93 45.29 -11.60
CA MET B 677 -43.97 44.46 -12.34
C MET B 677 -43.67 45.06 -13.70
N ILE B 678 -42.48 44.77 -14.21
CA ILE B 678 -42.07 45.14 -15.57
C ILE B 678 -42.02 43.83 -16.33
N GLU B 679 -42.84 43.73 -17.37
CA GLU B 679 -42.96 42.50 -18.15
C GLU B 679 -41.84 42.37 -19.19
N THR B 680 -41.55 41.15 -19.60
CA THR B 680 -40.58 40.89 -20.68
C THR B 680 -41.25 40.97 -22.05
N TYR B 681 -42.50 40.51 -22.11
CA TYR B 681 -43.39 40.66 -23.28
C TYR B 681 -44.79 40.85 -22.72
N ALA B 682 -45.71 41.31 -23.55
CA ALA B 682 -47.07 41.60 -23.13
C ALA B 682 -47.75 40.38 -22.52
N GLY B 683 -48.14 40.49 -21.24
CA GLY B 683 -48.79 39.41 -20.51
C GLY B 683 -47.86 38.42 -19.84
N SER B 684 -46.54 38.62 -19.95
CA SER B 684 -45.58 37.66 -19.39
C SER B 684 -45.79 37.41 -17.89
N TRP B 685 -46.09 38.47 -17.15
CA TRP B 685 -46.26 38.38 -15.69
C TRP B 685 -47.69 37.96 -15.36
N THR B 686 -48.64 38.68 -15.93
CA THR B 686 -50.05 38.40 -15.73
C THR B 686 -50.41 36.93 -15.98
N SER B 687 -49.93 36.38 -17.09
CA SER B 687 -50.27 35.01 -17.46
C SER B 687 -49.27 33.95 -16.97
N TYR B 688 -47.97 34.27 -16.96
CA TYR B 688 -46.93 33.25 -16.72
C TYR B 688 -45.96 33.57 -15.57
N THR B 689 -46.25 34.61 -14.80
CA THR B 689 -45.39 35.14 -13.73
C THR B 689 -43.92 35.27 -14.12
N GLU B 690 -43.65 35.75 -15.33
CA GLU B 690 -42.32 36.09 -15.78
C GLU B 690 -42.19 37.60 -15.84
N ALA B 691 -41.12 38.13 -15.25
CA ALA B 691 -40.87 39.56 -15.26
C ALA B 691 -39.42 39.91 -15.58
N ALA B 692 -39.22 41.08 -16.16
CA ALA B 692 -37.89 41.63 -16.38
C ALA B 692 -37.37 42.31 -15.11
N GLY B 693 -38.30 42.82 -14.31
CA GLY B 693 -37.97 43.57 -13.12
C GLY B 693 -39.23 44.11 -12.50
N PHE B 694 -39.09 45.22 -11.77
CA PHE B 694 -40.24 45.83 -11.10
C PHE B 694 -39.97 47.29 -10.74
N LYS B 695 -41.06 48.05 -10.60
CA LYS B 695 -41.01 49.43 -10.20
C LYS B 695 -41.39 49.56 -8.73
N VAL B 696 -40.74 50.48 -8.05
CA VAL B 696 -41.07 50.82 -6.68
C VAL B 696 -41.58 52.26 -6.65
N PHE B 697 -42.74 52.47 -6.04
CA PHE B 697 -43.40 53.77 -5.91
C PHE B 697 -43.38 54.16 -4.43
N TRP B 698 -42.93 55.38 -4.13
CA TRP B 698 -42.80 55.87 -2.77
C TRP B 698 -43.70 57.07 -2.57
N ARG B 699 -44.47 57.06 -1.47
CA ARG B 699 -45.40 58.15 -1.15
C ARG B 699 -45.32 58.57 0.31
N ASP B 700 -45.55 59.86 0.57
CA ASP B 700 -45.57 60.40 1.95
C ASP B 700 -46.93 60.18 2.59
N SER B 701 -47.10 60.66 3.82
CA SER B 701 -48.36 60.46 4.57
C SER B 701 -49.59 61.11 3.91
N SER B 702 -49.39 62.14 3.08
CA SER B 702 -50.48 62.73 2.31
C SER B 702 -50.72 62.03 0.96
N ASN B 703 -50.03 60.91 0.74
CA ASN B 703 -50.14 60.10 -0.47
C ASN B 703 -49.55 60.77 -1.72
N ALA B 704 -48.62 61.71 -1.52
CA ALA B 704 -47.90 62.33 -2.63
C ALA B 704 -46.61 61.56 -2.94
N LEU B 705 -46.29 61.42 -4.21
CA LEU B 705 -45.05 60.77 -4.61
C LEU B 705 -43.84 61.54 -4.07
N VAL B 706 -42.86 60.81 -3.54
CA VAL B 706 -41.67 61.40 -2.93
C VAL B 706 -40.45 60.58 -3.24
N ASP B 707 -39.28 61.23 -3.20
CA ASP B 707 -38.00 60.63 -3.58
C ASP B 707 -37.12 60.37 -2.38
N PRO B 708 -36.94 59.09 -1.99
CA PRO B 708 -35.91 58.85 -0.97
C PRO B 708 -34.51 59.15 -1.52
N HIS B 709 -33.59 59.43 -0.63
CA HIS B 709 -32.19 59.56 -0.99
C HIS B 709 -31.58 58.18 -1.21
N ARG B 710 -31.96 57.24 -0.36
CA ARG B 710 -31.43 55.88 -0.41
C ARG B 710 -32.47 54.88 0.08
N PHE B 711 -32.53 53.73 -0.59
CA PHE B 711 -33.35 52.60 -0.12
C PHE B 711 -32.85 51.29 -0.67
N THR B 712 -33.20 50.23 0.05
CA THR B 712 -32.83 48.88 -0.30
C THR B 712 -34.04 48.10 -0.87
N VAL B 713 -33.77 47.19 -1.79
CA VAL B 713 -34.74 46.14 -2.17
C VAL B 713 -34.09 44.77 -2.03
N ALA B 714 -34.91 43.77 -1.73
CA ALA B 714 -34.48 42.38 -1.69
C ALA B 714 -35.47 41.60 -2.53
N PHE B 715 -34.96 40.76 -3.41
CA PHE B 715 -35.83 39.94 -4.23
C PHE B 715 -35.18 38.62 -4.65
N THR B 716 -36.03 37.68 -5.05
CA THR B 716 -35.58 36.39 -5.59
C THR B 716 -36.04 36.27 -7.05
N ALA B 717 -35.26 35.53 -7.81
CA ALA B 717 -35.52 35.30 -9.23
C ALA B 717 -36.39 34.06 -9.48
N THR B 718 -36.61 33.26 -8.43
CA THR B 718 -37.51 32.12 -8.47
C THR B 718 -38.35 32.12 -7.20
N SER B 719 -39.40 31.32 -7.20
CA SER B 719 -40.19 31.08 -6.00
C SER B 719 -39.43 30.18 -5.04
N GLN C 172 52.13 -59.99 -12.24
CA GLN C 172 53.50 -60.51 -11.93
C GLN C 172 54.47 -60.40 -13.13
N THR C 173 55.77 -60.30 -12.87
CA THR C 173 56.34 -60.09 -11.53
C THR C 173 56.50 -58.58 -11.25
N GLN C 174 56.53 -57.76 -12.31
CA GLN C 174 56.90 -56.35 -12.21
C GLN C 174 55.72 -55.38 -12.34
N TYR C 175 54.50 -55.90 -12.20
CA TYR C 175 53.31 -55.08 -12.13
C TYR C 175 52.23 -55.89 -11.44
N TYR C 176 51.12 -55.22 -11.12
CA TYR C 176 50.02 -55.86 -10.42
C TYR C 176 48.84 -56.03 -11.37
N LEU C 177 48.47 -57.29 -11.57
CA LEU C 177 47.33 -57.67 -12.41
C LEU C 177 47.07 -59.17 -12.22
N LYS C 178 45.92 -59.51 -11.65
CA LYS C 178 45.49 -60.91 -11.55
C LYS C 178 44.02 -60.99 -11.86
N TYR C 179 43.67 -61.83 -12.83
CA TYR C 179 42.27 -62.10 -13.16
C TYR C 179 41.75 -63.31 -12.38
N PHE C 180 40.44 -63.50 -12.40
CA PHE C 180 39.80 -64.62 -11.68
C PHE C 180 40.29 -65.94 -12.23
N ASN C 181 40.56 -66.88 -11.33
CA ASN C 181 41.03 -68.22 -11.67
C ASN C 181 40.18 -69.22 -10.89
N PRO C 182 39.40 -70.06 -11.60
CA PRO C 182 38.50 -70.99 -10.89
C PRO C 182 39.18 -72.04 -9.99
N GLU C 183 40.48 -72.25 -10.15
CA GLU C 183 41.24 -73.16 -9.29
C GLU C 183 41.61 -72.60 -7.92
N ILE C 184 41.42 -71.28 -7.73
CA ILE C 184 41.90 -70.59 -6.54
C ILE C 184 40.78 -70.40 -5.53
N VAL C 185 41.13 -70.48 -4.26
CA VAL C 185 40.22 -70.14 -3.18
C VAL C 185 40.69 -68.77 -2.65
N TYR C 186 39.83 -67.76 -2.75
CA TYR C 186 40.19 -66.40 -2.37
C TYR C 186 39.81 -66.15 -0.90
N PRO C 187 40.80 -65.79 -0.06
CA PRO C 187 40.44 -65.47 1.33
C PRO C 187 39.74 -64.12 1.44
N LYS C 188 39.15 -63.86 2.61
CA LYS C 188 38.54 -62.56 2.88
C LYS C 188 39.59 -61.47 2.68
N ASN C 189 39.18 -60.35 2.08
CA ASN C 189 40.05 -59.20 1.75
C ASN C 189 41.01 -59.37 0.57
N ALA C 190 41.03 -60.55 -0.06
CA ALA C 190 41.85 -60.74 -1.24
C ALA C 190 41.34 -59.81 -2.35
N ARG C 191 42.28 -59.27 -3.12
CA ARG C 191 41.95 -58.44 -4.28
C ARG C 191 42.42 -59.04 -5.59
N ILE C 192 41.52 -59.02 -6.58
CA ILE C 192 41.84 -59.37 -7.96
C ILE C 192 41.15 -58.39 -8.89
N MET C 193 41.39 -58.53 -10.19
CA MET C 193 40.77 -57.68 -11.19
C MET C 193 39.67 -58.44 -11.91
N LEU C 194 38.54 -57.76 -12.11
CA LEU C 194 37.54 -58.19 -13.08
C LEU C 194 38.16 -58.16 -14.47
N ASP C 195 37.54 -58.87 -15.42
CA ASP C 195 38.02 -58.91 -16.80
C ASP C 195 38.10 -57.51 -17.46
N ASN C 196 37.26 -56.58 -17.00
CA ASN C 196 37.37 -55.18 -17.44
C ASN C 196 38.47 -54.34 -16.75
N GLY C 197 39.24 -54.95 -15.86
CA GLY C 197 40.33 -54.27 -15.16
C GLY C 197 40.02 -53.65 -13.81
N ASP C 198 38.75 -53.54 -13.46
CA ASP C 198 38.37 -52.96 -12.16
C ASP C 198 38.69 -53.95 -11.02
N ILE C 199 39.20 -53.43 -9.91
CA ILE C 199 39.58 -54.27 -8.79
C ILE C 199 38.35 -54.62 -7.94
N VAL C 200 38.26 -55.87 -7.54
CA VAL C 200 37.27 -56.31 -6.56
C VAL C 200 37.94 -56.92 -5.35
N ARG C 201 37.27 -56.81 -4.22
CA ARG C 201 37.77 -57.28 -2.93
C ARG C 201 36.79 -58.31 -2.36
N SER C 202 37.31 -59.44 -1.90
CA SER C 202 36.45 -60.48 -1.33
C SER C 202 35.98 -60.07 0.07
N THR C 203 34.68 -60.17 0.31
CA THR C 203 34.12 -59.85 1.61
C THR C 203 33.80 -61.11 2.41
N VAL C 204 34.17 -62.29 1.89
CA VAL C 204 33.90 -63.55 2.56
C VAL C 204 35.11 -64.48 2.53
N VAL C 205 35.20 -65.36 3.54
CA VAL C 205 36.22 -66.41 3.55
C VAL C 205 35.90 -67.44 2.47
N ASN C 206 36.90 -68.19 2.05
CA ASN C 206 36.70 -69.31 1.13
C ASN C 206 35.89 -68.96 -0.12
N ASN C 207 36.22 -67.82 -0.74
CA ASN C 207 35.46 -67.33 -1.87
C ASN C 207 35.91 -68.03 -3.13
N THR C 208 34.97 -68.73 -3.78
CA THR C 208 35.25 -69.42 -5.03
C THR C 208 34.29 -68.99 -6.14
N SER C 209 33.55 -67.90 -5.92
CA SER C 209 32.60 -67.41 -6.91
C SER C 209 33.29 -66.43 -7.87
N ASN C 210 32.92 -66.51 -9.14
CA ASN C 210 33.49 -65.67 -10.17
C ASN C 210 32.84 -64.28 -10.12
N PRO C 211 33.60 -63.24 -9.74
CA PRO C 211 33.00 -61.90 -9.62
C PRO C 211 32.55 -61.29 -10.96
N ASN C 212 33.06 -61.81 -12.07
CA ASN C 212 32.62 -61.38 -13.41
C ASN C 212 31.18 -61.76 -13.74
N VAL C 213 30.67 -62.83 -13.13
CA VAL C 213 29.28 -63.25 -13.33
C VAL C 213 28.42 -63.12 -12.09
N ASP C 214 29.04 -63.16 -10.90
CA ASP C 214 28.33 -63.18 -9.61
C ASP C 214 29.10 -62.37 -8.58
N MET C 215 28.59 -61.18 -8.24
CA MET C 215 29.25 -60.27 -7.30
C MET C 215 28.92 -60.54 -5.82
N THR C 216 28.17 -61.60 -5.55
CA THR C 216 28.00 -62.06 -4.16
C THR C 216 29.39 -62.41 -3.58
N GLY C 217 29.67 -61.83 -2.42
CA GLY C 217 30.92 -62.05 -1.71
C GLY C 217 32.07 -61.16 -2.19
N TRP C 218 31.76 -60.18 -3.06
CA TRP C 218 32.77 -59.26 -3.60
C TRP C 218 32.24 -57.83 -3.56
N VAL C 219 33.16 -56.87 -3.47
CA VAL C 219 32.82 -55.46 -3.66
C VAL C 219 33.82 -54.81 -4.58
N LYS C 220 33.36 -53.85 -5.39
CA LYS C 220 34.25 -53.07 -6.25
C LYS C 220 34.93 -51.98 -5.41
N VAL C 221 36.25 -51.95 -5.40
CA VAL C 221 36.98 -51.03 -4.52
C VAL C 221 36.94 -49.57 -4.99
N SER C 222 36.65 -49.33 -6.26
CA SER C 222 36.56 -47.96 -6.79
C SER C 222 35.12 -47.37 -6.69
N SER C 223 34.21 -48.06 -6.00
CA SER C 223 32.88 -47.52 -5.74
C SER C 223 32.90 -46.56 -4.56
N VAL C 224 32.06 -45.54 -4.62
CA VAL C 224 31.98 -44.56 -3.53
C VAL C 224 31.41 -45.14 -2.23
N SER C 225 30.76 -46.30 -2.31
CA SER C 225 30.36 -47.02 -1.10
C SER C 225 31.56 -47.63 -0.36
N GLN C 226 32.73 -47.65 -0.99
CA GLN C 226 33.97 -48.17 -0.41
C GLN C 226 35.01 -47.09 -0.14
N ILE C 227 34.62 -45.82 -0.28
CA ILE C 227 35.47 -44.67 -0.06
C ILE C 227 34.88 -43.92 1.13
N PHE C 228 35.73 -43.49 2.05
CA PHE C 228 35.29 -42.92 3.31
C PHE C 228 35.84 -41.52 3.53
N ASP C 229 35.02 -40.67 4.14
CA ASP C 229 35.51 -39.38 4.61
C ASP C 229 35.72 -39.55 6.10
N GLU C 230 37.00 -39.60 6.51
CA GLU C 230 37.37 -39.87 7.91
C GLU C 230 36.94 -38.75 8.85
N THR C 231 36.73 -37.54 8.32
CA THR C 231 36.20 -36.44 9.12
C THR C 231 34.84 -36.80 9.77
N TYR C 232 34.00 -37.52 9.04
CA TYR C 232 32.65 -37.90 9.48
C TYR C 232 32.46 -39.38 9.75
N ASN C 233 33.43 -40.20 9.35
CA ASN C 233 33.30 -41.66 9.37
C ASN C 233 32.06 -42.15 8.63
N ILE C 234 31.88 -41.66 7.41
CA ILE C 234 30.80 -42.08 6.54
C ILE C 234 31.38 -42.26 5.14
N THR C 235 30.64 -42.96 4.31
CA THR C 235 31.07 -43.19 2.94
C THR C 235 30.78 -41.99 2.05
N GLN C 236 31.51 -41.89 0.96
CA GLN C 236 31.23 -40.87 -0.05
C GLN C 236 29.82 -41.06 -0.63
N SER C 237 29.35 -42.30 -0.67
CA SER C 237 27.99 -42.60 -1.10
C SER C 237 26.94 -41.78 -0.33
N VAL C 238 27.11 -41.69 0.99
CA VAL C 238 26.22 -40.91 1.86
C VAL C 238 26.32 -39.42 1.55
N ILE C 239 27.55 -38.93 1.41
CA ILE C 239 27.79 -37.52 1.09
C ILE C 239 27.16 -37.13 -0.23
N ASN C 240 27.19 -38.05 -1.19
CA ASN C 240 26.55 -37.84 -2.50
C ASN C 240 25.01 -37.78 -2.47
N GLY C 241 24.40 -38.03 -1.32
CA GLY C 241 22.98 -37.76 -1.13
C GLY C 241 22.64 -36.34 -0.70
N ASN C 242 23.65 -35.50 -0.47
CA ASN C 242 23.41 -34.13 -0.01
C ASN C 242 22.72 -33.26 -1.07
N LEU C 243 23.18 -33.38 -2.31
CA LEU C 243 22.61 -32.63 -3.43
C LEU C 243 22.62 -33.51 -4.68
N ILE C 244 21.44 -33.71 -5.25
CA ILE C 244 21.28 -34.52 -6.47
C ILE C 244 20.74 -33.59 -7.55
N THR C 245 21.30 -33.70 -8.75
CA THR C 245 20.85 -32.89 -9.89
C THR C 245 20.58 -33.78 -11.10
N VAL C 246 20.07 -33.15 -12.16
CA VAL C 246 19.92 -33.86 -13.44
C VAL C 246 21.24 -34.44 -13.97
N ASP C 247 22.37 -33.83 -13.62
CA ASP C 247 23.68 -34.39 -13.98
C ASP C 247 23.91 -35.81 -13.46
N ASN C 248 23.33 -36.14 -12.30
CA ASN C 248 23.39 -37.50 -11.76
C ASN C 248 22.73 -38.54 -12.67
N PHE C 249 21.81 -38.10 -13.51
CA PHE C 249 21.05 -38.97 -14.42
C PHE C 249 21.50 -38.85 -15.88
N GLY C 250 22.69 -38.28 -16.10
CA GLY C 250 23.29 -38.21 -17.43
C GLY C 250 23.03 -36.96 -18.27
N ALA C 251 22.50 -35.89 -17.66
CA ALA C 251 22.31 -34.65 -18.39
C ALA C 251 23.67 -34.04 -18.68
N LYS C 252 23.83 -33.54 -19.90
CA LYS C 252 25.10 -32.96 -20.35
C LYS C 252 25.20 -31.44 -20.18
N GLY C 253 24.09 -30.72 -20.36
CA GLY C 253 24.10 -29.26 -20.28
C GLY C 253 25.13 -28.62 -21.20
N ASP C 254 25.20 -29.13 -22.42
CA ASP C 254 26.28 -28.78 -23.35
C ASP C 254 25.78 -27.94 -24.53
N GLY C 255 24.55 -27.46 -24.45
CA GLY C 255 23.97 -26.67 -25.53
C GLY C 255 23.61 -27.41 -26.81
N VAL C 256 23.76 -28.74 -26.83
CA VAL C 256 23.50 -29.55 -28.04
C VAL C 256 22.68 -30.81 -27.76
N THR C 257 23.13 -31.62 -26.80
CA THR C 257 22.53 -32.92 -26.52
C THR C 257 21.16 -32.78 -25.85
N ASP C 258 20.17 -33.50 -26.35
CA ASP C 258 18.86 -33.55 -25.72
C ASP C 258 19.00 -34.18 -24.34
N ASP C 259 18.61 -33.45 -23.30
CA ASP C 259 18.69 -33.96 -21.93
C ASP C 259 17.33 -34.37 -21.38
N SER C 260 16.30 -34.42 -22.22
CA SER C 260 14.94 -34.67 -21.73
C SER C 260 14.81 -36.01 -21.01
N ALA C 261 15.48 -37.05 -21.53
CA ALA C 261 15.45 -38.37 -20.89
C ALA C 261 16.06 -38.35 -19.49
N ALA C 262 17.17 -37.63 -19.33
CA ALA C 262 17.82 -37.47 -18.02
C ALA C 262 16.94 -36.70 -17.01
N PHE C 263 16.28 -35.66 -17.50
CA PHE C 263 15.31 -34.91 -16.66
C PHE C 263 14.18 -35.82 -16.22
N GLN C 264 13.66 -36.63 -17.13
CA GLN C 264 12.59 -37.57 -16.80
C GLN C 264 13.03 -38.63 -15.80
N ALA C 265 14.24 -39.18 -15.99
CA ALA C 265 14.77 -40.17 -15.07
C ALA C 265 14.91 -39.60 -13.66
N TYR C 266 15.34 -38.34 -13.56
CA TYR C 266 15.40 -37.65 -12.27
C TYR C 266 14.03 -37.64 -11.60
N CYS C 267 13.01 -37.23 -12.35
CA CYS C 267 11.66 -37.14 -11.82
C CYS C 267 11.03 -38.50 -11.49
N ASP C 268 11.45 -39.56 -12.18
CA ASP C 268 10.99 -40.92 -11.89
C ASP C 268 11.78 -41.64 -10.79
N SER C 269 12.89 -41.06 -10.34
CA SER C 269 13.79 -41.74 -9.41
C SER C 269 13.25 -41.76 -7.98
N ALA C 270 13.51 -42.87 -7.29
CA ALA C 270 13.23 -42.97 -5.85
C ALA C 270 14.18 -42.17 -4.97
N LEU C 271 15.27 -41.66 -5.53
CA LEU C 271 16.32 -41.02 -4.73
C LEU C 271 16.17 -39.51 -4.61
N THR C 272 15.35 -38.89 -5.45
CA THR C 272 15.27 -37.43 -5.54
C THR C 272 14.19 -36.82 -4.67
N GLY C 273 14.42 -35.56 -4.25
CA GLY C 273 13.55 -34.89 -3.30
C GLY C 273 12.39 -34.13 -3.93
N GLN C 274 11.92 -33.11 -3.22
CA GLN C 274 10.78 -32.30 -3.67
C GLN C 274 10.99 -31.61 -5.01
N ASN C 275 12.22 -31.18 -5.29
CA ASN C 275 12.51 -30.40 -6.47
C ASN C 275 13.54 -31.03 -7.39
N LEU C 276 13.45 -30.66 -8.67
CA LEU C 276 14.47 -30.93 -9.65
C LEU C 276 15.51 -29.80 -9.64
N TYR C 277 16.79 -30.18 -9.64
CA TYR C 277 17.90 -29.25 -9.60
C TYR C 277 18.75 -29.41 -10.84
N LEU C 278 19.28 -28.29 -11.34
CA LEU C 278 20.31 -28.31 -12.36
C LEU C 278 21.69 -28.34 -11.69
N GLY C 279 22.69 -28.80 -12.46
CA GLY C 279 24.09 -28.76 -12.03
C GLY C 279 24.61 -27.33 -12.07
N ALA C 280 25.85 -27.14 -11.61
CA ALA C 280 26.41 -25.78 -11.43
C ALA C 280 26.44 -24.97 -12.72
N LYS C 281 26.87 -25.61 -13.80
CA LYS C 281 26.98 -24.93 -15.08
C LYS C 281 26.35 -25.78 -16.17
N GLY C 282 25.50 -25.18 -16.99
CA GLY C 282 24.99 -25.89 -18.13
C GLY C 282 23.87 -25.19 -18.85
N ARG C 283 23.88 -25.35 -20.17
CA ARG C 283 22.79 -24.95 -21.04
C ARG C 283 22.11 -26.26 -21.45
N TYR C 284 21.02 -26.59 -20.74
CA TYR C 284 20.36 -27.87 -20.88
C TYR C 284 19.30 -27.85 -21.98
N ILE C 285 19.55 -28.59 -23.06
CA ILE C 285 18.61 -28.66 -24.18
C ILE C 285 17.53 -29.67 -23.87
N LEU C 286 16.28 -29.29 -24.12
CA LEU C 286 15.15 -30.21 -24.03
C LEU C 286 14.42 -30.24 -25.37
N LYS C 287 14.27 -31.45 -25.94
CA LYS C 287 13.55 -31.65 -27.21
C LYS C 287 12.26 -32.43 -27.05
N ASN C 288 11.96 -32.88 -25.84
CA ASN C 288 10.73 -33.57 -25.52
C ASN C 288 10.16 -33.07 -24.21
N GLN C 289 8.84 -33.19 -24.08
CA GLN C 289 8.13 -32.79 -22.88
C GLN C 289 8.64 -33.59 -21.68
N VAL C 290 8.81 -32.91 -20.55
CA VAL C 290 9.18 -33.55 -19.29
C VAL C 290 7.97 -33.49 -18.35
N ASP C 291 7.63 -34.63 -17.77
CA ASP C 291 6.62 -34.72 -16.73
C ASP C 291 7.33 -34.66 -15.38
N LEU C 292 7.17 -33.53 -14.68
CA LEU C 292 7.87 -33.29 -13.42
C LEU C 292 7.37 -34.18 -12.28
N LYS C 293 6.20 -34.82 -12.45
CA LYS C 293 5.66 -35.77 -11.47
C LYS C 293 5.48 -35.12 -10.10
N GLY C 294 5.03 -33.87 -10.09
CA GLY C 294 4.84 -33.15 -8.84
C GLY C 294 6.08 -32.52 -8.23
N LYS C 295 7.24 -32.67 -8.85
CA LYS C 295 8.44 -32.02 -8.35
C LYS C 295 8.47 -30.55 -8.79
N GLY C 296 8.94 -29.69 -7.90
CA GLY C 296 9.20 -28.31 -8.27
C GLY C 296 10.48 -28.19 -9.09
N LEU C 297 10.81 -26.96 -9.46
CA LEU C 297 11.93 -26.72 -10.35
C LEU C 297 12.84 -25.65 -9.81
N VAL C 298 14.10 -26.00 -9.56
CA VAL C 298 15.10 -25.07 -9.06
C VAL C 298 16.28 -25.01 -10.05
N GLY C 299 16.55 -23.83 -10.60
CA GLY C 299 17.59 -23.70 -11.61
C GLY C 299 18.95 -23.43 -11.03
N ASN C 300 19.86 -22.97 -11.86
CA ASN C 300 21.22 -22.66 -11.45
C ASN C 300 21.52 -21.16 -11.63
N GLY C 301 20.49 -20.34 -11.47
CA GLY C 301 20.65 -18.91 -11.50
C GLY C 301 19.53 -18.20 -12.23
N CYS C 302 19.23 -17.00 -11.76
CA CYS C 302 18.28 -16.12 -12.40
C CYS C 302 19.11 -15.05 -13.10
N GLY C 303 19.29 -15.20 -14.40
CA GLY C 303 20.20 -14.37 -15.17
C GLY C 303 19.52 -13.23 -15.89
N LYS C 304 20.32 -12.39 -16.51
CA LYS C 304 19.80 -11.38 -17.42
C LYS C 304 19.44 -12.03 -18.74
N VAL C 305 18.78 -11.26 -19.60
CA VAL C 305 18.31 -11.75 -20.89
C VAL C 305 19.44 -11.59 -21.91
N SER C 306 20.41 -12.49 -21.85
CA SER C 306 21.52 -12.48 -22.80
C SER C 306 22.22 -13.84 -22.88
N GLU C 307 22.88 -14.07 -24.00
CA GLU C 307 23.59 -15.33 -24.25
C GLU C 307 24.63 -15.61 -23.19
N PHE C 308 25.22 -14.56 -22.62
CA PHE C 308 26.21 -14.70 -21.55
C PHE C 308 25.67 -15.57 -20.40
N TYR C 309 24.44 -15.30 -19.98
CA TYR C 309 23.80 -16.03 -18.89
C TYR C 309 23.25 -17.38 -19.36
N TYR C 310 22.73 -17.47 -20.58
CA TYR C 310 22.21 -18.75 -21.10
C TYR C 310 23.32 -19.80 -21.15
N ASN C 311 24.51 -19.35 -21.53
CA ASN C 311 25.65 -20.24 -21.62
C ASN C 311 26.16 -20.73 -20.28
N LEU C 312 25.96 -19.94 -19.23
CA LEU C 312 26.39 -20.34 -17.88
C LEU C 312 25.36 -21.25 -17.22
N GLY C 313 24.09 -20.97 -17.42
CA GLY C 313 23.07 -21.75 -16.73
C GLY C 313 21.67 -21.43 -17.18
N CYS C 314 21.06 -22.37 -17.86
CA CYS C 314 19.64 -22.26 -18.21
C CYS C 314 19.06 -23.57 -18.70
N ILE C 315 17.74 -23.60 -18.78
CA ILE C 315 17.04 -24.60 -19.55
C ILE C 315 16.74 -23.98 -20.92
N ASP C 316 17.07 -24.69 -21.98
CA ASP C 316 16.89 -24.18 -23.35
C ASP C 316 16.01 -25.17 -24.11
N VAL C 317 14.74 -24.83 -24.21
CA VAL C 317 13.75 -25.69 -24.86
C VAL C 317 13.85 -25.54 -26.38
N ASP C 318 13.98 -26.66 -27.08
CA ASP C 318 14.06 -26.64 -28.54
C ASP C 318 12.67 -26.52 -29.13
N GLY C 319 12.28 -25.29 -29.46
CA GLY C 319 10.96 -25.02 -30.01
C GLY C 319 10.76 -25.52 -31.44
N SER C 320 11.83 -25.94 -32.09
CA SER C 320 11.74 -26.53 -33.43
C SER C 320 11.40 -28.02 -33.38
N SER C 321 11.43 -28.62 -32.18
CA SER C 321 11.17 -30.05 -32.03
C SER C 321 9.70 -30.37 -32.31
N PRO C 322 9.42 -31.28 -33.28
CA PRO C 322 8.03 -31.61 -33.60
C PRO C 322 7.22 -32.13 -32.41
N ASP C 323 7.90 -32.81 -31.49
CA ASP C 323 7.25 -33.38 -30.31
C ASP C 323 6.73 -32.33 -29.31
N LEU C 324 7.20 -31.09 -29.43
CA LEU C 324 6.78 -29.99 -28.53
C LEU C 324 5.80 -28.99 -29.13
N GLN C 325 5.58 -29.03 -30.44
CA GLN C 325 4.65 -28.10 -31.08
C GLN C 325 3.30 -28.15 -30.39
N GLY C 326 2.79 -26.97 -30.02
CA GLY C 326 1.48 -26.85 -29.41
C GLY C 326 1.37 -27.36 -27.98
N LYS C 327 2.51 -27.69 -27.35
CA LYS C 327 2.51 -28.32 -26.04
C LYS C 327 3.25 -27.47 -25.01
N THR C 328 3.10 -27.85 -23.74
CA THR C 328 3.89 -27.26 -22.66
C THR C 328 5.10 -28.16 -22.37
N ALA C 329 6.28 -27.53 -22.24
CA ALA C 329 7.56 -28.23 -22.10
C ALA C 329 7.67 -29.04 -20.83
N PHE C 330 7.20 -28.46 -19.72
CA PHE C 330 7.15 -29.10 -18.42
C PHE C 330 5.71 -29.17 -17.93
N ILE C 331 5.26 -30.35 -17.52
CA ILE C 331 3.94 -30.51 -16.95
C ILE C 331 4.03 -31.04 -15.53
N ASN C 332 2.93 -30.91 -14.79
CA ASN C 332 2.82 -31.36 -13.39
C ASN C 332 3.92 -30.81 -12.46
N CYS C 333 4.22 -29.54 -12.61
CA CYS C 333 5.16 -28.89 -11.70
C CYS C 333 4.62 -28.89 -10.28
N GLY C 334 5.52 -29.09 -9.32
CA GLY C 334 5.22 -28.90 -7.91
C GLY C 334 5.07 -27.44 -7.52
N PRO C 335 5.12 -27.14 -6.21
CA PRO C 335 4.76 -25.80 -5.72
C PRO C 335 5.87 -24.75 -5.83
N THR C 336 7.03 -25.13 -6.38
CA THR C 336 8.19 -24.26 -6.42
C THR C 336 8.68 -24.13 -7.87
N ILE C 337 8.93 -22.88 -8.29
CA ILE C 337 9.80 -22.58 -9.41
C ILE C 337 10.71 -21.45 -8.95
N GLN C 338 12.02 -21.66 -8.92
CA GLN C 338 12.93 -20.63 -8.42
C GLN C 338 14.34 -20.69 -8.97
N ASN C 339 14.98 -19.53 -8.97
CA ASN C 339 16.42 -19.42 -9.28
C ASN C 339 16.73 -19.98 -10.67
N LEU C 340 15.91 -19.60 -11.64
CA LEU C 340 15.85 -20.28 -12.92
C LEU C 340 15.87 -19.33 -14.09
N THR C 341 16.64 -19.70 -15.11
CA THR C 341 16.63 -19.06 -16.40
C THR C 341 16.18 -20.10 -17.40
N ALA C 342 15.16 -19.77 -18.21
CA ALA C 342 14.66 -20.70 -19.20
C ALA C 342 14.22 -19.97 -20.48
N ARG C 343 14.65 -20.51 -21.61
CA ARG C 343 14.31 -19.96 -22.91
C ARG C 343 13.79 -21.04 -23.84
N CYS C 344 13.09 -20.59 -24.87
CA CYS C 344 12.70 -21.41 -25.99
C CYS C 344 13.42 -20.89 -27.23
N SER C 345 14.23 -21.74 -27.85
CA SER C 345 14.95 -21.44 -29.08
C SER C 345 14.18 -21.96 -30.29
N ASN C 346 14.13 -21.16 -31.36
CA ASN C 346 13.57 -21.56 -32.66
C ASN C 346 12.13 -22.03 -32.57
N GLY C 347 11.34 -21.37 -31.72
CA GLY C 347 9.94 -21.76 -31.48
C GLY C 347 8.91 -20.80 -32.05
N ALA C 348 9.35 -19.79 -32.81
CA ALA C 348 8.41 -18.80 -33.36
C ALA C 348 7.34 -19.49 -34.20
N GLY C 349 6.09 -19.30 -33.82
CA GLY C 349 4.94 -19.88 -34.54
C GLY C 349 4.57 -21.30 -34.15
N LYS C 350 5.36 -21.94 -33.27
CA LYS C 350 5.15 -23.32 -32.89
C LYS C 350 4.34 -23.53 -31.63
N GLN C 351 3.93 -22.44 -30.97
CA GLN C 351 3.07 -22.49 -29.78
C GLN C 351 3.59 -23.43 -28.68
N VAL C 352 4.86 -23.25 -28.34
CA VAL C 352 5.46 -24.02 -27.25
C VAL C 352 5.38 -23.18 -25.99
N SER C 353 4.74 -23.71 -24.96
CA SER C 353 4.63 -23.03 -23.67
C SER C 353 5.64 -23.63 -22.70
N PHE C 354 5.96 -22.92 -21.62
CA PHE C 354 7.05 -23.38 -20.78
C PHE C 354 6.63 -24.37 -19.70
N ILE C 355 5.71 -23.98 -18.82
CA ILE C 355 5.44 -24.82 -17.65
C ILE C 355 4.01 -24.73 -17.15
N GLU C 356 3.49 -25.88 -16.71
CA GLU C 356 2.18 -25.98 -16.10
C GLU C 356 2.32 -26.22 -14.61
N ILE C 357 1.65 -25.37 -13.82
CA ILE C 357 1.71 -25.45 -12.36
C ILE C 357 0.29 -25.26 -11.82
N ASP C 358 -0.04 -26.01 -10.77
CA ASP C 358 -1.37 -25.91 -10.18
C ASP C 358 -1.53 -24.58 -9.42
N GLY C 359 -2.71 -24.00 -9.50
CA GLY C 359 -2.98 -22.74 -8.86
C GLY C 359 -3.03 -22.75 -7.35
N TYR C 360 -3.21 -23.93 -6.74
CA TYR C 360 -3.34 -24.04 -5.29
C TYR C 360 -1.98 -24.30 -4.67
N LEU C 361 -1.50 -23.32 -3.90
CA LEU C 361 -0.20 -23.36 -3.21
C LEU C 361 0.99 -23.38 -4.15
N ALA C 362 1.50 -22.19 -4.45
CA ALA C 362 2.73 -22.08 -5.23
C ALA C 362 3.60 -20.92 -4.72
N ASN C 363 4.91 -21.13 -4.80
CA ASN C 363 5.91 -20.08 -4.61
C ASN C 363 6.81 -20.02 -5.84
N ILE C 364 6.64 -18.99 -6.65
CA ILE C 364 7.47 -18.78 -7.83
C ILE C 364 8.28 -17.51 -7.60
N ASP C 365 9.60 -17.62 -7.65
CA ASP C 365 10.43 -16.44 -7.46
C ASP C 365 11.80 -16.52 -8.07
N HIS C 366 12.30 -15.36 -8.49
CA HIS C 366 13.66 -15.24 -9.07
C HIS C 366 13.78 -16.10 -10.31
N ILE C 367 12.96 -15.77 -11.30
CA ILE C 367 12.99 -16.46 -12.59
C ILE C 367 13.14 -15.47 -13.73
N THR C 368 13.74 -15.97 -14.81
CA THR C 368 13.86 -15.25 -16.05
C THR C 368 13.40 -16.19 -17.15
N LEU C 369 12.35 -15.80 -17.86
CA LEU C 369 11.78 -16.63 -18.95
C LEU C 369 11.81 -15.86 -20.27
N ILE C 370 12.24 -16.52 -21.34
CA ILE C 370 12.51 -15.89 -22.62
C ILE C 370 11.83 -16.66 -23.74
N ASN C 371 11.04 -15.94 -24.55
CA ASN C 371 10.18 -16.52 -25.61
C ASN C 371 9.08 -17.40 -24.99
N PHE C 372 8.71 -18.48 -25.67
CA PHE C 372 7.53 -19.29 -25.37
C PHE C 372 6.25 -18.60 -25.78
N TYR C 373 5.18 -19.40 -25.86
CA TYR C 373 3.86 -18.92 -26.22
C TYR C 373 3.18 -18.37 -24.96
N ASN C 374 2.81 -19.27 -24.05
CA ASN C 374 2.51 -18.91 -22.67
C ASN C 374 3.71 -19.31 -21.81
N GLN C 375 4.22 -18.39 -21.00
CA GLN C 375 5.39 -18.71 -20.19
C GLN C 375 4.99 -19.53 -18.97
N ILE C 376 4.06 -19.01 -18.18
CA ILE C 376 3.55 -19.72 -17.02
C ILE C 376 2.09 -20.08 -17.31
N VAL C 377 1.78 -21.37 -17.30
CA VAL C 377 0.43 -21.85 -17.52
C VAL C 377 -0.08 -22.35 -16.18
N VAL C 378 -1.05 -21.64 -15.62
CA VAL C 378 -1.62 -22.00 -14.33
C VAL C 378 -2.78 -22.95 -14.59
N LYS C 379 -2.79 -24.09 -13.90
CA LYS C 379 -3.88 -25.05 -14.01
C LYS C 379 -4.85 -24.86 -12.86
N GLN C 380 -6.10 -25.18 -13.13
CA GLN C 380 -7.21 -24.87 -12.24
C GLN C 380 -7.21 -23.36 -11.89
N ALA C 381 -7.43 -23.00 -10.63
CA ALA C 381 -7.55 -21.58 -10.24
C ALA C 381 -6.57 -21.24 -9.14
N LEU C 382 -6.15 -19.96 -9.10
CA LEU C 382 -5.25 -19.50 -8.06
C LEU C 382 -5.89 -19.63 -6.68
N VAL C 383 -5.09 -20.04 -5.71
CA VAL C 383 -5.39 -19.83 -4.30
C VAL C 383 -4.07 -20.06 -3.53
N GLY C 384 -3.67 -19.09 -2.72
CA GLY C 384 -2.37 -19.16 -2.04
C GLY C 384 -1.22 -19.29 -3.03
N PHE C 385 -1.27 -18.45 -4.07
CA PHE C 385 -0.36 -18.54 -5.21
C PHE C 385 0.51 -17.28 -5.20
N ASN C 386 1.80 -17.45 -4.97
CA ASN C 386 2.71 -16.32 -4.78
C ASN C 386 3.80 -16.31 -5.85
N PHE C 387 3.89 -15.19 -6.55
CA PHE C 387 4.70 -15.03 -7.73
C PHE C 387 5.48 -13.72 -7.61
N THR C 388 6.81 -13.76 -7.61
CA THR C 388 7.60 -12.53 -7.43
C THR C 388 8.95 -12.55 -8.10
N ASN C 389 9.44 -11.37 -8.47
CA ASN C 389 10.81 -11.20 -8.99
C ASN C 389 11.03 -12.03 -10.24
N ALA C 390 10.39 -11.60 -11.32
CA ALA C 390 10.40 -12.34 -12.56
C ALA C 390 10.64 -11.38 -13.72
N TRP C 391 11.53 -11.77 -14.61
CA TRP C 391 11.80 -11.06 -15.87
C TRP C 391 11.25 -11.93 -17.00
N LEU C 392 10.15 -11.49 -17.60
CA LEU C 392 9.38 -12.29 -18.52
C LEU C 392 9.40 -11.59 -19.87
N TYR C 393 10.32 -12.04 -20.73
CA TYR C 393 10.61 -11.37 -22.00
C TYR C 393 10.13 -12.17 -23.21
N TYR C 394 9.57 -11.46 -24.19
CA TYR C 394 9.31 -11.95 -25.54
C TYR C 394 8.27 -13.06 -25.67
N SER C 395 7.35 -13.19 -24.71
CA SER C 395 6.27 -14.16 -24.84
C SER C 395 5.41 -13.83 -26.07
N GLN C 396 4.85 -14.86 -26.68
CA GLN C 396 4.07 -14.68 -27.91
C GLN C 396 2.58 -14.49 -27.63
N ASN C 397 2.09 -15.05 -26.52
CA ASN C 397 0.70 -14.90 -26.15
C ASN C 397 0.50 -14.25 -24.78
N ALA C 398 1.16 -14.79 -23.76
CA ALA C 398 1.05 -14.26 -22.39
C ALA C 398 2.25 -14.68 -21.53
N GLY C 399 2.65 -13.80 -20.63
CA GLY C 399 3.58 -14.14 -19.57
C GLY C 399 2.98 -15.17 -18.64
N ILE C 400 1.76 -14.90 -18.18
CA ILE C 400 1.03 -15.77 -17.28
C ILE C 400 -0.38 -15.97 -17.82
N TYR C 401 -0.80 -17.22 -17.94
CA TYR C 401 -2.11 -17.59 -18.48
C TYR C 401 -2.85 -18.51 -17.51
N CYS C 402 -4.05 -18.09 -17.10
CA CYS C 402 -4.94 -18.91 -16.28
C CYS C 402 -6.33 -19.09 -16.96
N GLU C 403 -6.58 -20.29 -17.46
CA GLU C 403 -7.84 -20.63 -18.15
C GLU C 403 -8.99 -20.78 -17.17
N ASP C 404 -8.74 -21.49 -16.06
CA ASP C 404 -9.76 -21.85 -15.07
C ASP C 404 -10.98 -22.49 -15.76
N PRO C 405 -10.75 -23.62 -16.49
CA PRO C 405 -11.82 -24.24 -17.29
C PRO C 405 -13.08 -24.63 -16.52
N LEU C 406 -12.96 -24.97 -15.24
CA LEU C 406 -14.12 -25.33 -14.41
C LEU C 406 -14.76 -24.13 -13.68
N ASN C 407 -14.29 -22.92 -13.96
CA ASN C 407 -14.80 -21.72 -13.30
C ASN C 407 -14.77 -21.82 -11.77
N ARG C 408 -13.64 -22.26 -11.24
CA ARG C 408 -13.45 -22.35 -9.80
C ARG C 408 -13.39 -20.98 -9.14
N VAL C 409 -12.94 -19.98 -9.90
CA VAL C 409 -12.70 -18.60 -9.43
C VAL C 409 -11.36 -18.52 -8.68
N SER C 410 -10.43 -17.76 -9.25
CA SER C 410 -9.12 -17.53 -8.68
C SER C 410 -9.18 -16.55 -7.51
N THR C 411 -8.46 -16.86 -6.44
CA THR C 411 -8.36 -15.98 -5.30
C THR C 411 -6.93 -15.88 -4.81
N THR C 412 -6.70 -14.89 -3.96
CA THR C 412 -5.50 -14.83 -3.10
C THR C 412 -4.19 -15.20 -3.81
N GLY C 413 -3.99 -14.57 -4.96
CA GLY C 413 -2.74 -14.66 -5.70
C GLY C 413 -1.98 -13.37 -5.55
N THR C 414 -0.65 -13.43 -5.42
CA THR C 414 0.17 -12.23 -5.36
C THR C 414 1.15 -12.24 -6.52
N PHE C 415 1.31 -11.06 -7.13
CA PHE C 415 2.16 -10.87 -8.31
C PHE C 415 2.96 -9.61 -8.11
N HIS C 416 4.23 -9.75 -7.74
CA HIS C 416 5.08 -8.62 -7.36
C HIS C 416 6.38 -8.62 -8.14
N ASN C 417 6.87 -7.43 -8.48
CA ASN C 417 8.23 -7.26 -9.05
C ASN C 417 8.39 -8.06 -10.34
N ILE C 418 7.48 -7.84 -11.27
CA ILE C 418 7.50 -8.55 -12.54
C ILE C 418 7.75 -7.54 -13.65
N TYR C 419 8.74 -7.84 -14.47
CA TYR C 419 9.09 -7.05 -15.63
C TYR C 419 8.67 -7.81 -16.88
N PHE C 420 7.61 -7.36 -17.54
CA PHE C 420 7.14 -7.91 -18.81
C PHE C 420 7.69 -7.03 -19.94
N GLN C 421 8.47 -7.61 -20.84
CA GLN C 421 9.07 -6.84 -21.92
C GLN C 421 8.95 -7.52 -23.28
N LEU C 422 8.45 -6.75 -24.25
CA LEU C 422 8.50 -7.12 -25.68
C LEU C 422 7.73 -8.40 -26.02
N GLY C 423 6.62 -8.60 -25.31
CA GLY C 423 5.69 -9.67 -25.61
C GLY C 423 4.75 -9.28 -26.75
N ASP C 424 4.43 -10.26 -27.60
CA ASP C 424 3.51 -10.04 -28.73
C ASP C 424 2.06 -10.00 -28.29
N GLY C 425 1.75 -10.48 -27.08
CA GLY C 425 0.40 -10.53 -26.57
C GLY C 425 0.27 -9.73 -25.28
N HIS C 426 -0.34 -10.35 -24.27
CA HIS C 426 -0.59 -9.72 -22.98
C HIS C 426 0.46 -10.11 -21.96
N ALA C 427 0.50 -9.36 -20.86
CA ALA C 427 1.30 -9.75 -19.70
C ALA C 427 0.64 -10.93 -19.00
N MET C 428 -0.63 -10.74 -18.65
CA MET C 428 -1.42 -11.76 -17.96
C MET C 428 -2.82 -11.88 -18.57
N ILE C 429 -3.26 -13.11 -18.76
CA ILE C 429 -4.60 -13.41 -19.23
C ILE C 429 -5.28 -14.37 -18.28
N PHE C 430 -6.34 -13.89 -17.66
CA PHE C 430 -7.29 -14.72 -16.96
C PHE C 430 -8.53 -14.85 -17.85
N ASP C 431 -8.83 -16.05 -18.34
CA ASP C 431 -10.07 -16.23 -19.13
C ASP C 431 -11.33 -15.95 -18.31
N ARG C 432 -11.26 -16.12 -17.00
CA ARG C 432 -12.42 -15.97 -16.14
C ARG C 432 -12.14 -14.99 -14.98
N ASP C 433 -12.45 -15.39 -13.73
CA ASP C 433 -12.64 -14.42 -12.65
C ASP C 433 -11.53 -14.45 -11.62
N VAL C 434 -11.17 -13.26 -11.12
CA VAL C 434 -10.12 -13.10 -10.12
C VAL C 434 -10.64 -12.26 -8.95
N HIS C 435 -10.48 -12.78 -7.74
CA HIS C 435 -10.90 -12.14 -6.50
C HIS C 435 -9.73 -12.08 -5.49
N GLY C 436 -9.52 -10.92 -4.87
CA GLY C 436 -8.63 -10.86 -3.70
C GLY C 436 -7.15 -11.05 -4.01
N CYS C 437 -6.76 -10.77 -5.24
CA CYS C 437 -5.39 -10.91 -5.67
C CYS C 437 -4.69 -9.57 -5.55
N ASP C 438 -3.36 -9.60 -5.48
CA ASP C 438 -2.55 -8.39 -5.28
C ASP C 438 -1.51 -8.29 -6.39
N PHE C 439 -1.40 -7.11 -6.98
CA PHE C 439 -0.43 -6.84 -8.08
C PHE C 439 0.34 -5.57 -7.72
N ASP C 440 1.67 -5.63 -7.70
CA ASP C 440 2.47 -4.45 -7.26
C ASP C 440 3.85 -4.45 -7.90
N ASN C 441 4.33 -3.27 -8.27
CA ASN C 441 5.67 -3.09 -8.87
C ASN C 441 5.86 -3.95 -10.10
N ILE C 442 4.97 -3.69 -11.06
CA ILE C 442 4.89 -4.39 -12.32
C ILE C 442 5.28 -3.41 -13.42
N ILE C 443 6.04 -3.88 -14.40
CA ILE C 443 6.44 -3.10 -15.54
C ILE C 443 5.94 -3.78 -16.80
N PHE C 444 5.28 -3.02 -17.68
CA PHE C 444 4.96 -3.44 -19.05
C PHE C 444 5.77 -2.58 -20.00
N GLU C 445 6.76 -3.15 -20.67
CA GLU C 445 7.56 -2.40 -21.64
C GLU C 445 7.38 -3.00 -23.02
N SER C 446 6.77 -2.24 -23.93
CA SER C 446 6.55 -2.69 -25.31
C SER C 446 5.84 -4.05 -25.36
N MET C 447 4.72 -4.15 -24.64
CA MET C 447 3.83 -5.30 -24.71
C MET C 447 2.69 -4.94 -25.65
N ASN C 448 1.82 -5.90 -25.96
CA ASN C 448 0.59 -5.62 -26.70
C ASN C 448 -0.67 -5.76 -25.86
N GLY C 449 -0.49 -5.76 -24.55
CA GLY C 449 -1.61 -5.88 -23.64
C GLY C 449 -1.10 -5.98 -22.22
N GLY C 450 -1.91 -5.56 -21.26
CA GLY C 450 -1.53 -5.61 -19.85
C GLY C 450 -2.13 -6.84 -19.19
N ILE C 451 -2.90 -6.60 -18.15
CA ILE C 451 -3.65 -7.66 -17.48
C ILE C 451 -5.05 -7.68 -18.08
N LYS C 452 -5.50 -8.86 -18.46
CA LYS C 452 -6.85 -9.06 -18.98
C LYS C 452 -7.57 -10.13 -18.17
N ALA C 453 -8.82 -9.86 -17.80
CA ALA C 453 -9.65 -10.81 -17.10
C ALA C 453 -11.11 -10.56 -17.43
N ARG C 454 -11.94 -11.55 -17.14
CA ARG C 454 -13.39 -11.39 -17.26
C ARG C 454 -13.99 -10.59 -16.11
N THR C 455 -13.53 -10.91 -14.90
CA THR C 455 -13.99 -10.28 -13.67
C THR C 455 -12.80 -10.02 -12.77
N VAL C 456 -12.77 -8.83 -12.18
CA VAL C 456 -11.74 -8.44 -11.22
C VAL C 456 -12.43 -7.80 -10.04
N ALA C 457 -12.42 -8.54 -8.93
CA ALA C 457 -13.20 -8.19 -7.76
C ALA C 457 -12.31 -8.13 -6.53
N HIS C 458 -12.40 -7.04 -5.76
CA HIS C 458 -11.67 -6.92 -4.49
C HIS C 458 -10.17 -7.25 -4.61
N CYS C 459 -9.56 -6.78 -5.69
CA CYS C 459 -8.12 -6.96 -5.90
C CYS C 459 -7.37 -5.68 -5.54
N GLY C 460 -6.09 -5.82 -5.21
CA GLY C 460 -5.22 -4.67 -4.92
C GLY C 460 -4.25 -4.47 -6.09
N PHE C 461 -4.11 -3.22 -6.52
CA PHE C 461 -3.15 -2.85 -7.54
C PHE C 461 -2.27 -1.74 -7.03
N GLY C 462 -0.97 -1.97 -7.07
CA GLY C 462 0.00 -0.99 -6.61
C GLY C 462 0.63 -0.27 -7.79
N LYS C 463 1.94 -0.16 -7.79
CA LYS C 463 2.65 0.59 -8.82
C LYS C 463 2.81 -0.19 -10.11
N PHE C 464 2.52 0.48 -11.22
CA PHE C 464 2.71 -0.03 -12.56
C PHE C 464 3.45 1.00 -13.38
N TRP C 465 4.38 0.54 -14.21
CA TRP C 465 5.10 1.39 -15.13
C TRP C 465 4.85 0.80 -16.51
N CYS C 466 4.03 1.48 -17.30
CA CYS C 466 3.59 1.00 -18.61
C CYS C 466 4.18 1.93 -19.67
N GLU C 467 5.15 1.43 -20.41
CA GLU C 467 5.90 2.24 -21.37
C GLU C 467 5.99 1.55 -22.73
N ASN C 468 5.25 2.10 -23.70
CA ASN C 468 5.27 1.68 -25.11
C ASN C 468 4.56 0.38 -25.37
N LEU C 469 4.09 0.26 -26.60
CA LEU C 469 3.40 -0.91 -27.09
C LEU C 469 4.20 -1.51 -28.24
N LYS C 470 4.14 -2.83 -28.41
CA LYS C 470 4.98 -3.50 -29.41
C LYS C 470 4.49 -3.20 -30.83
N THR C 471 3.25 -3.53 -31.12
CA THR C 471 2.62 -3.16 -32.40
C THR C 471 1.25 -2.50 -32.26
N ALA C 472 0.59 -2.65 -31.11
CA ALA C 472 -0.70 -2.01 -30.87
C ALA C 472 -0.54 -0.50 -30.76
N THR C 473 -1.62 0.23 -30.99
CA THR C 473 -1.58 1.70 -30.91
C THR C 473 -2.10 2.21 -29.56
N SER C 474 -3.08 1.52 -28.99
CA SER C 474 -3.67 1.92 -27.72
C SER C 474 -4.15 0.68 -26.94
N LYS C 475 -3.81 0.58 -25.65
CA LYS C 475 -4.25 -0.52 -24.79
C LYS C 475 -4.41 -0.05 -23.34
N ASP C 476 -5.45 -0.55 -22.68
CA ASP C 476 -5.62 -0.30 -21.25
C ASP C 476 -4.63 -1.20 -20.48
N TRP C 477 -4.03 -0.67 -19.43
CA TRP C 477 -3.15 -1.45 -18.57
C TRP C 477 -3.88 -2.62 -17.89
N LEU C 478 -5.17 -2.39 -17.56
CA LEU C 478 -6.06 -3.40 -17.00
C LEU C 478 -7.33 -3.42 -17.84
N GLU C 479 -7.63 -4.59 -18.37
CA GLU C 479 -8.75 -4.79 -19.30
C GLU C 479 -9.67 -5.82 -18.67
N VAL C 480 -10.88 -5.42 -18.31
CA VAL C 480 -11.86 -6.32 -17.66
C VAL C 480 -13.07 -6.39 -18.58
N THR C 481 -13.41 -7.59 -19.05
CA THR C 481 -14.36 -7.72 -20.17
C THR C 481 -15.82 -7.84 -19.74
N GLY C 482 -16.09 -8.36 -18.55
CA GLY C 482 -17.44 -8.53 -18.07
C GLY C 482 -18.13 -7.20 -17.72
N ALA C 483 -19.43 -7.11 -17.99
CA ALA C 483 -20.21 -5.91 -17.66
C ALA C 483 -20.36 -5.80 -16.14
N ASN C 484 -20.03 -4.63 -15.59
CA ASN C 484 -20.00 -4.39 -14.13
C ASN C 484 -19.23 -5.45 -13.35
N SER C 485 -18.18 -5.99 -13.97
CA SER C 485 -17.40 -7.07 -13.39
C SER C 485 -16.03 -6.62 -12.88
N CYS C 486 -15.78 -5.31 -12.89
CA CYS C 486 -14.63 -4.73 -12.21
C CYS C 486 -15.16 -3.91 -11.03
N TYR C 487 -14.99 -4.41 -9.82
CA TYR C 487 -15.56 -3.77 -8.64
C TYR C 487 -14.80 -4.14 -7.37
N GLY C 488 -14.89 -3.26 -6.39
CA GLY C 488 -14.34 -3.54 -5.06
C GLY C 488 -12.84 -3.41 -4.94
N ASN C 489 -12.20 -2.84 -5.95
CA ASN C 489 -10.76 -2.86 -6.06
C ASN C 489 -10.09 -1.68 -5.38
N SER C 490 -8.80 -1.85 -5.15
CA SER C 490 -7.94 -0.81 -4.63
C SER C 490 -6.88 -0.51 -5.69
N PHE C 491 -6.95 0.69 -6.27
CA PHE C 491 -5.94 1.16 -7.23
C PHE C 491 -5.10 2.18 -6.49
N THR C 492 -4.17 1.68 -5.68
CA THR C 492 -3.52 2.51 -4.66
C THR C 492 -2.04 2.74 -4.92
N GLY C 493 -1.59 2.59 -6.15
CA GLY C 493 -0.26 3.04 -6.54
C GLY C 493 -0.36 3.87 -7.80
N TYR C 494 0.66 4.68 -8.06
CA TYR C 494 0.71 5.42 -9.30
C TYR C 494 0.88 4.49 -10.51
N VAL C 495 0.09 4.72 -11.54
CA VAL C 495 0.23 4.01 -12.80
C VAL C 495 0.82 4.97 -13.86
N LYS C 496 2.07 4.73 -14.22
CA LYS C 496 2.76 5.51 -15.24
C LYS C 496 2.35 4.98 -16.62
N LEU C 497 1.86 5.89 -17.47
CA LEU C 497 1.37 5.56 -18.80
C LEU C 497 2.16 6.36 -19.84
N LEU C 498 2.88 5.64 -20.71
CA LEU C 498 3.69 6.25 -21.76
C LEU C 498 3.54 5.47 -23.06
N GLY C 499 3.48 6.21 -24.17
CA GLY C 499 3.55 5.60 -25.48
C GLY C 499 2.34 4.81 -25.95
N GLY C 500 1.15 5.13 -25.46
CA GLY C 500 -0.08 4.50 -25.93
C GLY C 500 -0.92 3.79 -24.89
N TRP C 501 -0.33 3.49 -23.72
CA TRP C 501 -1.10 2.89 -22.65
C TRP C 501 -2.19 3.85 -22.12
N THR C 502 -3.36 3.32 -21.81
CA THR C 502 -4.46 4.09 -21.26
C THR C 502 -4.93 3.44 -19.96
N SER C 503 -5.80 4.14 -19.24
CA SER C 503 -6.34 3.64 -17.97
C SER C 503 -7.82 3.95 -17.82
N LYS C 504 -8.56 2.99 -17.27
CA LYS C 504 -9.95 3.19 -16.85
C LYS C 504 -10.08 3.32 -15.33
N THR C 505 -8.96 3.56 -14.63
CA THR C 505 -8.92 3.58 -13.18
C THR C 505 -8.40 4.89 -12.56
N SER C 506 -8.04 5.88 -13.37
CA SER C 506 -7.53 7.15 -12.87
C SER C 506 -8.55 7.85 -11.98
N PRO C 507 -8.09 8.46 -10.88
CA PRO C 507 -9.03 9.22 -10.05
C PRO C 507 -9.72 10.37 -10.77
N THR C 508 -9.05 10.96 -11.77
CA THR C 508 -9.60 12.11 -12.50
C THR C 508 -10.51 11.72 -13.67
N LEU C 509 -10.67 10.42 -13.92
CA LEU C 509 -11.56 9.96 -14.97
C LEU C 509 -13.02 10.22 -14.61
N ASP C 510 -13.78 10.76 -15.54
CA ASP C 510 -15.20 10.95 -15.32
C ASP C 510 -15.89 9.58 -15.17
N SER C 511 -16.91 9.55 -14.32
CA SER C 511 -17.68 8.35 -14.11
C SER C 511 -18.66 8.15 -15.25
N LEU C 512 -19.02 6.89 -15.45
CA LEU C 512 -20.07 6.48 -16.39
C LEU C 512 -21.29 6.08 -15.58
N PRO C 513 -22.47 6.02 -16.23
CA PRO C 513 -23.65 5.55 -15.51
C PRO C 513 -23.57 4.07 -15.12
N THR C 514 -22.77 3.30 -15.86
CA THR C 514 -22.56 1.90 -15.55
C THR C 514 -21.24 1.46 -16.17
N ASN C 515 -20.75 0.29 -15.77
CA ASN C 515 -19.46 -0.25 -16.24
C ASN C 515 -18.22 0.57 -15.88
N ASN C 516 -18.26 1.27 -14.76
CA ASN C 516 -17.03 1.87 -14.23
C ASN C 516 -16.13 0.74 -13.74
N TYR C 517 -14.82 0.99 -13.74
CA TYR C 517 -13.90 0.10 -13.02
C TYR C 517 -14.02 0.52 -11.57
N GLY C 518 -14.80 -0.26 -10.82
CA GLY C 518 -15.20 0.07 -9.47
C GLY C 518 -14.08 -0.10 -8.47
N GLY C 519 -13.94 0.90 -7.60
CA GLY C 519 -12.97 0.83 -6.54
C GLY C 519 -12.52 2.20 -6.04
N VAL C 520 -11.57 2.15 -5.13
CA VAL C 520 -10.93 3.33 -4.60
C VAL C 520 -9.65 3.53 -5.40
N SER C 521 -9.32 4.78 -5.71
CA SER C 521 -8.11 5.10 -6.44
C SER C 521 -7.35 6.17 -5.68
N VAL C 522 -6.10 5.88 -5.36
CA VAL C 522 -5.28 6.77 -4.55
C VAL C 522 -3.90 6.94 -5.20
N SER C 523 -3.60 8.16 -5.61
CA SER C 523 -2.27 8.51 -6.09
C SER C 523 -2.11 10.01 -6.04
N ALA C 524 -0.96 10.50 -6.50
CA ALA C 524 -0.74 11.93 -6.61
C ALA C 524 -1.70 12.60 -7.60
N GLU C 525 -2.32 11.83 -8.49
CA GLU C 525 -3.38 12.37 -9.39
C GLU C 525 -4.69 12.70 -8.68
N GLY C 526 -4.90 12.14 -7.49
CA GLY C 526 -6.15 12.35 -6.77
C GLY C 526 -6.53 11.18 -5.90
N ILE C 527 -7.50 11.42 -5.02
CA ILE C 527 -8.07 10.39 -4.17
C ILE C 527 -9.53 10.30 -4.59
N SER C 528 -9.95 9.15 -5.09
CA SER C 528 -11.31 8.99 -5.59
C SER C 528 -11.91 7.65 -5.22
N ILE C 529 -13.22 7.58 -5.33
CA ILE C 529 -13.96 6.36 -5.04
C ILE C 529 -15.22 6.31 -5.91
N VAL C 530 -15.49 5.13 -6.48
CA VAL C 530 -16.56 4.93 -7.46
C VAL C 530 -17.03 3.46 -7.39
N ASN C 531 -18.30 3.24 -7.67
CA ASN C 531 -18.83 1.87 -7.83
C ASN C 531 -19.06 1.59 -9.32
N ALA C 532 -19.09 0.30 -9.67
CA ALA C 532 -19.17 -0.10 -11.06
C ALA C 532 -20.46 0.37 -11.73
N GLY C 533 -21.60 0.15 -11.07
CA GLY C 533 -22.92 0.32 -11.71
C GLY C 533 -23.67 1.61 -11.43
N ASN C 534 -22.95 2.67 -11.10
CA ASN C 534 -23.59 3.94 -10.78
C ASN C 534 -22.65 5.12 -11.11
N LYS C 535 -23.25 6.25 -11.44
CA LYS C 535 -22.56 7.48 -11.83
C LYS C 535 -21.82 8.18 -10.68
N ALA C 536 -22.20 7.89 -9.44
CA ALA C 536 -21.62 8.59 -8.31
C ALA C 536 -20.11 8.39 -8.25
N LYS C 537 -19.37 9.47 -8.08
CA LYS C 537 -17.92 9.38 -7.87
C LYS C 537 -17.47 10.63 -7.13
N MET C 538 -16.67 10.46 -6.08
CA MET C 538 -16.07 11.60 -5.35
C MET C 538 -14.57 11.58 -5.57
N LEU C 539 -14.02 12.77 -5.72
CA LEU C 539 -12.61 12.99 -6.01
C LEU C 539 -12.11 14.13 -5.11
N MET C 540 -11.03 13.90 -4.37
CA MET C 540 -10.32 14.95 -3.64
C MET C 540 -8.99 15.28 -4.31
N LEU C 541 -8.78 16.57 -4.48
CA LEU C 541 -7.60 17.15 -5.12
C LEU C 541 -7.06 18.28 -4.25
N PRO C 542 -5.86 18.79 -4.57
CA PRO C 542 -5.35 19.90 -3.75
C PRO C 542 -6.30 21.11 -3.64
N SER C 543 -7.07 21.38 -4.69
CA SER C 543 -7.99 22.52 -4.71
C SER C 543 -9.32 22.28 -3.98
N GLY C 544 -9.70 21.03 -3.73
CA GLY C 544 -10.99 20.72 -3.15
C GLY C 544 -11.57 19.42 -3.68
N PHE C 545 -12.87 19.44 -4.01
CA PHE C 545 -13.63 18.24 -4.33
C PHE C 545 -14.30 18.33 -5.67
N LYS C 546 -14.44 17.17 -6.31
CA LYS C 546 -15.20 17.05 -7.53
C LYS C 546 -16.11 15.84 -7.42
N THR C 547 -17.29 15.98 -8.00
CA THR C 547 -18.31 14.94 -8.02
C THR C 547 -18.64 14.54 -9.46
N GLY C 548 -18.96 13.26 -9.64
CA GLY C 548 -19.35 12.71 -10.91
C GLY C 548 -20.82 12.74 -11.24
N ASN C 549 -21.70 13.02 -10.27
CA ASN C 549 -23.16 13.01 -10.50
C ASN C 549 -23.86 14.33 -10.14
N ALA C 550 -23.09 15.43 -10.13
CA ALA C 550 -23.59 16.77 -9.85
C ALA C 550 -24.20 16.91 -8.46
N THR C 551 -23.83 16.02 -7.54
CA THR C 551 -24.40 15.96 -6.21
C THR C 551 -23.32 15.65 -5.21
N ILE C 552 -23.41 16.26 -4.04
CA ILE C 552 -22.58 15.93 -2.89
C ILE C 552 -23.49 15.78 -1.69
N ASP C 553 -23.45 14.62 -1.04
CA ASP C 553 -24.21 14.37 0.20
C ASP C 553 -23.35 14.57 1.45
N GLU C 554 -23.99 15.07 2.52
CA GLU C 554 -23.40 15.18 3.85
C GLU C 554 -24.39 14.56 4.84
N THR C 555 -24.00 13.48 5.50
CA THR C 555 -24.89 12.82 6.46
C THR C 555 -24.10 12.10 7.55
N HIS C 556 -24.79 11.33 8.37
CA HIS C 556 -24.18 10.58 9.46
C HIS C 556 -23.66 9.24 8.96
N ILE C 557 -22.59 8.74 9.57
CA ILE C 557 -22.13 7.39 9.29
C ILE C 557 -23.22 6.36 9.66
N SER C 558 -23.85 6.53 10.83
CA SER C 558 -24.95 5.67 11.23
C SER C 558 -26.20 5.97 10.39
N SER C 559 -26.80 4.94 9.81
CA SER C 559 -28.04 5.12 9.05
C SER C 559 -29.26 5.35 9.92
N SER C 560 -29.18 5.06 11.22
CA SER C 560 -30.30 5.28 12.14
C SER C 560 -30.30 6.69 12.80
N THR C 561 -29.18 7.39 12.80
CA THR C 561 -29.11 8.73 13.39
C THR C 561 -29.87 9.75 12.51
N VAL C 562 -30.76 10.52 13.12
CA VAL C 562 -31.65 11.43 12.39
C VAL C 562 -31.61 12.86 12.95
N THR C 563 -30.53 13.22 13.62
CA THR C 563 -30.32 14.59 14.06
C THR C 563 -29.85 15.41 12.86
N PRO C 564 -29.92 16.75 12.95
CA PRO C 564 -29.22 17.56 11.94
C PRO C 564 -27.71 17.49 12.16
N LEU C 565 -26.96 17.99 11.17
CA LEU C 565 -25.51 18.18 11.30
C LEU C 565 -25.24 19.62 11.65
N VAL C 566 -24.06 19.86 12.18
CA VAL C 566 -23.56 21.21 12.36
C VAL C 566 -22.23 21.31 11.61
N LYS C 567 -22.11 22.33 10.78
CA LYS C 567 -20.85 22.63 10.12
C LYS C 567 -20.16 23.77 10.83
N ARG C 568 -18.87 23.61 11.05
CA ARG C 568 -18.08 24.63 11.69
C ARG C 568 -17.04 25.13 10.69
N ARG C 569 -16.88 26.43 10.60
CA ARG C 569 -16.01 27.03 9.59
C ARG C 569 -15.24 28.20 10.22
N VAL C 570 -13.94 28.25 9.95
CA VAL C 570 -13.11 29.35 10.41
C VAL C 570 -13.55 30.66 9.76
N ILE C 571 -13.83 31.65 10.59
CA ILE C 571 -14.25 32.96 10.10
C ILE C 571 -13.41 34.11 10.65
N GLY C 572 -12.46 33.81 11.52
CA GLY C 572 -11.68 34.86 12.18
C GLY C 572 -10.92 34.33 13.36
N ALA C 573 -10.63 35.24 14.28
CA ALA C 573 -9.85 34.96 15.47
C ALA C 573 -10.61 35.35 16.73
N ASP C 574 -10.40 34.63 17.82
CA ASP C 574 -10.91 35.06 19.12
C ASP C 574 -10.00 36.13 19.73
N SER C 575 -10.29 36.57 20.95
CA SER C 575 -9.48 37.65 21.56
C SER C 575 -8.04 37.24 21.88
N SER C 576 -7.81 35.95 22.11
CA SER C 576 -6.46 35.43 22.32
C SER C 576 -5.66 35.20 21.01
N GLY C 577 -6.30 35.35 19.86
CA GLY C 577 -5.65 35.21 18.56
C GLY C 577 -5.76 33.83 17.95
N ALA C 578 -6.48 32.92 18.62
CA ALA C 578 -6.69 31.57 18.12
C ALA C 578 -7.81 31.60 17.06
N GLN C 579 -7.85 30.58 16.23
CA GLN C 579 -8.88 30.46 15.21
C GLN C 579 -10.25 30.37 15.86
N TYR C 580 -11.20 31.11 15.33
CA TYR C 580 -12.59 30.98 15.75
C TYR C 580 -13.36 30.26 14.65
N LEU C 581 -13.89 29.08 14.98
CA LEU C 581 -14.72 28.29 14.09
C LEU C 581 -16.19 28.54 14.46
N ALA C 582 -16.95 29.10 13.53
CA ALA C 582 -18.36 29.41 13.73
C ALA C 582 -19.22 28.23 13.32
N SER C 583 -20.36 28.07 13.97
CA SER C 583 -21.25 26.94 13.75
C SER C 583 -22.46 27.38 12.95
N ASP C 584 -22.88 26.56 12.00
CA ASP C 584 -24.14 26.82 11.29
C ASP C 584 -25.33 26.05 11.89
N THR C 585 -26.51 26.30 11.33
CA THR C 585 -27.74 25.61 11.71
C THR C 585 -28.48 25.28 10.43
N TYR C 586 -28.88 24.03 10.29
CA TYR C 586 -29.73 23.61 9.19
C TYR C 586 -30.64 22.48 9.72
N THR C 587 -31.80 22.91 10.19
CA THR C 587 -32.82 21.98 10.64
C THR C 587 -34.00 22.05 9.68
N LYS C 588 -35.04 21.27 9.96
CA LYS C 588 -36.27 21.38 9.20
C LYS C 588 -36.93 22.77 9.27
N LEU C 589 -36.67 23.51 10.35
CA LEU C 589 -37.32 24.79 10.60
C LEU C 589 -36.39 26.01 10.61
N SER C 590 -35.09 25.82 10.50
CA SER C 590 -34.16 26.94 10.63
C SER C 590 -32.90 26.78 9.80
N ARG C 591 -32.49 27.87 9.14
CA ARG C 591 -31.21 27.93 8.42
C ARG C 591 -30.49 29.21 8.82
N LYS C 592 -29.33 29.05 9.45
CA LYS C 592 -28.55 30.16 9.98
C LYS C 592 -27.07 29.84 9.88
N TRP C 593 -26.27 30.88 9.93
CA TRP C 593 -24.82 30.80 10.05
C TRP C 593 -24.42 31.64 11.25
N GLY C 594 -23.73 31.01 12.20
CA GLY C 594 -23.28 31.70 13.40
C GLY C 594 -22.10 32.64 13.18
N THR C 595 -22.01 33.62 14.04
CA THR C 595 -20.81 34.47 14.12
C THR C 595 -20.62 34.87 15.58
N TYR C 596 -19.59 35.67 15.84
CA TYR C 596 -19.31 36.11 17.22
C TYR C 596 -18.52 37.39 17.16
N ASN C 597 -18.87 38.33 18.02
CA ASN C 597 -18.16 39.59 18.16
C ASN C 597 -17.30 39.49 19.43
N HIS C 598 -15.99 39.35 19.24
CA HIS C 598 -15.06 39.20 20.36
C HIS C 598 -14.71 40.55 21.02
N GLY C 599 -15.10 41.66 20.41
CA GLY C 599 -14.99 42.97 21.03
C GLY C 599 -15.98 43.14 22.17
N SER C 600 -17.25 42.85 21.88
CA SER C 600 -18.32 42.98 22.87
C SER C 600 -18.69 41.66 23.55
N ASN C 601 -18.11 40.54 23.10
CA ASN C 601 -18.49 39.20 23.57
C ASN C 601 -19.96 38.84 23.40
N ASN C 602 -20.44 38.95 22.15
CA ASN C 602 -21.80 38.58 21.79
C ASN C 602 -21.80 37.63 20.61
N ALA C 603 -22.57 36.55 20.73
CA ALA C 603 -22.88 35.71 19.57
C ALA C 603 -23.77 36.48 18.59
N GLY C 604 -23.71 36.08 17.33
CA GLY C 604 -24.59 36.60 16.33
C GLY C 604 -24.92 35.55 15.30
N ALA C 605 -25.69 35.95 14.29
CA ALA C 605 -26.13 35.02 13.25
C ALA C 605 -26.62 35.73 12.01
N PHE C 606 -26.40 35.08 10.88
CA PHE C 606 -26.92 35.46 9.58
C PHE C 606 -28.04 34.46 9.25
N TYR C 607 -29.09 34.92 8.58
CA TYR C 607 -30.33 34.16 8.43
C TYR C 607 -30.72 34.00 6.97
N ALA C 608 -31.21 32.80 6.63
CA ALA C 608 -31.92 32.56 5.38
C ALA C 608 -33.39 32.26 5.74
N PRO C 609 -34.27 33.26 5.65
CA PRO C 609 -35.65 33.05 6.09
C PRO C 609 -36.49 32.22 5.12
N MET C 610 -37.59 31.67 5.61
CA MET C 610 -38.63 31.18 4.74
C MET C 610 -39.28 32.37 4.06
N MET C 611 -39.58 32.23 2.79
CA MET C 611 -40.34 33.24 2.04
C MET C 611 -41.57 32.57 1.46
N LEU C 612 -42.66 33.31 1.42
CA LEU C 612 -43.93 32.79 1.03
C LEU C 612 -44.73 33.93 0.45
N THR C 613 -45.34 33.69 -0.70
CA THR C 613 -46.07 34.73 -1.41
C THR C 613 -47.55 34.35 -1.58
N TYR C 614 -48.40 35.32 -1.32
CA TYR C 614 -49.83 35.27 -1.60
C TYR C 614 -50.07 35.86 -2.97
N ASP C 615 -50.88 35.21 -3.79
CA ASP C 615 -51.26 35.76 -5.10
C ASP C 615 -52.66 35.23 -5.41
N GLN C 616 -53.61 36.14 -5.51
CA GLN C 616 -55.00 35.71 -5.75
C GLN C 616 -55.20 35.09 -7.13
N SER C 617 -54.24 35.28 -8.04
CA SER C 617 -54.24 34.62 -9.35
C SER C 617 -53.68 33.19 -9.37
N PHE C 618 -53.08 32.72 -8.26
CA PHE C 618 -52.62 31.33 -8.19
C PHE C 618 -53.83 30.40 -8.24
N SER C 619 -53.68 29.27 -8.96
CA SER C 619 -54.70 28.21 -8.97
C SER C 619 -54.84 27.56 -7.61
N THR C 620 -53.71 27.35 -6.93
CA THR C 620 -53.70 26.81 -5.58
C THR C 620 -52.71 27.64 -4.75
N PRO C 621 -52.98 27.80 -3.44
CA PRO C 621 -52.07 28.63 -2.64
C PRO C 621 -50.65 28.07 -2.58
N GLN C 622 -49.68 28.98 -2.58
CA GLN C 622 -48.30 28.59 -2.39
C GLN C 622 -48.14 28.09 -0.96
N ASN C 623 -47.36 27.04 -0.78
CA ASN C 623 -47.10 26.47 0.53
C ASN C 623 -45.60 26.39 0.75
N ASN C 624 -45.14 26.90 1.89
CA ASN C 624 -43.75 26.72 2.30
C ASN C 624 -43.73 26.03 3.65
N ASN C 625 -43.32 24.76 3.63
CA ASN C 625 -42.98 24.03 4.84
C ASN C 625 -44.17 23.84 5.78
N GLY C 626 -45.38 23.80 5.21
CA GLY C 626 -46.61 23.62 6.00
C GLY C 626 -47.37 24.90 6.31
N TRP C 627 -46.87 26.04 5.82
CA TRP C 627 -47.55 27.33 5.95
C TRP C 627 -48.04 27.82 4.60
N LYS C 628 -49.22 28.42 4.60
CA LYS C 628 -49.76 29.08 3.41
C LYS C 628 -50.40 30.37 3.85
N ILE C 629 -50.69 31.24 2.89
CA ILE C 629 -51.36 32.51 3.16
C ILE C 629 -52.77 32.47 2.56
N VAL C 630 -53.77 32.75 3.39
CA VAL C 630 -55.17 32.81 2.93
C VAL C 630 -55.78 34.14 3.35
N LYS C 631 -56.68 34.64 2.53
CA LYS C 631 -57.49 35.81 2.89
C LYS C 631 -58.55 35.39 3.93
N GLU C 632 -58.59 36.07 5.06
CA GLU C 632 -59.62 35.88 6.08
C GLU C 632 -60.82 36.79 5.83
N SER C 633 -60.54 38.06 5.59
CA SER C 633 -61.57 39.06 5.29
C SER C 633 -60.88 40.23 4.60
N THR C 634 -61.63 41.27 4.26
CA THR C 634 -61.04 42.45 3.61
C THR C 634 -59.81 42.98 4.35
N GLY C 635 -58.66 42.91 3.69
CA GLY C 635 -57.41 43.42 4.25
C GLY C 635 -56.77 42.59 5.34
N VAL C 636 -57.31 41.39 5.61
CA VAL C 636 -56.81 40.52 6.68
C VAL C 636 -56.43 39.16 6.12
N TYR C 637 -55.17 38.79 6.31
CA TYR C 637 -54.57 37.58 5.73
C TYR C 637 -53.94 36.76 6.82
N ARG C 638 -54.12 35.44 6.78
CA ARG C 638 -53.53 34.54 7.76
C ARG C 638 -52.38 33.81 7.11
N VAL C 639 -51.21 33.88 7.74
CA VAL C 639 -50.08 33.00 7.42
C VAL C 639 -50.25 31.84 8.38
N GLU C 640 -50.82 30.75 7.88
CA GLU C 640 -51.36 29.72 8.76
C GLU C 640 -50.84 28.33 8.45
N ARG C 641 -50.94 27.46 9.44
CA ARG C 641 -50.53 26.07 9.30
C ARG C 641 -51.60 25.27 8.57
N VAL C 642 -51.19 24.45 7.62
CA VAL C 642 -52.12 23.51 7.01
C VAL C 642 -52.28 22.28 7.89
N SER C 643 -53.27 21.47 7.55
CA SER C 643 -53.59 20.25 8.28
C SER C 643 -52.37 19.34 8.36
N GLY C 644 -52.02 18.92 9.58
CA GLY C 644 -50.91 18.02 9.79
C GLY C 644 -49.60 18.72 10.16
N ASN C 645 -49.52 20.03 9.93
CA ASN C 645 -48.36 20.79 10.37
C ASN C 645 -48.49 21.14 11.85
N THR C 646 -47.74 20.42 12.69
CA THR C 646 -47.69 20.68 14.13
C THR C 646 -46.46 21.44 14.56
N SER C 647 -45.67 21.92 13.61
CA SER C 647 -44.48 22.68 13.92
C SER C 647 -44.89 24.09 14.33
N VAL C 648 -44.03 24.74 15.11
CA VAL C 648 -44.30 26.09 15.63
C VAL C 648 -43.19 27.09 15.29
N ILE C 649 -43.55 28.35 15.38
CA ILE C 649 -42.63 29.48 15.39
C ILE C 649 -42.30 29.80 16.84
N THR C 650 -41.01 29.90 17.14
CA THR C 650 -40.56 30.26 18.48
C THR C 650 -39.72 31.54 18.41
N ASN C 651 -40.29 32.64 18.86
CA ASN C 651 -39.57 33.90 18.94
C ASN C 651 -38.94 34.33 17.60
N GLY C 652 -39.70 34.16 16.52
CA GLY C 652 -39.23 34.37 15.16
C GLY C 652 -39.15 35.81 14.71
N HIS C 653 -38.44 36.01 13.61
CA HIS C 653 -38.32 37.32 12.98
C HIS C 653 -39.36 37.37 11.86
N ILE C 654 -39.99 38.53 11.67
CA ILE C 654 -41.04 38.68 10.62
C ILE C 654 -40.83 39.95 9.80
N VAL C 655 -40.79 39.77 8.48
CA VAL C 655 -40.68 40.85 7.52
C VAL C 655 -41.78 40.67 6.48
N VAL C 656 -42.62 41.69 6.29
CA VAL C 656 -43.63 41.66 5.23
C VAL C 656 -43.10 42.44 4.03
N GLY C 657 -43.34 41.89 2.85
CA GLY C 657 -42.86 42.45 1.61
C GLY C 657 -43.80 43.46 1.00
N SER C 658 -43.61 43.69 -0.29
CA SER C 658 -44.21 44.80 -0.97
C SER C 658 -45.48 44.37 -1.67
N PRO C 659 -46.53 45.19 -1.60
CA PRO C 659 -47.80 44.79 -2.21
C PRO C 659 -47.93 45.20 -3.68
N LEU C 660 -48.47 44.28 -4.47
CA LEU C 660 -48.97 44.57 -5.80
C LEU C 660 -50.49 44.78 -5.66
N MET C 661 -50.94 46.01 -5.87
CA MET C 661 -52.35 46.38 -5.66
C MET C 661 -53.15 46.34 -6.96
N GLY C 662 -54.42 45.96 -6.85
CA GLY C 662 -55.39 46.10 -7.97
C GLY C 662 -55.38 45.01 -9.05
N SER C 663 -54.19 44.49 -9.37
CA SER C 663 -54.01 43.46 -10.40
C SER C 663 -52.70 42.74 -10.15
N ARG C 664 -52.46 41.66 -10.87
CA ARG C 664 -51.23 40.91 -10.73
C ARG C 664 -50.00 41.73 -11.10
N LEU C 665 -50.13 42.54 -12.16
CA LEU C 665 -49.08 43.46 -12.57
C LEU C 665 -48.86 44.56 -11.54
N GLY C 666 -49.94 45.00 -10.91
CA GLY C 666 -49.90 46.11 -9.95
C GLY C 666 -50.32 47.42 -10.59
N THR C 667 -51.04 48.24 -9.84
CA THR C 667 -51.35 49.60 -10.25
C THR C 667 -50.22 50.56 -9.89
N GLY C 668 -49.37 50.17 -8.94
CA GLY C 668 -48.37 51.08 -8.40
C GLY C 668 -48.78 51.76 -7.10
N THR C 669 -50.05 51.65 -6.69
CA THR C 669 -50.46 52.19 -5.40
C THR C 669 -49.85 51.34 -4.28
N GLY C 670 -49.79 51.92 -3.08
CA GLY C 670 -49.15 51.25 -1.95
C GLY C 670 -50.12 50.93 -0.83
N ALA C 671 -49.61 50.35 0.24
CA ALA C 671 -50.41 50.07 1.43
C ALA C 671 -49.48 49.88 2.61
N THR C 672 -50.05 50.00 3.81
CA THR C 672 -49.31 49.92 5.06
C THR C 672 -49.77 48.66 5.79
N HIS C 673 -48.83 47.89 6.31
CA HIS C 673 -49.16 46.66 7.00
C HIS C 673 -48.89 46.73 8.51
N GLY C 674 -49.62 45.88 9.23
CA GLY C 674 -49.32 45.52 10.61
C GLY C 674 -49.57 44.03 10.76
N ILE C 675 -49.05 43.46 11.83
CA ILE C 675 -49.21 42.02 12.08
C ILE C 675 -49.85 41.73 13.45
N GLN C 676 -50.36 40.52 13.58
CA GLN C 676 -50.89 39.99 14.85
C GLN C 676 -50.56 38.52 14.87
N MET C 677 -50.05 38.01 15.98
CA MET C 677 -49.65 36.60 16.05
C MET C 677 -50.88 35.72 16.20
N ILE C 678 -50.75 34.47 15.73
CA ILE C 678 -51.76 33.44 15.92
C ILE C 678 -51.16 32.44 16.89
N GLU C 679 -51.80 32.28 18.04
CA GLU C 679 -51.27 31.42 19.11
C GLU C 679 -51.58 29.94 18.88
N THR C 680 -50.78 29.06 19.48
CA THR C 680 -51.04 27.62 19.44
C THR C 680 -51.99 27.19 20.55
N TYR C 681 -51.84 27.81 21.73
CA TYR C 681 -52.76 27.71 22.85
C TYR C 681 -52.81 29.10 23.49
N ALA C 682 -53.86 29.35 24.28
CA ALA C 682 -54.06 30.64 24.92
C ALA C 682 -52.83 31.07 25.72
N GLY C 683 -52.25 32.20 25.32
CA GLY C 683 -51.05 32.75 25.97
C GLY C 683 -49.72 32.21 25.47
N SER C 684 -49.73 31.33 24.47
CA SER C 684 -48.48 30.74 24.00
C SER C 684 -47.47 31.77 23.55
N TRP C 685 -47.93 32.82 22.87
CA TRP C 685 -47.05 33.86 22.34
C TRP C 685 -46.75 34.91 23.40
N THR C 686 -47.80 35.46 23.99
CA THR C 686 -47.68 36.44 25.05
C THR C 686 -46.69 36.02 26.14
N SER C 687 -46.79 34.77 26.59
CA SER C 687 -45.97 34.28 27.71
C SER C 687 -44.70 33.57 27.28
N TYR C 688 -44.75 32.81 26.18
CA TYR C 688 -43.65 31.91 25.81
C TYR C 688 -43.09 32.12 24.39
N THR C 689 -43.54 33.17 23.72
CA THR C 689 -43.19 33.46 22.30
C THR C 689 -43.29 32.25 21.38
N GLU C 690 -44.33 31.43 21.56
CA GLU C 690 -44.66 30.37 20.64
C GLU C 690 -45.89 30.75 19.84
N ALA C 691 -45.80 30.61 18.52
CA ALA C 691 -46.93 30.90 17.65
C ALA C 691 -47.16 29.82 16.60
N ALA C 692 -48.40 29.71 16.17
CA ALA C 692 -48.79 28.87 15.05
C ALA C 692 -48.54 29.57 13.72
N GLY C 693 -48.64 30.90 13.75
CA GLY C 693 -48.49 31.71 12.56
C GLY C 693 -48.77 33.16 12.88
N PHE C 694 -49.20 33.92 11.88
CA PHE C 694 -49.50 35.34 12.09
C PHE C 694 -50.44 35.87 11.02
N LYS C 695 -51.11 36.97 11.36
CA LYS C 695 -51.99 37.66 10.43
C LYS C 695 -51.29 38.91 9.92
N VAL C 696 -51.55 39.25 8.67
CA VAL C 696 -51.09 40.49 8.08
C VAL C 696 -52.33 41.33 7.74
N PHE C 697 -52.33 42.57 8.21
CA PHE C 697 -53.40 43.54 7.97
C PHE C 697 -52.86 44.63 7.04
N TRP C 698 -53.57 44.92 5.97
CA TRP C 698 -53.18 45.89 4.96
C TRP C 698 -54.17 47.04 4.91
N ARG C 699 -53.67 48.27 4.93
CA ARG C 699 -54.51 49.47 4.91
C ARG C 699 -54.00 50.51 3.93
N ASP C 700 -54.93 51.28 3.33
CA ASP C 700 -54.58 52.36 2.42
C ASP C 700 -54.25 53.64 3.18
N SER C 701 -53.95 54.72 2.46
CA SER C 701 -53.53 55.97 3.09
C SER C 701 -54.60 56.63 3.96
N SER C 702 -55.88 56.28 3.75
CA SER C 702 -56.96 56.73 4.65
C SER C 702 -57.22 55.77 5.81
N ASN C 703 -56.36 54.76 5.96
CA ASN C 703 -56.41 53.79 7.03
C ASN C 703 -57.57 52.79 6.91
N ALA C 704 -58.08 52.61 5.69
CA ALA C 704 -59.11 51.61 5.41
C ALA C 704 -58.46 50.30 4.99
N LEU C 705 -59.02 49.19 5.44
CA LEU C 705 -58.54 47.86 5.06
C LEU C 705 -58.66 47.65 3.55
N VAL C 706 -57.61 47.10 2.94
CA VAL C 706 -57.55 46.91 1.50
C VAL C 706 -56.89 45.59 1.17
N ASP C 707 -57.22 45.05 0.00
CA ASP C 707 -56.74 43.75 -0.44
C ASP C 707 -55.70 43.86 -1.54
N PRO C 708 -54.42 43.57 -1.24
CA PRO C 708 -53.49 43.43 -2.35
C PRO C 708 -53.83 42.22 -3.23
N HIS C 709 -53.43 42.28 -4.48
CA HIS C 709 -53.51 41.13 -5.36
C HIS C 709 -52.41 40.13 -5.04
N ARG C 710 -51.22 40.63 -4.71
CA ARG C 710 -50.08 39.79 -4.42
C ARG C 710 -49.13 40.46 -3.44
N PHE C 711 -48.62 39.68 -2.49
CA PHE C 711 -47.57 40.15 -1.59
C PHE C 711 -46.77 39.00 -1.02
N THR C 712 -45.56 39.34 -0.62
CA THR C 712 -44.60 38.41 -0.03
C THR C 712 -44.50 38.61 1.50
N VAL C 713 -44.28 37.53 2.22
CA VAL C 713 -43.80 37.59 3.61
C VAL C 713 -42.51 36.78 3.73
N ALA C 714 -41.65 37.20 4.66
CA ALA C 714 -40.46 36.44 5.02
C ALA C 714 -40.46 36.29 6.52
N PHE C 715 -40.20 35.09 7.00
CA PHE C 715 -40.13 34.86 8.44
C PHE C 715 -39.20 33.72 8.80
N THR C 716 -38.78 33.71 10.07
CA THR C 716 -37.97 32.63 10.61
C THR C 716 -38.78 31.93 11.71
N ALA C 717 -38.48 30.66 11.93
CA ALA C 717 -39.17 29.85 12.94
C ALA C 717 -38.46 29.85 14.28
N THR C 718 -37.25 30.41 14.33
CA THR C 718 -36.51 30.60 15.55
C THR C 718 -35.90 32.00 15.54
N SER C 719 -35.40 32.42 16.69
CA SER C 719 -34.67 33.68 16.78
C SER C 719 -33.28 33.49 16.20
#